data_3BEX
#
_entry.id   3BEX
#
_cell.length_a   74.917
_cell.length_b   136.991
_cell.length_c   74.970
_cell.angle_alpha   90.00
_cell.angle_beta   109.62
_cell.angle_gamma   90.00
#
_symmetry.space_group_name_H-M   'P 1 21 1'
#
loop_
_entity.id
_entity.type
_entity.pdbx_description
1 polymer 'Type III pantothenate kinase'
2 non-polymer 'PHOSPHATE ION'
3 non-polymer 'PANTOTHENOIC ACID'
4 water water
#
_entity_poly.entity_id   1
_entity_poly.type   'polypeptide(L)'
_entity_poly.pdbx_seq_one_letter_code
;MDPMYLLVDVGNTHSVFSITEDGKTFRRWRLSTGVFQTEDELFSHLHPLLGDAMREIKGIGVASVVPTQNTVIERFSQKY
FHISPIWVKAKNGCVKWNVKNPSEVGADRVANVVAFVKEYGKNGIIIDMGTATTVDLVVNGSYEGGAILPGFFMMVHSLF
RGTAKLPLVEVKPADFVVGKDTEENIRLGVVNGSVYALEGIIGRIKEVYGDLPVVLTGGQSKIVKDMIKHEIFDEDLTIK
GVYHFCFGD
;
_entity_poly.pdbx_strand_id   A,B,C,D,E,F
#
# COMPACT_ATOMS: atom_id res chain seq x y z
N MET A 1 2.51 -0.45 -51.59
CA MET A 1 1.76 0.77 -51.20
C MET A 1 2.44 1.44 -50.00
N ASP A 2 1.66 2.15 -49.19
CA ASP A 2 2.16 2.72 -47.94
C ASP A 2 1.24 2.27 -46.80
N PRO A 3 1.34 0.99 -46.40
CA PRO A 3 0.45 0.46 -45.38
C PRO A 3 0.68 1.13 -44.04
N MET A 4 -0.40 1.36 -43.30
CA MET A 4 -0.28 1.96 -41.98
C MET A 4 0.01 0.92 -40.90
N TYR A 5 0.98 1.25 -40.07
CA TYR A 5 1.37 0.40 -38.93
C TYR A 5 1.13 1.13 -37.62
N LEU A 6 0.61 0.38 -36.64
CA LEU A 6 0.47 0.90 -35.28
C LEU A 6 1.65 0.36 -34.48
N LEU A 7 2.37 1.28 -33.84
CA LEU A 7 3.54 0.92 -33.02
C LEU A 7 3.21 1.25 -31.58
N VAL A 8 3.54 0.32 -30.67
CA VAL A 8 3.18 0.51 -29.28
C VAL A 8 4.44 0.35 -28.43
N ASP A 9 4.63 1.26 -27.47
CA ASP A 9 5.70 1.19 -26.47
C ASP A 9 5.02 1.17 -25.10
N VAL A 10 4.87 -0.02 -24.52
CA VAL A 10 4.24 -0.17 -23.22
C VAL A 10 5.29 0.02 -22.14
N GLY A 11 5.25 1.18 -21.50
CA GLY A 11 6.12 1.44 -20.36
C GLY A 11 5.41 1.26 -19.03
N ASN A 12 6.19 1.33 -17.96
CA ASN A 12 5.62 1.15 -16.63
C ASN A 12 4.60 2.18 -16.21
N THR A 13 4.77 3.42 -16.67
CA THR A 13 3.79 4.45 -16.34
C THR A 13 2.93 4.82 -17.52
N HIS A 14 3.55 5.00 -18.68
CA HIS A 14 2.79 5.35 -19.88
C HIS A 14 3.03 4.41 -21.05
N SER A 15 2.04 4.35 -21.93
CA SER A 15 2.13 3.58 -23.16
C SER A 15 1.98 4.53 -24.32
N VAL A 16 2.94 4.48 -25.24
CA VAL A 16 2.91 5.33 -26.42
C VAL A 16 2.32 4.55 -27.59
N PHE A 17 1.35 5.15 -28.29
CA PHE A 17 0.76 4.54 -29.49
C PHE A 17 1.05 5.46 -30.65
N SER A 18 1.58 4.91 -31.73
CA SER A 18 2.03 5.77 -32.83
C SER A 18 1.66 5.12 -34.15
N ILE A 19 1.24 5.94 -35.12
CA ILE A 19 0.99 5.43 -36.47
C ILE A 19 1.98 6.00 -37.48
N THR A 20 2.34 5.17 -38.43
CA THR A 20 3.20 5.60 -39.53
C THR A 20 2.85 4.83 -40.79
N GLU A 21 3.08 5.47 -41.93
CA GLU A 21 2.91 4.82 -43.23
C GLU A 21 4.22 4.74 -44.01
N ASP A 22 5.32 5.17 -43.40
CA ASP A 22 6.60 5.17 -44.09
C ASP A 22 7.79 4.83 -43.20
N GLY A 23 7.55 4.75 -41.89
CA GLY A 23 8.63 4.52 -40.93
C GLY A 23 9.57 5.70 -40.76
N LYS A 24 9.15 6.88 -41.22
CA LYS A 24 9.98 8.08 -41.10
C LYS A 24 9.24 9.23 -40.44
N THR A 25 7.95 9.34 -40.70
CA THR A 25 7.11 10.32 -40.04
C THR A 25 6.06 9.59 -39.20
N PHE A 26 5.87 10.06 -37.97
CA PHE A 26 5.06 9.38 -36.98
C PHE A 26 4.03 10.34 -36.38
N ARG A 27 2.80 9.85 -36.18
CA ARG A 27 1.80 10.56 -35.39
C ARG A 27 1.75 9.79 -34.07
N ARG A 28 1.65 10.51 -32.95
CA ARG A 28 1.96 9.95 -31.64
C ARG A 28 0.91 10.31 -30.59
N TRP A 29 0.50 9.34 -29.76
CA TRP A 29 -0.33 9.61 -28.58
C TRP A 29 0.23 8.87 -27.38
N ARG A 30 -0.14 9.30 -26.16
CA ARG A 30 0.31 8.62 -24.94
C ARG A 30 -0.87 8.40 -24.05
N LEU A 31 -0.90 7.22 -23.43
CA LEU A 31 -1.93 6.89 -22.44
C LEU A 31 -1.26 6.37 -21.19
N SER A 32 -1.94 6.44 -20.06
CA SER A 32 -1.43 5.79 -18.86
C SER A 32 -1.50 4.29 -19.11
N THR A 33 -0.52 3.55 -18.61
CA THR A 33 -0.55 2.11 -18.79
C THR A 33 -1.71 1.49 -17.98
N GLY A 34 -1.89 1.94 -16.73
CA GLY A 34 -3.09 1.56 -15.97
C GLY A 34 -3.40 0.08 -15.72
N VAL A 35 -3.68 -0.24 -14.47
CA VAL A 35 -3.89 -1.63 -14.06
C VAL A 35 -5.28 -2.12 -14.51
N PHE A 36 -5.30 -3.40 -14.90
CA PHE A 36 -6.52 -4.13 -15.26
C PHE A 36 -7.25 -3.58 -16.49
N GLN A 37 -6.57 -2.81 -17.34
CA GLN A 37 -7.16 -2.34 -18.58
C GLN A 37 -7.61 -3.55 -19.41
N THR A 38 -8.64 -3.38 -20.22
CA THR A 38 -9.11 -4.44 -21.10
C THR A 38 -8.96 -3.97 -22.53
N GLU A 39 -9.13 -4.90 -23.48
CA GLU A 39 -9.03 -4.55 -24.90
C GLU A 39 -10.11 -3.55 -25.36
N ASP A 40 -11.29 -3.64 -24.75
CA ASP A 40 -12.38 -2.70 -25.09
C ASP A 40 -12.10 -1.29 -24.53
N GLU A 41 -11.54 -1.24 -23.33
CA GLU A 41 -11.06 0.01 -22.75
C GLU A 41 -10.00 0.69 -23.61
N LEU A 42 -9.03 -0.11 -24.08
CA LEU A 42 -8.00 0.40 -24.96
C LEU A 42 -8.61 0.97 -26.24
N PHE A 43 -9.50 0.20 -26.88
CA PHE A 43 -10.19 0.68 -28.08
C PHE A 43 -10.95 1.98 -27.82
N SER A 44 -11.69 2.00 -26.73
CA SER A 44 -12.48 3.17 -26.37
C SER A 44 -11.59 4.42 -26.22
N HIS A 45 -10.43 4.24 -25.60
CA HIS A 45 -9.51 5.37 -25.42
C HIS A 45 -8.91 5.82 -26.75
N LEU A 46 -8.56 4.88 -27.61
CA LEU A 46 -7.91 5.20 -28.87
C LEU A 46 -8.87 5.72 -29.92
N HIS A 47 -10.15 5.37 -29.79
CA HIS A 47 -11.16 5.69 -30.82
C HIS A 47 -11.18 7.17 -31.23
N PRO A 48 -11.35 8.11 -30.26
CA PRO A 48 -11.39 9.52 -30.69
C PRO A 48 -10.02 10.11 -30.99
N LEU A 49 -8.95 9.37 -30.69
CA LEU A 49 -7.60 9.86 -30.95
C LEU A 49 -7.17 9.56 -32.38
N LEU A 50 -7.31 8.29 -32.76
CA LEU A 50 -6.92 7.85 -34.10
C LEU A 50 -7.96 8.21 -35.16
N GLY A 51 -9.21 8.34 -34.76
CA GLY A 51 -10.31 8.63 -35.68
C GLY A 51 -10.30 7.72 -36.89
N ASP A 52 -10.39 8.33 -38.07
CA ASP A 52 -10.44 7.60 -39.34
C ASP A 52 -9.26 6.65 -39.55
N ALA A 53 -8.09 7.03 -39.01
CA ALA A 53 -6.88 6.23 -39.19
C ALA A 53 -7.03 4.81 -38.66
N MET A 54 -7.88 4.63 -37.64
CA MET A 54 -8.11 3.32 -37.01
C MET A 54 -8.33 2.18 -38.02
N ARG A 55 -9.20 2.39 -39.00
CA ARG A 55 -9.55 1.33 -39.94
C ARG A 55 -8.46 0.99 -40.96
N GLU A 56 -7.41 1.80 -41.01
CA GLU A 56 -6.33 1.61 -41.98
C GLU A 56 -5.16 0.78 -41.45
N ILE A 57 -5.16 0.45 -40.16
CA ILE A 57 -4.03 -0.26 -39.58
C ILE A 57 -3.91 -1.67 -40.15
N LYS A 58 -2.71 -2.01 -40.64
CA LYS A 58 -2.41 -3.29 -41.27
C LYS A 58 -1.47 -4.19 -40.46
N GLY A 59 -0.80 -3.62 -39.47
CA GLY A 59 0.08 -4.42 -38.63
C GLY A 59 0.30 -3.67 -37.34
N ILE A 60 0.56 -4.43 -36.27
CA ILE A 60 0.74 -3.86 -34.94
C ILE A 60 2.04 -4.41 -34.38
N GLY A 61 2.93 -3.50 -34.00
CA GLY A 61 4.22 -3.90 -33.45
C GLY A 61 4.33 -3.36 -32.04
N VAL A 62 4.90 -4.15 -31.12
CA VAL A 62 4.88 -3.74 -29.71
C VAL A 62 6.20 -4.03 -29.01
N ALA A 63 6.73 -3.02 -28.33
CA ALA A 63 7.77 -3.24 -27.28
C ALA A 63 7.05 -3.10 -25.95
N SER A 64 7.17 -4.08 -25.07
CA SER A 64 6.53 -3.97 -23.74
C SER A 64 7.47 -4.38 -22.63
N VAL A 65 7.48 -3.59 -21.56
CA VAL A 65 8.21 -3.95 -20.34
C VAL A 65 7.27 -4.19 -19.17
N VAL A 66 6.00 -4.41 -19.50
CA VAL A 66 4.98 -4.72 -18.50
C VAL A 66 4.23 -5.97 -18.94
N PRO A 67 4.77 -7.16 -18.59
CA PRO A 67 4.17 -8.42 -19.06
C PRO A 67 2.67 -8.58 -18.82
N THR A 68 2.14 -8.10 -17.69
CA THR A 68 0.69 -8.28 -17.45
C THR A 68 -0.15 -7.57 -18.50
N GLN A 69 0.39 -6.52 -19.11
CA GLN A 69 -0.35 -5.74 -20.13
C GLN A 69 -0.37 -6.45 -21.49
N ASN A 70 0.51 -7.42 -21.68
CA ASN A 70 0.67 -8.01 -22.99
C ASN A 70 -0.57 -8.75 -23.50
N THR A 71 -1.28 -9.43 -22.61
CA THR A 71 -2.52 -10.09 -23.00
C THR A 71 -3.58 -9.10 -23.49
N VAL A 72 -3.61 -7.92 -22.90
CA VAL A 72 -4.56 -6.87 -23.32
C VAL A 72 -4.24 -6.41 -24.75
N ILE A 73 -2.96 -6.13 -25.01
CA ILE A 73 -2.55 -5.73 -26.33
C ILE A 73 -2.86 -6.84 -27.37
N GLU A 74 -2.61 -8.09 -26.99
CA GLU A 74 -2.82 -9.20 -27.91
C GLU A 74 -4.31 -9.31 -28.22
N ARG A 75 -5.14 -9.22 -27.18
CA ARG A 75 -6.59 -9.32 -27.36
C ARG A 75 -7.17 -8.15 -28.16
N PHE A 76 -6.63 -6.96 -27.97
CA PHE A 76 -7.05 -5.78 -28.72
C PHE A 76 -6.73 -5.97 -30.20
N SER A 77 -5.52 -6.42 -30.47
CA SER A 77 -5.06 -6.65 -31.84
C SER A 77 -5.95 -7.69 -32.53
N GLN A 78 -6.20 -8.80 -31.85
CA GLN A 78 -7.00 -9.87 -32.44
C GLN A 78 -8.47 -9.48 -32.59
N LYS A 79 -9.04 -8.85 -31.57
CA LYS A 79 -10.47 -8.55 -31.61
C LYS A 79 -10.78 -7.48 -32.66
N TYR A 80 -9.98 -6.42 -32.68
CA TYR A 80 -10.30 -5.27 -33.53
C TYR A 80 -9.68 -5.31 -34.90
N PHE A 81 -8.58 -6.04 -35.05
CA PHE A 81 -7.88 -6.06 -36.34
C PHE A 81 -7.66 -7.47 -36.89
N HIS A 82 -8.01 -8.48 -36.10
CA HIS A 82 -7.89 -9.89 -36.53
C HIS A 82 -6.45 -10.25 -36.88
N ILE A 83 -5.52 -9.61 -36.19
CA ILE A 83 -4.10 -9.94 -36.32
C ILE A 83 -3.44 -10.07 -34.96
N SER A 84 -2.32 -10.77 -34.93
CA SER A 84 -1.53 -10.85 -33.72
C SER A 84 -0.42 -9.81 -33.79
N PRO A 85 -0.10 -9.18 -32.65
CA PRO A 85 1.01 -8.22 -32.69
C PRO A 85 2.34 -8.92 -32.90
N ILE A 86 3.31 -8.14 -33.37
CA ILE A 86 4.70 -8.61 -33.43
C ILE A 86 5.42 -7.99 -32.23
N TRP A 87 6.09 -8.85 -31.46
CA TRP A 87 6.67 -8.45 -30.19
C TRP A 87 8.16 -8.26 -30.31
N VAL A 88 8.64 -7.07 -29.94
CA VAL A 88 10.06 -6.78 -29.98
C VAL A 88 10.79 -7.57 -28.90
N LYS A 89 11.89 -8.21 -29.28
CA LYS A 89 12.64 -9.11 -28.42
C LYS A 89 14.07 -9.09 -28.95
N ALA A 90 15.07 -9.34 -28.10
CA ALA A 90 16.43 -9.45 -28.59
C ALA A 90 16.54 -10.76 -29.37
N LYS A 91 17.07 -10.66 -30.58
CA LYS A 91 17.34 -11.86 -31.37
C LYS A 91 18.61 -11.61 -32.16
N ASN A 92 19.24 -12.69 -32.60
CA ASN A 92 20.46 -12.58 -33.39
C ASN A 92 20.17 -12.00 -34.76
N GLY A 93 21.19 -11.41 -35.36
CA GLY A 93 21.12 -10.87 -36.70
C GLY A 93 21.83 -9.53 -36.79
N CYS A 94 21.02 -8.49 -36.91
CA CYS A 94 21.49 -7.11 -37.11
C CYS A 94 22.30 -6.52 -35.93
N VAL A 95 21.95 -6.92 -34.72
CA VAL A 95 22.68 -6.55 -33.51
C VAL A 95 23.26 -7.83 -32.92
N LYS A 96 24.50 -7.76 -32.43
CA LYS A 96 25.05 -8.85 -31.62
C LYS A 96 24.82 -8.49 -30.16
N TRP A 97 24.24 -9.41 -29.40
CA TRP A 97 23.84 -9.10 -28.03
C TRP A 97 24.86 -9.66 -27.04
N ASN A 98 25.93 -8.89 -26.79
CA ASN A 98 27.09 -9.34 -26.01
C ASN A 98 26.92 -9.14 -24.49
N VAL A 99 25.85 -9.71 -23.97
CA VAL A 99 25.57 -9.65 -22.54
C VAL A 99 25.22 -11.06 -22.05
N LYS A 100 25.06 -11.22 -20.74
CA LYS A 100 24.87 -12.54 -20.16
C LYS A 100 23.57 -13.24 -20.56
N ASN A 101 22.45 -12.52 -20.52
CA ASN A 101 21.18 -13.10 -20.95
C ASN A 101 20.36 -12.08 -21.72
N PRO A 102 20.59 -12.02 -23.05
CA PRO A 102 19.88 -11.08 -23.90
C PRO A 102 18.37 -11.10 -23.75
N SER A 103 17.79 -12.25 -23.43
CA SER A 103 16.32 -12.37 -23.30
C SER A 103 15.76 -11.48 -22.17
N GLU A 104 16.62 -11.04 -21.27
CA GLU A 104 16.20 -10.27 -20.10
C GLU A 104 16.30 -8.77 -20.33
N VAL A 105 16.94 -8.38 -21.43
CA VAL A 105 17.05 -6.96 -21.79
C VAL A 105 15.65 -6.42 -22.10
N GLY A 106 15.32 -5.27 -21.52
CA GLY A 106 13.98 -4.71 -21.71
C GLY A 106 13.73 -4.46 -23.18
N ALA A 107 12.50 -4.76 -23.63
CA ALA A 107 12.14 -4.56 -25.04
C ALA A 107 12.29 -3.12 -25.51
N ASP A 108 12.12 -2.15 -24.61
CA ASP A 108 12.31 -0.76 -25.01
C ASP A 108 13.77 -0.50 -25.31
N ARG A 109 14.67 -1.09 -24.51
CA ARG A 109 16.10 -0.97 -24.78
C ARG A 109 16.49 -1.63 -26.10
N VAL A 110 15.94 -2.82 -26.36
CA VAL A 110 16.15 -3.51 -27.64
C VAL A 110 15.70 -2.61 -28.80
N ALA A 111 14.51 -2.04 -28.68
CA ALA A 111 14.01 -1.15 -29.72
C ALA A 111 14.96 0.04 -29.91
N ASN A 112 15.43 0.63 -28.81
CA ASN A 112 16.37 1.77 -28.92
C ASN A 112 17.62 1.39 -29.67
N VAL A 113 18.16 0.21 -29.35
CA VAL A 113 19.43 -0.23 -29.95
C VAL A 113 19.19 -0.52 -31.45
N VAL A 114 18.09 -1.20 -31.76
CA VAL A 114 17.74 -1.49 -33.16
C VAL A 114 17.60 -0.19 -33.96
N ALA A 115 16.91 0.80 -33.40
CA ALA A 115 16.70 2.04 -34.12
C ALA A 115 18.03 2.72 -34.32
N PHE A 116 18.90 2.68 -33.30
CA PHE A 116 20.19 3.36 -33.39
C PHE A 116 21.06 2.76 -34.51
N VAL A 117 21.17 1.45 -34.53
CA VAL A 117 21.96 0.75 -35.55
C VAL A 117 21.39 0.97 -36.96
N LYS A 118 20.07 1.04 -37.09
CA LYS A 118 19.46 1.25 -38.41
C LYS A 118 19.65 2.68 -38.91
N GLU A 119 19.54 3.66 -38.00
CA GLU A 119 19.45 5.06 -38.41
C GLU A 119 20.69 5.90 -38.20
N TYR A 120 21.49 5.55 -37.19
CA TYR A 120 22.58 6.42 -36.72
C TYR A 120 23.99 5.85 -36.83
N GLY A 121 24.13 4.53 -36.72
CA GLY A 121 25.46 3.93 -36.86
C GLY A 121 25.72 2.76 -35.94
N LYS A 122 26.94 2.23 -35.99
CA LYS A 122 27.32 1.02 -35.27
C LYS A 122 27.86 1.30 -33.86
N ASN A 123 28.08 2.56 -33.55
CA ASN A 123 28.74 2.95 -32.31
C ASN A 123 28.03 4.11 -31.63
N GLY A 124 27.53 3.89 -30.41
CA GLY A 124 26.91 5.00 -29.73
C GLY A 124 26.48 4.67 -28.32
N ILE A 125 26.06 5.71 -27.61
CA ILE A 125 25.57 5.57 -26.24
C ILE A 125 24.16 6.15 -26.23
N ILE A 126 23.19 5.36 -25.75
CA ILE A 126 21.80 5.76 -25.76
C ILE A 126 21.36 6.04 -24.32
N ILE A 127 20.81 7.24 -24.09
CA ILE A 127 20.26 7.60 -22.78
C ILE A 127 18.75 7.74 -22.95
N ASP A 128 17.99 6.93 -22.20
CA ASP A 128 16.54 6.98 -22.30
C ASP A 128 15.97 7.31 -20.92
N MET A 129 15.49 8.53 -20.78
CA MET A 129 14.99 9.03 -19.50
C MET A 129 13.50 8.80 -19.40
N GLY A 130 13.13 7.68 -18.75
CA GLY A 130 11.73 7.32 -18.57
C GLY A 130 11.46 7.02 -17.11
N THR A 131 10.58 6.04 -16.86
CA THR A 131 10.25 5.63 -15.50
C THR A 131 11.56 5.32 -14.78
N ALA A 132 12.41 4.55 -15.47
CA ALA A 132 13.82 4.44 -15.11
C ALA A 132 14.58 5.16 -16.21
N THR A 133 15.82 5.54 -15.89
CA THR A 133 16.72 6.07 -16.91
C THR A 133 17.70 4.98 -17.27
N THR A 134 17.76 4.63 -18.54
CA THR A 134 18.68 3.59 -19.00
C THR A 134 19.84 4.20 -19.78
N VAL A 135 21.00 3.57 -19.65
CA VAL A 135 22.14 3.84 -20.52
C VAL A 135 22.42 2.54 -21.28
N ASP A 136 22.53 2.63 -22.60
CA ASP A 136 22.78 1.46 -23.43
C ASP A 136 23.98 1.72 -24.32
N LEU A 137 24.91 0.78 -24.35
CA LEU A 137 26.13 0.90 -25.13
C LEU A 137 26.14 -0.04 -26.32
N VAL A 138 26.38 0.52 -27.50
CA VAL A 138 26.54 -0.26 -28.73
C VAL A 138 27.90 0.09 -29.35
N VAL A 139 28.72 -0.94 -29.58
CA VAL A 139 30.08 -0.77 -30.09
C VAL A 139 30.27 -1.72 -31.25
N ASN A 140 30.60 -1.18 -32.41
CA ASN A 140 30.73 -1.97 -33.64
C ASN A 140 29.55 -2.93 -33.88
N GLY A 141 28.34 -2.42 -33.61
CA GLY A 141 27.12 -3.19 -33.82
C GLY A 141 26.87 -4.27 -32.77
N SER A 142 27.65 -4.25 -31.69
CA SER A 142 27.49 -5.18 -30.56
C SER A 142 26.87 -4.42 -29.37
N TYR A 143 25.74 -4.90 -28.86
CA TYR A 143 25.19 -4.38 -27.62
C TYR A 143 26.05 -4.89 -26.47
N GLU A 144 26.59 -3.96 -25.69
CA GLU A 144 27.58 -4.29 -24.68
C GLU A 144 27.04 -4.28 -23.26
N GLY A 145 25.82 -3.77 -23.10
CA GLY A 145 25.24 -3.65 -21.77
C GLY A 145 24.97 -2.19 -21.43
N GLY A 146 24.89 -1.88 -20.15
CA GLY A 146 24.65 -0.49 -19.76
C GLY A 146 24.40 -0.30 -18.29
N ALA A 147 23.48 0.64 -17.98
CA ALA A 147 23.16 0.98 -16.61
C ALA A 147 21.68 1.28 -16.51
N ILE A 148 21.14 1.09 -15.30
CA ILE A 148 19.75 1.47 -15.02
C ILE A 148 19.78 2.34 -13.76
N LEU A 149 19.13 3.50 -13.84
CA LEU A 149 19.02 4.44 -12.72
C LEU A 149 17.53 4.70 -12.49
N PRO A 150 17.14 5.05 -11.26
CA PRO A 150 15.77 5.51 -11.08
C PRO A 150 15.53 6.75 -11.92
N GLY A 151 14.33 6.91 -12.47
CA GLY A 151 13.98 8.09 -13.24
C GLY A 151 13.78 9.30 -12.34
N PHE A 152 13.64 10.48 -12.93
CA PHE A 152 13.55 11.68 -12.09
C PHE A 152 12.31 11.63 -11.21
N PHE A 153 11.15 11.34 -11.79
CA PHE A 153 9.95 11.33 -10.96
C PHE A 153 10.03 10.22 -9.91
N MET A 154 10.51 9.05 -10.32
CA MET A 154 10.71 7.94 -9.38
C MET A 154 11.55 8.39 -8.16
N MET A 155 12.60 9.19 -8.41
CA MET A 155 13.43 9.68 -7.32
C MET A 155 12.68 10.65 -6.40
N VAL A 156 12.04 11.70 -6.95
CA VAL A 156 11.31 12.62 -6.06
C VAL A 156 10.19 11.92 -5.30
N HIS A 157 9.49 10.99 -5.96
CA HIS A 157 8.45 10.23 -5.30
C HIS A 157 9.02 9.34 -4.19
N SER A 158 10.18 8.74 -4.42
CA SER A 158 10.77 7.88 -3.41
C SER A 158 11.14 8.66 -2.14
N LEU A 159 11.61 9.89 -2.32
CA LEU A 159 11.96 10.76 -1.18
C LEU A 159 10.73 11.17 -0.40
N PHE A 160 9.66 11.48 -1.13
CA PHE A 160 8.38 11.79 -0.50
C PHE A 160 7.82 10.61 0.30
N ARG A 161 7.69 9.46 -0.32
CA ARG A 161 7.03 8.30 0.33
C ARG A 161 7.92 7.69 1.41
N GLY A 162 9.24 7.83 1.23
CA GLY A 162 10.19 7.16 2.10
C GLY A 162 10.68 7.97 3.29
N THR A 163 10.20 9.19 3.45
CA THR A 163 10.57 9.97 4.61
C THR A 163 9.34 10.62 5.22
N ALA A 164 9.50 11.04 6.47
CA ALA A 164 8.41 11.73 7.16
C ALA A 164 8.25 13.16 6.70
N LYS A 165 9.37 13.87 6.54
CA LYS A 165 9.33 15.33 6.42
C LYS A 165 9.37 15.87 5.00
N LEU A 166 9.81 15.06 4.04
CA LEU A 166 10.02 15.62 2.71
C LEU A 166 8.74 15.63 1.89
N PRO A 167 8.51 16.74 1.17
CA PRO A 167 7.36 16.87 0.30
C PRO A 167 7.64 16.24 -1.06
N LEU A 168 6.60 16.08 -1.88
CA LEU A 168 6.77 15.70 -3.27
C LEU A 168 7.12 16.95 -4.08
N VAL A 169 8.32 16.94 -4.68
CA VAL A 169 8.83 18.12 -5.38
C VAL A 169 8.66 17.98 -6.89
N GLU A 170 8.32 19.08 -7.55
CA GLU A 170 8.24 19.10 -9.01
C GLU A 170 9.65 18.93 -9.59
N VAL A 171 9.76 18.11 -10.64
CA VAL A 171 11.04 17.91 -11.31
C VAL A 171 11.40 19.15 -12.12
N LYS A 172 12.42 19.86 -11.65
CA LYS A 172 12.92 21.09 -12.32
C LYS A 172 14.39 21.22 -11.92
N PRO A 173 15.29 21.46 -12.90
CA PRO A 173 16.72 21.58 -12.57
C PRO A 173 17.02 22.71 -11.59
N ALA A 174 18.10 22.55 -10.83
CA ALA A 174 18.61 23.60 -9.96
C ALA A 174 19.50 24.54 -10.78
N ASP A 175 19.32 25.84 -10.58
CA ASP A 175 20.19 26.85 -11.19
C ASP A 175 20.95 27.57 -10.06
N PHE A 176 21.47 26.76 -9.15
CA PHE A 176 22.21 27.23 -7.99
C PHE A 176 23.13 26.10 -7.53
N VAL A 177 24.18 26.47 -6.80
CA VAL A 177 25.25 25.55 -6.37
C VAL A 177 24.86 24.69 -5.16
N VAL A 178 24.11 25.31 -4.25
CA VAL A 178 23.52 24.62 -3.11
C VAL A 178 22.11 25.12 -2.94
N GLY A 179 21.20 24.23 -2.54
CA GLY A 179 19.82 24.62 -2.31
C GLY A 179 19.68 25.33 -0.97
N LYS A 180 18.77 26.30 -0.94
CA LYS A 180 18.54 27.15 0.24
C LYS A 180 17.21 26.85 0.91
N ASP A 181 16.49 25.87 0.37
CA ASP A 181 15.27 25.34 0.99
C ASP A 181 15.09 23.88 0.59
N THR A 182 14.12 23.20 1.19
CA THR A 182 13.99 21.76 0.99
C THR A 182 13.77 21.42 -0.48
N GLU A 183 12.89 22.16 -1.14
CA GLU A 183 12.59 21.89 -2.53
C GLU A 183 13.84 22.07 -3.40
N GLU A 184 14.58 23.15 -3.15
CA GLU A 184 15.81 23.37 -3.89
C GLU A 184 16.84 22.27 -3.64
N ASN A 185 16.94 21.81 -2.39
CA ASN A 185 17.86 20.71 -2.08
C ASN A 185 17.56 19.48 -2.91
N ILE A 186 16.28 19.14 -2.99
CA ILE A 186 15.85 17.94 -3.70
C ILE A 186 16.04 18.11 -5.21
N ARG A 187 15.75 19.31 -5.73
CA ARG A 187 15.96 19.53 -7.17
C ARG A 187 17.43 19.31 -7.54
N LEU A 188 18.31 19.89 -6.74
CA LEU A 188 19.74 19.77 -6.97
C LEU A 188 20.21 18.32 -6.84
N GLY A 189 19.75 17.60 -5.81
CA GLY A 189 20.17 16.21 -5.59
C GLY A 189 19.65 15.28 -6.67
N VAL A 190 18.38 15.44 -7.03
CA VAL A 190 17.74 14.50 -7.94
C VAL A 190 18.01 14.84 -9.40
N VAL A 191 17.77 16.10 -9.78
CA VAL A 191 17.84 16.44 -11.21
C VAL A 191 19.29 16.65 -11.65
N ASN A 192 19.94 17.67 -11.09
CA ASN A 192 21.35 17.90 -11.40
C ASN A 192 22.18 16.67 -11.04
N GLY A 193 21.86 16.08 -9.89
CA GLY A 193 22.60 14.89 -9.43
C GLY A 193 22.53 13.75 -10.45
N SER A 194 21.33 13.47 -10.97
CA SER A 194 21.16 12.39 -11.95
C SER A 194 21.91 12.69 -13.24
N VAL A 195 21.93 13.96 -13.62
CA VAL A 195 22.70 14.35 -14.80
C VAL A 195 24.19 14.06 -14.54
N TYR A 196 24.69 14.43 -13.35
CA TYR A 196 26.09 14.13 -13.01
C TYR A 196 26.37 12.63 -13.01
N ALA A 197 25.41 11.86 -12.51
CA ALA A 197 25.54 10.41 -12.48
C ALA A 197 25.74 9.89 -13.90
N LEU A 198 24.88 10.35 -14.81
CA LEU A 198 24.93 9.95 -16.21
C LEU A 198 26.24 10.38 -16.85
N GLU A 199 26.63 11.63 -16.62
CA GLU A 199 27.91 12.12 -17.18
C GLU A 199 29.09 11.29 -16.69
N GLY A 200 29.02 10.82 -15.45
CA GLY A 200 30.09 9.99 -14.89
C GLY A 200 30.15 8.61 -15.53
N ILE A 201 28.99 8.00 -15.70
CA ILE A 201 28.90 6.69 -16.34
C ILE A 201 29.35 6.76 -17.80
N ILE A 202 28.86 7.78 -18.51
CA ILE A 202 29.19 8.00 -19.92
C ILE A 202 30.69 8.29 -20.04
N GLY A 203 31.20 9.14 -19.17
CA GLY A 203 32.62 9.49 -19.20
C GLY A 203 33.53 8.29 -19.11
N ARG A 204 33.21 7.38 -18.18
CA ARG A 204 34.01 6.18 -17.96
C ARG A 204 33.89 5.23 -19.16
N ILE A 205 32.71 5.14 -19.75
CA ILE A 205 32.53 4.37 -20.99
C ILE A 205 33.43 4.91 -22.09
N LYS A 206 33.43 6.23 -22.25
CA LYS A 206 34.23 6.88 -23.29
C LYS A 206 35.73 6.69 -23.07
N GLU A 207 36.15 6.64 -21.81
CA GLU A 207 37.56 6.39 -21.48
C GLU A 207 38.01 5.02 -22.02
N VAL A 208 37.14 4.02 -21.91
CA VAL A 208 37.43 2.63 -22.35
C VAL A 208 37.21 2.41 -23.85
N TYR A 209 36.12 2.97 -24.38
CA TYR A 209 35.69 2.68 -25.75
C TYR A 209 35.91 3.82 -26.74
N GLY A 210 36.42 4.95 -26.24
CA GLY A 210 36.60 6.14 -27.07
C GLY A 210 35.35 6.98 -27.12
N ASP A 211 35.44 8.13 -27.80
CA ASP A 211 34.41 9.19 -27.82
C ASP A 211 33.17 8.92 -28.70
N LEU A 212 32.22 8.19 -28.15
CA LEU A 212 31.04 7.77 -28.88
C LEU A 212 29.99 8.87 -28.91
N PRO A 213 29.17 8.90 -29.99
CA PRO A 213 28.06 9.84 -29.99
C PRO A 213 26.99 9.40 -28.98
N VAL A 214 26.34 10.38 -28.37
CA VAL A 214 25.28 10.13 -27.37
C VAL A 214 23.95 10.56 -27.98
N VAL A 215 22.97 9.66 -27.95
CA VAL A 215 21.60 9.99 -28.32
C VAL A 215 20.77 10.07 -27.04
N LEU A 216 19.96 11.13 -26.95
CA LEU A 216 19.07 11.32 -25.82
C LEU A 216 17.62 11.13 -26.25
N THR A 217 16.86 10.40 -25.43
CA THR A 217 15.44 10.19 -25.71
C THR A 217 14.69 10.00 -24.38
N GLY A 218 13.37 9.83 -24.47
CA GLY A 218 12.56 9.54 -23.29
C GLY A 218 11.66 10.69 -22.87
N GLY A 219 10.56 10.34 -22.23
CA GLY A 219 9.52 11.30 -21.90
C GLY A 219 9.94 12.30 -20.84
N GLN A 220 11.04 12.02 -20.14
CA GLN A 220 11.54 12.92 -19.10
C GLN A 220 12.80 13.68 -19.56
N SER A 221 13.19 13.49 -20.82
CA SER A 221 14.47 14.02 -21.32
C SER A 221 14.43 15.50 -21.70
N LYS A 222 13.27 15.98 -22.15
CA LYS A 222 13.17 17.34 -22.70
C LYS A 222 13.51 18.41 -21.67
N ILE A 223 13.24 18.12 -20.40
CA ILE A 223 13.46 19.11 -19.34
C ILE A 223 14.94 19.31 -18.97
N VAL A 224 15.79 18.35 -19.30
CA VAL A 224 17.23 18.44 -18.99
C VAL A 224 18.14 18.41 -20.23
N LYS A 225 17.52 18.54 -21.40
CA LYS A 225 18.18 18.49 -22.71
C LYS A 225 19.47 19.32 -22.78
N ASP A 226 19.43 20.51 -22.20
CA ASP A 226 20.55 21.45 -22.20
C ASP A 226 21.69 21.03 -21.28
N MET A 227 21.43 20.11 -20.36
CA MET A 227 22.36 19.81 -19.27
C MET A 227 23.32 18.68 -19.56
N ILE A 228 22.98 17.87 -20.56
CA ILE A 228 23.79 16.70 -20.90
C ILE A 228 24.29 16.83 -22.34
N LYS A 229 25.60 16.67 -22.54
CA LYS A 229 26.18 16.72 -23.88
C LYS A 229 25.65 15.54 -24.67
N HIS A 230 25.04 15.83 -25.82
CA HIS A 230 24.52 14.79 -26.69
C HIS A 230 24.60 15.24 -28.14
N GLU A 231 24.77 14.28 -29.04
CA GLU A 231 24.95 14.57 -30.46
C GLU A 231 23.64 14.43 -31.23
N ILE A 232 22.71 13.64 -30.67
CA ILE A 232 21.41 13.40 -31.29
C ILE A 232 20.33 13.50 -30.24
N PHE A 233 19.26 14.23 -30.53
CA PHE A 233 18.05 14.21 -29.69
C PHE A 233 16.93 13.61 -30.53
N ASP A 234 16.38 12.50 -30.08
CA ASP A 234 15.36 11.84 -30.89
C ASP A 234 14.29 11.24 -29.99
N GLU A 235 13.19 11.97 -29.85
CA GLU A 235 12.12 11.55 -28.97
C GLU A 235 11.39 10.30 -29.45
N ASP A 236 11.54 10.00 -30.74
CA ASP A 236 10.87 8.85 -31.36
C ASP A 236 11.74 7.59 -31.46
N LEU A 237 12.88 7.57 -30.78
CA LEU A 237 13.82 6.46 -30.97
C LEU A 237 13.17 5.09 -30.69
N THR A 238 12.48 4.97 -29.57
CA THR A 238 11.89 3.67 -29.22
C THR A 238 10.85 3.22 -30.24
N ILE A 239 9.92 4.11 -30.60
CA ILE A 239 8.92 3.78 -31.60
C ILE A 239 9.54 3.45 -32.96
N LYS A 240 10.56 4.21 -33.37
CA LYS A 240 11.32 3.88 -34.57
C LYS A 240 11.88 2.46 -34.52
N GLY A 241 12.41 2.09 -33.37
CA GLY A 241 12.94 0.74 -33.17
C GLY A 241 11.85 -0.32 -33.28
N VAL A 242 10.67 -0.03 -32.73
CA VAL A 242 9.55 -0.97 -32.88
C VAL A 242 9.23 -1.12 -34.36
N TYR A 243 9.15 -0.01 -35.09
CA TYR A 243 8.88 -0.08 -36.52
C TYR A 243 9.95 -0.92 -37.25
N HIS A 244 11.21 -0.61 -37.01
CA HIS A 244 12.27 -1.30 -37.74
C HIS A 244 12.31 -2.79 -37.43
N PHE A 245 12.15 -3.14 -36.16
CA PHE A 245 12.17 -4.53 -35.78
C PHE A 245 11.04 -5.32 -36.40
N CYS A 246 9.83 -4.73 -36.40
CA CYS A 246 8.64 -5.48 -36.79
C CYS A 246 8.36 -5.42 -38.29
N PHE A 247 8.66 -4.27 -38.90
CA PHE A 247 8.24 -3.99 -40.27
C PHE A 247 9.38 -3.59 -41.21
N GLY A 248 10.60 -3.59 -40.70
CA GLY A 248 11.81 -3.47 -41.52
C GLY A 248 11.92 -2.16 -42.26
N MET B 1 33.54 14.71 37.95
CA MET B 1 32.72 13.58 37.43
C MET B 1 32.33 13.69 35.95
N ASP B 2 31.75 12.59 35.48
CA ASP B 2 31.61 12.32 34.06
C ASP B 2 30.20 11.80 33.81
N PRO B 3 29.21 12.72 33.84
CA PRO B 3 27.83 12.23 33.77
C PRO B 3 27.56 11.53 32.46
N MET B 4 26.80 10.45 32.52
CA MET B 4 26.43 9.69 31.33
C MET B 4 25.22 10.30 30.65
N TYR B 5 25.37 10.50 29.34
CA TYR B 5 24.28 11.03 28.54
C TYR B 5 23.84 10.01 27.51
N LEU B 6 22.53 9.95 27.29
CA LEU B 6 21.98 9.13 26.21
C LEU B 6 21.69 10.05 25.04
N LEU B 7 22.22 9.69 23.87
CA LEU B 7 22.07 10.47 22.65
C LEU B 7 21.25 9.65 21.66
N VAL B 8 20.26 10.29 21.04
CA VAL B 8 19.36 9.59 20.14
C VAL B 8 19.33 10.29 18.78
N ASP B 9 19.47 9.51 17.70
CA ASP B 9 19.30 10.00 16.33
C ASP B 9 18.16 9.20 15.69
N VAL B 10 16.96 9.82 15.63
CA VAL B 10 15.77 9.14 15.09
C VAL B 10 15.70 9.40 13.60
N GLY B 11 16.08 8.38 12.83
CA GLY B 11 16.03 8.44 11.38
C GLY B 11 14.75 7.79 10.86
N ASN B 12 14.50 7.96 9.56
CA ASN B 12 13.34 7.34 8.95
C ASN B 12 13.33 5.83 8.97
N THR B 13 14.52 5.25 8.93
CA THR B 13 14.67 3.79 8.91
C THR B 13 15.15 3.28 10.26
N HIS B 14 16.23 3.89 10.75
CA HIS B 14 16.87 3.43 11.96
C HIS B 14 17.01 4.56 12.97
N SER B 15 16.96 4.16 14.24
CA SER B 15 17.15 5.06 15.38
C SER B 15 18.43 4.59 16.09
N VAL B 16 19.40 5.48 16.18
CA VAL B 16 20.66 5.20 16.86
C VAL B 16 20.58 5.70 18.29
N PHE B 17 20.99 4.83 19.23
CA PHE B 17 21.02 5.17 20.66
C PHE B 17 22.45 5.01 21.13
N SER B 18 22.99 6.05 21.75
CA SER B 18 24.42 6.06 22.09
C SER B 18 24.61 6.64 23.48
N ILE B 19 25.53 6.06 24.24
CA ILE B 19 25.86 6.62 25.55
C ILE B 19 27.30 7.09 25.56
N THR B 20 27.51 8.19 26.26
CA THR B 20 28.86 8.74 26.46
C THR B 20 28.95 9.30 27.86
N GLU B 21 30.16 9.27 28.42
CA GLU B 21 30.43 9.87 29.71
C GLU B 21 31.35 11.08 29.58
N ASP B 22 31.73 11.41 28.35
CA ASP B 22 32.67 12.51 28.14
C ASP B 22 32.51 13.26 26.80
N GLY B 23 31.62 12.77 25.95
CA GLY B 23 31.46 13.31 24.60
C GLY B 23 32.67 13.08 23.70
N LYS B 24 33.54 12.15 24.10
CA LYS B 24 34.76 11.84 23.34
C LYS B 24 34.67 10.45 22.76
N THR B 25 34.26 9.50 23.59
CA THR B 25 34.02 8.11 23.19
C THR B 25 32.54 7.72 23.41
N PHE B 26 32.02 6.89 22.51
CA PHE B 26 30.59 6.61 22.43
C PHE B 26 30.38 5.12 22.25
N ARG B 27 29.44 4.55 23.00
CA ARG B 27 28.95 3.20 22.75
C ARG B 27 27.66 3.38 22.00
N ARG B 28 27.43 2.59 20.96
CA ARG B 28 26.21 2.77 20.17
C ARG B 28 25.48 1.50 19.80
N TRP B 29 24.16 1.63 19.70
CA TRP B 29 23.28 0.57 19.23
C TRP B 29 22.32 1.18 18.22
N ARG B 30 21.71 0.33 17.40
CA ARG B 30 20.80 0.78 16.37
C ARG B 30 19.57 -0.08 16.44
N LEU B 31 18.40 0.55 16.41
CA LEU B 31 17.12 -0.16 16.32
C LEU B 31 16.35 0.37 15.12
N SER B 32 15.33 -0.38 14.71
CA SER B 32 14.45 0.12 13.67
C SER B 32 13.58 1.18 14.29
N THR B 33 13.25 2.19 13.51
CA THR B 33 12.36 3.23 14.01
C THR B 33 10.93 2.71 14.24
N GLY B 34 10.46 1.80 13.41
CA GLY B 34 9.23 1.03 13.72
C GLY B 34 7.97 1.81 14.13
N VAL B 35 6.89 1.55 13.40
CA VAL B 35 5.64 2.33 13.54
C VAL B 35 4.89 1.93 14.82
N PHE B 36 4.23 2.93 15.41
CA PHE B 36 3.39 2.75 16.61
C PHE B 36 4.16 2.24 17.84
N GLN B 37 5.50 2.33 17.83
CA GLN B 37 6.28 1.98 19.01
C GLN B 37 5.80 2.80 20.22
N THR B 38 5.90 2.21 21.40
CA THR B 38 5.54 2.89 22.65
C THR B 38 6.79 3.05 23.51
N GLU B 39 6.66 3.84 24.56
CA GLU B 39 7.79 4.06 25.48
C GLU B 39 8.20 2.76 26.16
N ASP B 40 7.24 1.87 26.44
CA ASP B 40 7.58 0.61 27.10
C ASP B 40 8.26 -0.35 26.15
N GLU B 41 7.84 -0.32 24.87
CA GLU B 41 8.51 -1.10 23.83
C GLU B 41 9.97 -0.65 23.67
N LEU B 42 10.19 0.66 23.66
CA LEU B 42 11.55 1.19 23.55
C LEU B 42 12.39 0.75 24.73
N PHE B 43 11.87 0.91 25.96
CA PHE B 43 12.63 0.46 27.13
C PHE B 43 12.95 -1.03 27.04
N SER B 44 11.97 -1.83 26.63
CA SER B 44 12.15 -3.28 26.53
C SER B 44 13.26 -3.63 25.54
N HIS B 45 13.32 -2.93 24.42
CA HIS B 45 14.38 -3.19 23.45
C HIS B 45 15.75 -2.78 23.98
N LEU B 46 15.79 -1.66 24.70
CA LEU B 46 17.06 -1.12 25.19
C LEU B 46 17.60 -1.83 26.42
N HIS B 47 16.71 -2.48 27.16
CA HIS B 47 17.08 -3.06 28.44
C HIS B 47 18.27 -4.03 28.35
N PRO B 48 18.23 -5.02 27.44
CA PRO B 48 19.37 -5.94 27.39
C PRO B 48 20.58 -5.38 26.67
N LEU B 49 20.42 -4.23 26.00
CA LEU B 49 21.51 -3.62 25.29
C LEU B 49 22.33 -2.75 26.23
N LEU B 50 21.65 -1.85 26.93
CA LEU B 50 22.31 -0.91 27.85
C LEU B 50 22.69 -1.58 29.17
N GLY B 51 21.93 -2.59 29.57
CA GLY B 51 22.15 -3.28 30.83
C GLY B 51 22.23 -2.30 31.99
N ASP B 52 23.30 -2.43 32.79
CA ASP B 52 23.51 -1.62 34.01
C ASP B 52 23.69 -0.14 33.76
N ALA B 53 24.09 0.21 32.53
CA ALA B 53 24.33 1.62 32.17
C ALA B 53 23.05 2.44 32.22
N MET B 54 21.93 1.79 31.97
CA MET B 54 20.62 2.44 31.92
C MET B 54 20.35 3.32 33.15
N ARG B 55 20.68 2.81 34.34
CA ARG B 55 20.40 3.53 35.58
C ARG B 55 21.25 4.80 35.77
N GLU B 56 22.31 4.94 34.98
CA GLU B 56 23.30 6.03 35.16
C GLU B 56 23.02 7.26 34.30
N ILE B 57 22.06 7.15 33.39
CA ILE B 57 21.77 8.23 32.45
C ILE B 57 21.25 9.50 33.14
N LYS B 58 21.91 10.62 32.88
CA LYS B 58 21.62 11.91 33.51
C LYS B 58 20.94 12.95 32.61
N GLY B 59 20.97 12.69 31.31
CA GLY B 59 20.41 13.62 30.34
C GLY B 59 20.18 12.86 29.07
N ILE B 60 19.17 13.28 28.31
CA ILE B 60 18.81 12.65 27.04
C ILE B 60 18.72 13.73 25.98
N GLY B 61 19.48 13.57 24.91
CA GLY B 61 19.49 14.52 23.80
C GLY B 61 19.04 13.79 22.55
N VAL B 62 18.27 14.47 21.70
CA VAL B 62 17.65 13.81 20.56
C VAL B 62 17.66 14.69 19.31
N ALA B 63 18.14 14.12 18.21
CA ALA B 63 17.85 14.65 16.88
C ALA B 63 16.82 13.73 16.26
N SER B 64 15.72 14.30 15.78
CA SER B 64 14.69 13.47 15.15
C SER B 64 14.20 14.05 13.85
N VAL B 65 14.10 13.21 12.83
CA VAL B 65 13.45 13.63 11.57
C VAL B 65 12.16 12.85 11.32
N VAL B 66 11.59 12.29 12.40
CA VAL B 66 10.29 11.58 12.30
C VAL B 66 9.40 12.11 13.42
N PRO B 67 8.67 13.22 13.14
CA PRO B 67 7.87 13.88 14.18
C PRO B 67 6.91 12.96 14.94
N THR B 68 6.32 11.98 14.27
CA THR B 68 5.40 11.08 14.99
C THR B 68 6.08 10.31 16.12
N GLN B 69 7.37 10.05 15.98
CA GLN B 69 8.13 9.32 17.00
C GLN B 69 8.48 10.14 18.23
N ASN B 70 8.37 11.45 18.09
CA ASN B 70 8.83 12.34 19.17
C ASN B 70 8.08 12.17 20.48
N THR B 71 6.78 11.93 20.39
CA THR B 71 6.01 11.68 21.61
C THR B 71 6.48 10.43 22.37
N VAL B 72 6.88 9.40 21.63
CA VAL B 72 7.37 8.17 22.24
C VAL B 72 8.68 8.44 22.99
N ILE B 73 9.57 9.19 22.35
CA ILE B 73 10.86 9.50 22.98
C ILE B 73 10.63 10.35 24.23
N GLU B 74 9.73 11.33 24.12
CA GLU B 74 9.42 12.20 25.24
C GLU B 74 8.87 11.37 26.41
N ARG B 75 7.92 10.49 26.12
CA ARG B 75 7.30 9.66 27.17
C ARG B 75 8.27 8.68 27.78
N PHE B 76 9.16 8.12 26.95
CA PHE B 76 10.21 7.24 27.42
C PHE B 76 11.13 7.98 28.42
N SER B 77 11.54 9.18 28.03
CA SER B 77 12.43 9.98 28.85
C SER B 77 11.77 10.32 30.19
N GLN B 78 10.52 10.76 30.12
CA GLN B 78 9.80 11.17 31.31
C GLN B 78 9.46 9.99 32.23
N LYS B 79 8.97 8.90 31.64
CA LYS B 79 8.53 7.74 32.43
C LYS B 79 9.69 7.05 33.14
N TYR B 80 10.78 6.84 32.41
CA TYR B 80 11.87 6.02 32.92
C TYR B 80 13.00 6.81 33.57
N PHE B 81 13.09 8.11 33.25
CA PHE B 81 14.17 8.95 33.78
C PHE B 81 13.70 10.23 34.45
N HIS B 82 12.41 10.51 34.37
CA HIS B 82 11.82 11.71 35.01
C HIS B 82 12.49 12.98 34.53
N ILE B 83 12.92 12.96 33.28
CA ILE B 83 13.44 14.14 32.61
C ILE B 83 12.85 14.29 31.21
N SER B 84 12.89 15.52 30.70
CA SER B 84 12.50 15.77 29.33
C SER B 84 13.72 15.78 28.44
N PRO B 85 13.60 15.25 27.23
CA PRO B 85 14.75 15.31 26.35
C PRO B 85 15.03 16.73 25.87
N ILE B 86 16.27 16.94 25.45
CA ILE B 86 16.67 18.18 24.79
C ILE B 86 16.67 17.91 23.29
N TRP B 87 15.97 18.75 22.53
CA TRP B 87 15.74 18.48 21.12
C TRP B 87 16.63 19.32 20.24
N VAL B 88 17.39 18.67 19.37
CA VAL B 88 18.28 19.38 18.47
C VAL B 88 17.41 20.15 17.45
N LYS B 89 17.72 21.44 17.26
CA LYS B 89 17.00 22.32 16.33
C LYS B 89 18.02 23.36 15.89
N ALA B 90 17.81 23.97 14.72
CA ALA B 90 18.66 25.08 14.31
C ALA B 90 18.37 26.28 15.21
N LYS B 91 19.41 26.85 15.80
CA LYS B 91 19.29 28.11 16.54
C LYS B 91 20.57 28.91 16.37
N ASN B 92 20.52 30.20 16.67
CA ASN B 92 21.72 31.04 16.65
C ASN B 92 22.74 30.63 17.71
N GLY B 93 24.01 30.88 17.41
CA GLY B 93 25.11 30.47 18.27
C GLY B 93 26.36 30.19 17.46
N CYS B 94 26.95 29.02 17.66
CA CYS B 94 28.19 28.63 17.00
C CYS B 94 28.05 28.52 15.48
N VAL B 95 26.81 28.34 15.01
CA VAL B 95 26.53 28.23 13.57
C VAL B 95 25.55 29.33 13.14
N LYS B 96 25.83 29.95 11.99
CA LYS B 96 24.86 30.83 11.35
C LYS B 96 24.12 30.01 10.29
N TRP B 97 22.80 29.98 10.37
CA TRP B 97 21.98 29.15 9.47
C TRP B 97 21.51 29.97 8.28
N ASN B 98 22.35 30.05 7.24
CA ASN B 98 22.16 30.93 6.09
C ASN B 98 21.29 30.30 4.98
N VAL B 99 20.09 29.90 5.35
CA VAL B 99 19.13 29.34 4.40
C VAL B 99 17.77 30.01 4.61
N LYS B 100 16.79 29.74 3.74
CA LYS B 100 15.50 30.44 3.80
C LYS B 100 14.64 30.15 5.03
N ASN B 101 14.56 28.88 5.44
CA ASN B 101 13.79 28.48 6.62
C ASN B 101 14.59 27.51 7.46
N PRO B 102 15.44 28.03 8.34
CA PRO B 102 16.31 27.14 9.11
C PRO B 102 15.51 26.15 9.97
N SER B 103 14.28 26.51 10.36
CA SER B 103 13.45 25.61 11.17
C SER B 103 13.06 24.32 10.42
N GLU B 104 13.18 24.36 9.10
CA GLU B 104 12.84 23.21 8.28
C GLU B 104 14.02 22.27 8.00
N VAL B 105 15.23 22.70 8.34
CA VAL B 105 16.40 21.84 8.16
C VAL B 105 16.27 20.63 9.09
N GLY B 106 16.52 19.44 8.54
CA GLY B 106 16.42 18.24 9.34
C GLY B 106 17.36 18.28 10.55
N ALA B 107 16.88 17.83 11.70
CA ALA B 107 17.69 17.87 12.93
C ALA B 107 18.98 17.06 12.82
N ASP B 108 18.96 16.00 12.00
CA ASP B 108 20.21 15.25 11.79
C ASP B 108 21.27 16.09 11.07
N ARG B 109 20.83 16.86 10.10
CA ARG B 109 21.72 17.77 9.35
C ARG B 109 22.26 18.83 10.32
N VAL B 110 21.38 19.35 11.16
CA VAL B 110 21.77 20.34 12.18
C VAL B 110 22.87 19.73 13.08
N ALA B 111 22.60 18.55 13.59
CA ALA B 111 23.57 17.85 14.43
C ALA B 111 24.90 17.65 13.69
N ASN B 112 24.86 17.25 12.42
CA ASN B 112 26.11 17.07 11.65
C ASN B 112 26.92 18.35 11.56
N VAL B 113 26.23 19.45 11.28
CA VAL B 113 26.92 20.75 11.11
C VAL B 113 27.51 21.20 12.44
N VAL B 114 26.74 21.05 13.52
CA VAL B 114 27.23 21.43 14.85
C VAL B 114 28.48 20.61 15.20
N ALA B 115 28.42 19.29 14.99
CA ALA B 115 29.57 18.41 15.27
C ALA B 115 30.79 18.81 14.46
N PHE B 116 30.56 19.15 13.19
CA PHE B 116 31.66 19.51 12.30
C PHE B 116 32.37 20.76 12.81
N VAL B 117 31.60 21.81 13.10
CA VAL B 117 32.18 23.09 13.54
C VAL B 117 32.87 22.92 14.91
N LYS B 118 32.34 22.04 15.75
CA LYS B 118 32.93 21.82 17.07
C LYS B 118 34.20 20.97 17.05
N GLU B 119 34.29 20.04 16.11
CA GLU B 119 35.38 19.04 16.14
C GLU B 119 36.40 19.17 15.03
N TYR B 120 35.98 19.71 13.89
CA TYR B 120 36.77 19.62 12.66
C TYR B 120 37.18 20.96 12.07
N GLY B 121 36.26 21.91 12.06
CA GLY B 121 36.57 23.25 11.60
C GLY B 121 35.39 24.02 11.08
N LYS B 122 35.68 25.20 10.52
CA LYS B 122 34.66 26.16 10.11
C LYS B 122 34.24 26.01 8.65
N ASN B 123 34.97 25.16 7.91
CA ASN B 123 34.76 25.01 6.47
C ASN B 123 34.76 23.54 6.09
N GLY B 124 33.68 23.10 5.46
CA GLY B 124 33.61 21.72 5.03
C GLY B 124 32.36 21.35 4.27
N ILE B 125 32.41 20.15 3.70
CA ILE B 125 31.25 19.57 3.03
C ILE B 125 30.97 18.25 3.71
N ILE B 126 29.73 18.08 4.18
CA ILE B 126 29.34 16.87 4.90
C ILE B 126 28.41 16.03 4.02
N ILE B 127 28.80 14.77 3.83
CA ILE B 127 28.00 13.80 3.07
C ILE B 127 27.51 12.77 4.06
N ASP B 128 26.18 12.67 4.23
CA ASP B 128 25.60 11.73 5.17
C ASP B 128 24.73 10.79 4.38
N MET B 129 25.18 9.55 4.25
CA MET B 129 24.50 8.55 3.43
C MET B 129 23.59 7.71 4.30
N GLY B 130 22.30 8.08 4.34
CA GLY B 130 21.32 7.37 5.14
C GLY B 130 20.12 7.05 4.27
N THR B 131 18.92 7.14 4.86
CA THR B 131 17.69 6.84 4.12
C THR B 131 17.66 7.71 2.87
N ALA B 132 17.96 8.99 3.07
CA ALA B 132 18.34 9.87 1.99
C ALA B 132 19.82 10.17 2.18
N THR B 133 20.45 10.62 1.11
CA THR B 133 21.82 11.07 1.19
C THR B 133 21.78 12.58 1.15
N THR B 134 22.38 13.20 2.17
CA THR B 134 22.41 14.67 2.25
C THR B 134 23.81 15.20 2.01
N VAL B 135 23.87 16.36 1.39
CA VAL B 135 25.11 17.14 1.26
C VAL B 135 24.87 18.43 2.01
N ASP B 136 25.82 18.79 2.88
CA ASP B 136 25.67 20.00 3.70
C ASP B 136 26.94 20.83 3.59
N LEU B 137 26.78 22.12 3.33
CA LEU B 137 27.91 23.02 3.12
C LEU B 137 28.03 24.02 4.27
N VAL B 138 29.20 24.05 4.89
CA VAL B 138 29.52 25.00 5.96
C VAL B 138 30.73 25.80 5.49
N VAL B 139 30.57 27.12 5.47
CA VAL B 139 31.64 28.02 5.03
C VAL B 139 31.78 29.12 6.07
N ASN B 140 32.98 29.23 6.65
CA ASN B 140 33.27 30.18 7.74
C ASN B 140 32.22 30.12 8.86
N GLY B 141 31.84 28.89 9.24
CA GLY B 141 30.86 28.66 10.30
C GLY B 141 29.43 29.01 9.94
N SER B 142 29.19 29.25 8.66
CA SER B 142 27.86 29.58 8.14
C SER B 142 27.34 28.36 7.38
N TYR B 143 26.21 27.81 7.81
CA TYR B 143 25.55 26.76 7.03
C TYR B 143 24.91 27.39 5.81
N GLU B 144 25.33 26.95 4.63
CA GLU B 144 24.92 27.56 3.36
C GLU B 144 23.81 26.81 2.60
N GLY B 145 23.45 25.62 3.10
CA GLY B 145 22.48 24.78 2.39
C GLY B 145 23.12 23.50 1.88
N GLY B 146 22.49 22.88 0.89
CA GLY B 146 23.02 21.64 0.36
C GLY B 146 22.12 20.97 -0.66
N ALA B 147 22.13 19.65 -0.61
CA ALA B 147 21.41 18.81 -1.56
C ALA B 147 20.81 17.61 -0.81
N ILE B 148 19.69 17.10 -1.33
CA ILE B 148 19.10 15.85 -0.82
C ILE B 148 18.93 14.90 -2.01
N LEU B 149 19.45 13.69 -1.85
CA LEU B 149 19.37 12.63 -2.85
C LEU B 149 18.68 11.41 -2.22
N PRO B 150 17.98 10.60 -3.03
CA PRO B 150 17.53 9.33 -2.51
C PRO B 150 18.75 8.53 -2.08
N GLY B 151 18.63 7.80 -0.97
CA GLY B 151 19.72 6.94 -0.52
C GLY B 151 19.87 5.70 -1.38
N PHE B 152 20.93 4.93 -1.13
CA PHE B 152 21.17 3.80 -2.03
C PHE B 152 20.04 2.79 -1.99
N PHE B 153 19.63 2.39 -0.79
CA PHE B 153 18.57 1.39 -0.68
C PHE B 153 17.26 1.97 -1.22
N MET B 154 17.02 3.25 -0.93
CA MET B 154 15.82 3.90 -1.43
C MET B 154 15.77 3.79 -2.95
N MET B 155 16.93 3.98 -3.59
CA MET B 155 17.01 3.88 -5.04
C MET B 155 16.72 2.47 -5.56
N VAL B 156 17.41 1.45 -5.03
CA VAL B 156 17.15 0.09 -5.54
C VAL B 156 15.72 -0.36 -5.26
N HIS B 157 15.21 0.02 -4.09
CA HIS B 157 13.82 -0.30 -3.76
C HIS B 157 12.84 0.39 -4.71
N SER B 158 13.12 1.65 -5.06
CA SER B 158 12.21 2.39 -5.95
C SER B 158 12.16 1.73 -7.33
N LEU B 159 13.30 1.19 -7.78
CA LEU B 159 13.32 0.52 -9.09
C LEU B 159 12.52 -0.79 -9.06
N PHE B 160 12.66 -1.51 -7.95
CA PHE B 160 11.91 -2.74 -7.74
C PHE B 160 10.40 -2.47 -7.69
N ARG B 161 9.97 -1.56 -6.82
CA ARG B 161 8.53 -1.32 -6.64
C ARG B 161 7.90 -0.62 -7.82
N GLY B 162 8.71 0.17 -8.52
CA GLY B 162 8.19 1.05 -9.56
C GLY B 162 8.19 0.50 -10.97
N THR B 163 8.69 -0.72 -11.13
CA THR B 163 8.69 -1.37 -12.43
C THR B 163 8.15 -2.80 -12.34
N ALA B 164 7.74 -3.34 -13.49
CA ALA B 164 7.28 -4.72 -13.54
C ALA B 164 8.42 -5.69 -13.46
N LYS B 165 9.49 -5.43 -14.21
CA LYS B 165 10.50 -6.46 -14.48
C LYS B 165 11.74 -6.43 -13.58
N LEU B 166 11.99 -5.32 -12.89
CA LEU B 166 13.27 -5.21 -12.16
C LEU B 166 13.19 -5.84 -10.77
N PRO B 167 14.23 -6.61 -10.41
CA PRO B 167 14.29 -7.21 -9.09
C PRO B 167 14.82 -6.20 -8.11
N LEU B 168 14.77 -6.56 -6.83
CA LEU B 168 15.40 -5.79 -5.78
C LEU B 168 16.84 -6.24 -5.67
N VAL B 169 17.75 -5.32 -5.96
CA VAL B 169 19.19 -5.60 -6.05
C VAL B 169 19.91 -5.20 -4.77
N GLU B 170 20.86 -6.02 -4.33
CA GLU B 170 21.70 -5.71 -3.17
C GLU B 170 22.63 -4.56 -3.52
N VAL B 171 22.79 -3.62 -2.59
CA VAL B 171 23.66 -2.47 -2.79
C VAL B 171 25.15 -2.87 -2.71
N LYS B 172 25.79 -2.88 -3.88
CA LYS B 172 27.19 -3.30 -4.01
C LYS B 172 27.77 -2.54 -5.19
N PRO B 173 28.96 -1.92 -5.00
CA PRO B 173 29.56 -1.15 -6.09
C PRO B 173 29.83 -2.01 -7.33
N ALA B 174 29.79 -1.38 -8.51
CA ALA B 174 30.14 -2.04 -9.76
C ALA B 174 31.65 -1.89 -9.99
N ASP B 175 32.31 -3.01 -10.33
CA ASP B 175 33.71 -2.98 -10.72
C ASP B 175 33.89 -3.14 -12.25
N PHE B 176 32.89 -2.67 -12.99
CA PHE B 176 32.84 -2.76 -14.44
C PHE B 176 32.31 -1.45 -15.01
N VAL B 177 32.57 -1.22 -16.29
CA VAL B 177 32.27 0.05 -16.95
C VAL B 177 30.84 0.03 -17.49
N VAL B 178 30.37 -1.16 -17.85
CA VAL B 178 28.96 -1.36 -18.24
C VAL B 178 28.48 -2.68 -17.66
N GLY B 179 27.24 -2.70 -17.19
CA GLY B 179 26.68 -3.93 -16.65
C GLY B 179 26.29 -4.91 -17.73
N LYS B 180 26.49 -6.20 -17.47
CA LYS B 180 26.16 -7.23 -18.48
C LYS B 180 25.00 -8.12 -18.08
N ASP B 181 24.34 -7.76 -16.98
CA ASP B 181 23.03 -8.30 -16.64
C ASP B 181 22.27 -7.26 -15.86
N THR B 182 21.01 -7.56 -15.53
CA THR B 182 20.13 -6.58 -14.90
C THR B 182 20.67 -6.08 -13.58
N GLU B 183 21.10 -7.01 -12.74
CA GLU B 183 21.60 -6.64 -11.42
C GLU B 183 22.83 -5.75 -11.55
N GLU B 184 23.75 -6.13 -12.45
CA GLU B 184 24.93 -5.30 -12.71
C GLU B 184 24.57 -3.90 -13.23
N ASN B 185 23.57 -3.82 -14.09
CA ASN B 185 23.09 -2.55 -14.61
C ASN B 185 22.60 -1.63 -13.47
N ILE B 186 21.86 -2.21 -12.54
CA ILE B 186 21.33 -1.44 -11.43
C ILE B 186 22.44 -1.02 -10.45
N ARG B 187 23.38 -1.92 -10.15
CA ARG B 187 24.47 -1.55 -9.26
C ARG B 187 25.25 -0.36 -9.83
N LEU B 188 25.56 -0.45 -11.13
CA LEU B 188 26.29 0.65 -11.79
C LEU B 188 25.51 1.96 -11.74
N GLY B 189 24.22 1.90 -12.08
CA GLY B 189 23.42 3.12 -12.11
C GLY B 189 23.16 3.73 -10.74
N VAL B 190 22.85 2.89 -9.77
CA VAL B 190 22.54 3.38 -8.42
C VAL B 190 23.77 3.68 -7.57
N VAL B 191 24.69 2.73 -7.45
CA VAL B 191 25.80 2.86 -6.51
C VAL B 191 26.89 3.77 -7.10
N ASN B 192 27.53 3.31 -8.18
CA ASN B 192 28.50 4.15 -8.87
C ASN B 192 27.88 5.47 -9.29
N GLY B 193 26.65 5.40 -9.83
CA GLY B 193 25.94 6.58 -10.28
C GLY B 193 25.75 7.61 -9.17
N SER B 194 25.32 7.16 -7.99
CA SER B 194 25.14 8.09 -6.87
C SER B 194 26.47 8.72 -6.43
N VAL B 195 27.55 7.94 -6.48
CA VAL B 195 28.88 8.46 -6.17
C VAL B 195 29.28 9.54 -7.19
N TYR B 196 29.05 9.25 -8.46
CA TYR B 196 29.24 10.30 -9.48
C TYR B 196 28.39 11.53 -9.24
N ALA B 197 27.13 11.33 -8.83
CA ALA B 197 26.25 12.46 -8.56
C ALA B 197 26.84 13.33 -7.45
N LEU B 198 27.30 12.68 -6.39
CA LEU B 198 27.90 13.36 -5.25
C LEU B 198 29.19 14.09 -5.65
N GLU B 199 30.03 13.42 -6.44
CA GLU B 199 31.28 14.05 -6.90
C GLU B 199 30.96 15.28 -7.74
N GLY B 200 29.89 15.21 -8.54
CA GLY B 200 29.50 16.35 -9.36
C GLY B 200 29.07 17.53 -8.52
N ILE B 201 28.24 17.26 -7.52
CA ILE B 201 27.71 18.32 -6.66
C ILE B 201 28.85 18.92 -5.82
N ILE B 202 29.70 18.06 -5.28
CA ILE B 202 30.87 18.49 -4.51
C ILE B 202 31.79 19.36 -5.38
N GLY B 203 32.04 18.89 -6.59
CA GLY B 203 32.91 19.59 -7.54
C GLY B 203 32.42 20.98 -7.87
N ARG B 204 31.11 21.12 -8.05
CA ARG B 204 30.52 22.41 -8.38
C ARG B 204 30.59 23.34 -7.16
N ILE B 205 30.41 22.78 -5.97
CA ILE B 205 30.57 23.56 -4.74
C ILE B 205 32.00 24.09 -4.63
N LYS B 206 32.97 23.22 -4.88
CA LYS B 206 34.39 23.58 -4.77
C LYS B 206 34.82 24.65 -5.78
N GLU B 207 34.17 24.69 -6.94
CA GLU B 207 34.45 25.71 -7.95
C GLU B 207 34.10 27.11 -7.45
N VAL B 208 33.10 27.19 -6.59
CA VAL B 208 32.57 28.46 -6.12
C VAL B 208 33.17 28.82 -4.76
N TYR B 209 33.29 27.84 -3.87
CA TYR B 209 33.67 28.11 -2.47
C TYR B 209 35.11 27.71 -2.12
N GLY B 210 35.82 27.09 -3.06
CA GLY B 210 37.21 26.65 -2.83
C GLY B 210 37.31 25.20 -2.39
N ASP B 211 38.54 24.71 -2.23
CA ASP B 211 38.80 23.30 -1.91
C ASP B 211 38.58 22.88 -0.43
N LEU B 212 37.31 22.69 -0.08
CA LEU B 212 36.92 22.38 1.30
C LEU B 212 37.10 20.90 1.62
N PRO B 213 37.40 20.57 2.90
CA PRO B 213 37.47 19.15 3.29
C PRO B 213 36.10 18.51 3.22
N VAL B 214 36.08 17.23 2.86
CA VAL B 214 34.83 16.46 2.78
C VAL B 214 34.82 15.43 3.90
N VAL B 215 33.70 15.41 4.63
CA VAL B 215 33.46 14.44 5.69
C VAL B 215 32.38 13.47 5.21
N LEU B 216 32.61 12.18 5.40
CA LEU B 216 31.63 11.13 5.12
C LEU B 216 31.10 10.51 6.40
N THR B 217 29.78 10.33 6.44
CA THR B 217 29.14 9.65 7.56
C THR B 217 27.86 8.96 7.07
N GLY B 218 27.19 8.25 7.97
CA GLY B 218 25.89 7.62 7.66
C GLY B 218 25.96 6.12 7.56
N GLY B 219 24.83 5.47 7.81
CA GLY B 219 24.75 4.01 7.87
C GLY B 219 25.08 3.29 6.56
N GLN B 220 24.93 4.00 5.44
CA GLN B 220 25.22 3.42 4.13
C GLN B 220 26.56 3.89 3.54
N SER B 221 27.36 4.60 4.33
CA SER B 221 28.62 5.17 3.81
C SER B 221 29.79 4.19 3.69
N LYS B 222 29.84 3.20 4.57
CA LYS B 222 31.02 2.33 4.63
C LYS B 222 31.23 1.57 3.33
N ILE B 223 30.13 1.15 2.72
CA ILE B 223 30.21 0.37 1.48
C ILE B 223 30.87 1.12 0.31
N VAL B 224 30.75 2.45 0.33
CA VAL B 224 31.25 3.30 -0.75
C VAL B 224 32.43 4.20 -0.36
N LYS B 225 32.91 4.09 0.87
CA LYS B 225 33.93 5.04 1.31
C LYS B 225 35.22 5.06 0.47
N ASP B 226 35.60 3.90 -0.08
CA ASP B 226 36.78 3.82 -0.97
C ASP B 226 36.54 4.41 -2.37
N MET B 227 35.31 4.85 -2.64
CA MET B 227 34.95 5.35 -3.97
C MET B 227 34.80 6.85 -4.03
N ILE B 228 34.68 7.48 -2.87
CA ILE B 228 34.51 8.92 -2.78
C ILE B 228 35.70 9.52 -2.07
N LYS B 229 36.32 10.53 -2.68
CA LYS B 229 37.40 11.26 -2.05
C LYS B 229 36.85 12.00 -0.85
N HIS B 230 37.47 11.77 0.30
CA HIS B 230 37.09 12.46 1.53
C HIS B 230 38.31 12.58 2.43
N GLU B 231 38.26 13.54 3.35
CA GLU B 231 39.34 13.80 4.29
C GLU B 231 39.04 13.27 5.68
N ILE B 232 37.75 13.05 5.98
CA ILE B 232 37.34 12.59 7.28
C ILE B 232 36.24 11.55 7.10
N PHE B 233 36.38 10.41 7.76
CA PHE B 233 35.32 9.43 7.82
C PHE B 233 34.94 9.29 9.29
N ASP B 234 33.71 9.66 9.62
CA ASP B 234 33.31 9.66 11.02
C ASP B 234 31.86 9.23 11.14
N GLU B 235 31.67 7.96 11.48
CA GLU B 235 30.32 7.38 11.54
C GLU B 235 29.53 7.89 12.73
N ASP B 236 30.21 8.52 13.69
CA ASP B 236 29.55 9.05 14.90
C ASP B 236 29.19 10.53 14.78
N LEU B 237 29.32 11.09 13.59
CA LEU B 237 29.15 12.55 13.44
C LEU B 237 27.82 13.10 13.98
N THR B 238 26.72 12.45 13.60
CA THR B 238 25.40 12.93 14.03
C THR B 238 25.25 12.86 15.55
N ILE B 239 25.61 11.71 16.15
CA ILE B 239 25.54 11.52 17.59
C ILE B 239 26.44 12.51 18.32
N LYS B 240 27.64 12.75 17.78
CA LYS B 240 28.50 13.81 18.33
C LYS B 240 27.81 15.17 18.35
N GLY B 241 27.11 15.51 17.26
CA GLY B 241 26.37 16.76 17.17
C GLY B 241 25.24 16.84 18.18
N VAL B 242 24.59 15.71 18.41
CA VAL B 242 23.53 15.67 19.45
C VAL B 242 24.18 15.99 20.78
N TYR B 243 25.33 15.35 21.06
CA TYR B 243 26.03 15.61 22.29
C TYR B 243 26.43 17.09 22.42
N HIS B 244 27.09 17.63 21.42
CA HIS B 244 27.55 19.03 21.50
C HIS B 244 26.40 20.01 21.67
N PHE B 245 25.32 19.81 20.90
CA PHE B 245 24.19 20.72 20.98
C PHE B 245 23.53 20.71 22.36
N CYS B 246 23.34 19.51 22.89
CA CYS B 246 22.56 19.32 24.12
C CYS B 246 23.36 19.53 25.39
N PHE B 247 24.62 19.10 25.37
CA PHE B 247 25.39 18.98 26.60
C PHE B 247 26.75 19.66 26.54
N GLY B 248 27.02 20.33 25.42
CA GLY B 248 28.15 21.27 25.31
C GLY B 248 29.46 20.61 24.95
N MET C 1 32.82 -33.89 23.27
CA MET C 1 31.94 -32.78 23.69
C MET C 1 30.86 -32.47 22.65
N ASP C 2 29.94 -31.61 23.06
CA ASP C 2 28.69 -31.38 22.33
C ASP C 2 28.48 -29.88 22.16
N PRO C 3 29.19 -29.26 21.20
CA PRO C 3 29.08 -27.82 21.02
C PRO C 3 27.67 -27.40 20.59
N MET C 4 27.26 -26.22 21.07
CA MET C 4 25.95 -25.71 20.76
C MET C 4 25.95 -24.94 19.45
N TYR C 5 25.00 -25.27 18.59
CA TYR C 5 24.80 -24.56 17.33
C TYR C 5 23.47 -23.83 17.31
N LEU C 6 23.50 -22.62 16.77
CA LEU C 6 22.28 -21.84 16.52
C LEU C 6 21.89 -22.01 15.06
N LEU C 7 20.65 -22.43 14.82
CA LEU C 7 20.15 -22.69 13.47
C LEU C 7 19.05 -21.70 13.19
N VAL C 8 19.09 -21.09 12.01
CA VAL C 8 18.13 -20.04 11.68
C VAL C 8 17.44 -20.37 10.37
N ASP C 9 16.11 -20.23 10.36
CA ASP C 9 15.32 -20.38 9.14
C ASP C 9 14.58 -19.07 8.94
N VAL C 10 15.10 -18.23 8.06
CA VAL C 10 14.51 -16.92 7.77
C VAL C 10 13.45 -17.07 6.69
N GLY C 11 12.19 -17.00 7.10
CA GLY C 11 11.06 -17.07 6.19
C GLY C 11 10.47 -15.70 5.94
N ASN C 12 9.55 -15.65 4.98
CA ASN C 12 8.91 -14.39 4.62
C ASN C 12 8.07 -13.73 5.70
N THR C 13 7.43 -14.53 6.55
CA THR C 13 6.70 -13.92 7.66
C THR C 13 7.38 -14.19 9.01
N HIS C 14 7.92 -15.40 9.17
CA HIS C 14 8.54 -15.77 10.46
C HIS C 14 9.96 -16.29 10.29
N SER C 15 10.77 -16.04 11.31
CA SER C 15 12.13 -16.56 11.38
C SER C 15 12.21 -17.46 12.59
N VAL C 16 12.62 -18.69 12.35
CA VAL C 16 12.81 -19.68 13.42
C VAL C 16 14.26 -19.69 13.86
N PHE C 17 14.45 -19.63 15.18
CA PHE C 17 15.78 -19.71 15.80
C PHE C 17 15.80 -20.93 16.70
N SER C 18 16.79 -21.79 16.48
CA SER C 18 16.82 -23.06 17.21
C SER C 18 18.23 -23.36 17.70
N ILE C 19 18.31 -23.92 18.91
CA ILE C 19 19.62 -24.38 19.39
C ILE C 19 19.62 -25.89 19.57
N THR C 20 20.76 -26.50 19.29
CA THR C 20 20.95 -27.93 19.49
C THR C 20 22.38 -28.17 19.91
N GLU C 21 22.57 -29.21 20.72
CA GLU C 21 23.91 -29.63 21.14
C GLU C 21 24.26 -31.01 20.58
N ASP C 22 23.37 -31.56 19.77
CA ASP C 22 23.60 -32.90 19.22
C ASP C 22 23.01 -33.15 17.84
N GLY C 23 22.26 -32.18 17.32
CA GLY C 23 21.60 -32.33 16.03
C GLY C 23 20.47 -33.35 16.01
N LYS C 24 19.99 -33.73 17.20
CA LYS C 24 18.86 -34.66 17.34
C LYS C 24 17.68 -34.07 18.12
N THR C 25 17.99 -33.34 19.19
CA THR C 25 16.98 -32.61 19.96
C THR C 25 17.20 -31.10 19.77
N PHE C 26 16.10 -30.38 19.58
CA PHE C 26 16.13 -28.96 19.25
C PHE C 26 15.25 -28.17 20.19
N ARG C 27 15.75 -27.03 20.64
CA ARG C 27 14.90 -26.06 21.32
C ARG C 27 14.64 -24.97 20.29
N ARG C 28 13.41 -24.48 20.17
CA ARG C 28 13.12 -23.50 19.13
C ARG C 28 12.25 -22.33 19.56
N TRP C 29 12.45 -21.21 18.86
CA TRP C 29 11.66 -20.00 19.07
C TRP C 29 11.34 -19.42 17.71
N ARG C 30 10.28 -18.63 17.63
CA ARG C 30 9.90 -18.04 16.36
C ARG C 30 9.67 -16.56 16.58
N LEU C 31 10.18 -15.75 15.67
CA LEU C 31 10.00 -14.30 15.68
C LEU C 31 9.45 -13.84 14.35
N SER C 32 8.75 -12.71 14.32
CA SER C 32 8.35 -12.15 13.04
C SER C 32 9.63 -11.72 12.33
N THR C 33 9.69 -11.93 11.01
CA THR C 33 10.85 -11.51 10.24
C THR C 33 10.93 -9.96 10.23
N GLY C 34 9.80 -9.30 10.10
CA GLY C 34 9.77 -7.83 10.11
C GLY C 34 10.47 -7.26 8.89
N VAL C 35 10.79 -5.97 8.91
CA VAL C 35 11.34 -5.31 7.71
C VAL C 35 12.74 -4.69 7.87
N PHE C 36 12.86 -3.71 8.75
CA PHE C 36 14.12 -2.98 8.89
C PHE C 36 14.87 -3.36 10.16
N GLN C 37 14.75 -4.61 10.58
CA GLN C 37 15.41 -5.04 11.82
C GLN C 37 16.91 -4.84 11.76
N THR C 38 17.52 -4.73 12.93
CA THR C 38 18.95 -4.54 13.05
C THR C 38 19.51 -5.68 13.87
N GLU C 39 20.83 -5.83 13.86
CA GLU C 39 21.48 -6.86 14.68
C GLU C 39 21.25 -6.69 16.18
N ASP C 40 21.20 -5.43 16.65
CA ASP C 40 20.95 -5.19 18.08
C ASP C 40 19.49 -5.50 18.43
N GLU C 41 18.57 -5.24 17.51
CA GLU C 41 17.18 -5.62 17.72
C GLU C 41 17.01 -7.13 17.83
N LEU C 42 17.69 -7.87 16.95
CA LEU C 42 17.65 -9.32 17.01
C LEU C 42 18.24 -9.82 18.34
N PHE C 43 19.39 -9.27 18.73
CA PHE C 43 19.97 -9.66 20.02
C PHE C 43 19.00 -9.39 21.16
N SER C 44 18.42 -8.19 21.15
CA SER C 44 17.48 -7.81 22.19
C SER C 44 16.29 -8.76 22.28
N HIS C 45 15.76 -9.20 21.12
CA HIS C 45 14.64 -10.14 21.13
C HIS C 45 15.04 -11.53 21.63
N LEU C 46 16.23 -11.98 21.24
CA LEU C 46 16.69 -13.31 21.60
C LEU C 46 17.20 -13.43 23.03
N HIS C 47 17.68 -12.31 23.59
CA HIS C 47 18.30 -12.31 24.92
C HIS C 47 17.45 -13.04 26.00
N PRO C 48 16.20 -12.60 26.21
CA PRO C 48 15.38 -13.28 27.24
C PRO C 48 14.90 -14.68 26.88
N LEU C 49 15.02 -15.05 25.61
CA LEU C 49 14.58 -16.36 25.13
C LEU C 49 15.69 -17.40 25.34
N LEU C 50 16.88 -17.09 24.85
CA LEU C 50 18.00 -18.02 24.96
C LEU C 50 18.66 -18.00 26.34
N GLY C 51 18.58 -16.85 27.01
CA GLY C 51 19.15 -16.70 28.34
C GLY C 51 20.63 -17.06 28.33
N ASP C 52 21.05 -17.81 29.35
CA ASP C 52 22.45 -18.23 29.50
C ASP C 52 23.00 -19.01 28.31
N ALA C 53 22.13 -19.71 27.58
CA ALA C 53 22.54 -20.50 26.42
C ALA C 53 23.22 -19.65 25.34
N MET C 54 22.83 -18.38 25.26
CA MET C 54 23.40 -17.42 24.30
C MET C 54 24.92 -17.48 24.24
N ARG C 55 25.55 -17.58 25.41
CA ARG C 55 27.00 -17.48 25.54
C ARG C 55 27.70 -18.74 25.03
N GLU C 56 26.94 -19.82 24.86
CA GLU C 56 27.48 -21.15 24.53
C GLU C 56 27.53 -21.46 23.02
N ILE C 57 26.97 -20.57 22.19
CA ILE C 57 26.90 -20.83 20.76
C ILE C 57 28.28 -20.83 20.09
N LYS C 58 28.56 -21.92 19.35
CA LYS C 58 29.84 -22.12 18.67
C LYS C 58 29.78 -22.03 17.13
N GLY C 59 28.58 -22.01 16.58
CA GLY C 59 28.42 -21.90 15.13
C GLY C 59 27.00 -21.49 14.85
N ILE C 60 26.82 -20.77 13.74
CA ILE C 60 25.51 -20.27 13.32
C ILE C 60 25.25 -20.71 11.87
N GLY C 61 24.17 -21.46 11.63
CA GLY C 61 23.82 -21.90 10.29
C GLY C 61 22.47 -21.28 9.93
N VAL C 62 22.32 -20.89 8.67
CA VAL C 62 21.14 -20.13 8.25
C VAL C 62 20.63 -20.58 6.89
N ALA C 63 19.32 -20.83 6.81
CA ALA C 63 18.62 -20.89 5.53
C ALA C 63 17.80 -19.62 5.49
N SER C 64 17.91 -18.85 4.40
CA SER C 64 17.11 -17.65 4.26
C SER C 64 16.50 -17.54 2.88
N VAL C 65 15.22 -17.16 2.86
CA VAL C 65 14.53 -16.81 1.59
C VAL C 65 14.13 -15.34 1.54
N VAL C 66 14.77 -14.52 2.38
CA VAL C 66 14.55 -13.09 2.41
C VAL C 66 15.93 -12.42 2.33
N PRO C 67 16.44 -12.23 1.11
CA PRO C 67 17.79 -11.65 0.95
C PRO C 67 18.06 -10.36 1.73
N THR C 68 17.08 -9.46 1.86
CA THR C 68 17.33 -8.20 2.60
C THR C 68 17.67 -8.41 4.06
N GLN C 69 17.21 -9.54 4.60
CA GLN C 69 17.48 -9.89 6.01
C GLN C 69 18.87 -10.45 6.23
N ASN C 70 19.54 -10.87 5.16
CA ASN C 70 20.81 -11.60 5.32
C ASN C 70 21.91 -10.77 5.95
N THR C 71 21.95 -9.48 5.62
CA THR C 71 22.96 -8.61 6.25
C THR C 71 22.74 -8.47 7.77
N VAL C 72 21.48 -8.44 8.21
CA VAL C 72 21.19 -8.39 9.66
C VAL C 72 21.73 -9.62 10.39
N ILE C 73 21.45 -10.80 9.82
CA ILE C 73 21.94 -12.04 10.41
C ILE C 73 23.46 -12.08 10.40
N GLU C 74 24.06 -11.65 9.29
CA GLU C 74 25.52 -11.64 9.19
C GLU C 74 26.11 -10.74 10.28
N ARG C 75 25.55 -9.54 10.42
CA ARG C 75 26.05 -8.56 11.38
C ARG C 75 25.82 -9.00 12.82
N PHE C 76 24.69 -9.66 13.06
CA PHE C 76 24.39 -10.21 14.37
C PHE C 76 25.45 -11.25 14.76
N SER C 77 25.72 -12.15 13.82
CA SER C 77 26.69 -13.22 14.03
C SER C 77 28.07 -12.64 14.31
N GLN C 78 28.47 -11.68 13.50
CA GLN C 78 29.81 -11.13 13.66
C GLN C 78 29.94 -10.28 14.93
N LYS C 79 28.96 -9.43 15.20
CA LYS C 79 29.03 -8.55 16.37
C LYS C 79 29.02 -9.31 17.67
N TYR C 80 28.10 -10.26 17.78
CA TYR C 80 27.85 -10.88 19.07
C TYR C 80 28.62 -12.17 19.29
N PHE C 81 29.04 -12.81 18.21
CA PHE C 81 29.76 -14.08 18.31
C PHE C 81 31.11 -14.08 17.59
N HIS C 82 31.40 -13.03 16.83
CA HIS C 82 32.68 -12.94 16.09
C HIS C 82 32.89 -14.08 15.13
N ILE C 83 31.78 -14.56 14.57
CA ILE C 83 31.82 -15.58 13.54
C ILE C 83 30.87 -15.19 12.40
N SER C 84 31.13 -15.74 11.21
CA SER C 84 30.22 -15.54 10.09
C SER C 84 29.31 -16.76 10.02
N PRO C 85 28.04 -16.56 9.64
CA PRO C 85 27.15 -17.69 9.53
C PRO C 85 27.49 -18.52 8.31
N ILE C 86 27.06 -19.78 8.34
CA ILE C 86 27.18 -20.65 7.21
C ILE C 86 25.81 -20.66 6.53
N TRP C 87 25.80 -20.42 5.23
CA TRP C 87 24.54 -20.21 4.50
C TRP C 87 24.17 -21.43 3.69
N VAL C 88 22.96 -21.95 3.93
CA VAL C 88 22.48 -23.08 3.16
C VAL C 88 22.21 -22.67 1.71
N LYS C 89 22.67 -23.49 0.77
CA LYS C 89 22.64 -23.21 -0.67
C LYS C 89 22.64 -24.57 -1.35
N ALA C 90 22.05 -24.67 -2.54
CA ALA C 90 22.16 -25.92 -3.31
C ALA C 90 23.61 -26.05 -3.75
N LYS C 91 24.20 -27.20 -3.49
CA LYS C 91 25.52 -27.51 -4.01
C LYS C 91 25.61 -29.00 -4.29
N ASN C 92 26.53 -29.36 -5.18
CA ASN C 92 26.78 -30.76 -5.48
C ASN C 92 27.34 -31.50 -4.25
N GLY C 93 27.00 -32.78 -4.15
CA GLY C 93 27.35 -33.59 -2.99
C GLY C 93 26.33 -34.68 -2.69
N CYS C 94 25.72 -34.61 -1.51
CA CYS C 94 24.81 -35.68 -1.05
C CYS C 94 23.47 -35.69 -1.80
N VAL C 95 23.16 -34.58 -2.47
CA VAL C 95 21.96 -34.45 -3.28
C VAL C 95 22.39 -34.08 -4.70
N LYS C 96 21.76 -34.69 -5.70
CA LYS C 96 21.90 -34.26 -7.09
C LYS C 96 20.74 -33.32 -7.40
N TRP C 97 21.02 -32.21 -8.05
CA TRP C 97 20.01 -31.15 -8.21
C TRP C 97 19.54 -31.08 -9.66
N ASN C 98 18.58 -31.94 -10.01
CA ASN C 98 18.17 -32.16 -11.40
C ASN C 98 17.07 -31.20 -11.85
N VAL C 99 17.37 -29.90 -11.73
CA VAL C 99 16.47 -28.85 -12.19
C VAL C 99 17.28 -27.85 -13.00
N LYS C 100 16.58 -26.90 -13.62
CA LYS C 100 17.23 -26.00 -14.58
C LYS C 100 18.23 -25.07 -13.91
N ASN C 101 17.86 -24.52 -12.76
CA ASN C 101 18.67 -23.51 -12.08
C ASN C 101 18.71 -23.81 -10.58
N PRO C 102 19.54 -24.79 -10.16
CA PRO C 102 19.58 -25.12 -8.73
C PRO C 102 19.85 -23.94 -7.80
N SER C 103 20.60 -22.93 -8.26
CA SER C 103 20.89 -21.78 -7.40
C SER C 103 19.62 -20.97 -7.06
N GLU C 104 18.55 -21.18 -7.81
CA GLU C 104 17.32 -20.43 -7.60
C GLU C 104 16.36 -21.10 -6.61
N VAL C 105 16.66 -22.34 -6.26
CA VAL C 105 15.81 -23.11 -5.32
C VAL C 105 15.92 -22.46 -3.95
N GLY C 106 14.77 -22.17 -3.33
CA GLY C 106 14.79 -21.54 -2.01
C GLY C 106 15.60 -22.36 -1.01
N ALA C 107 16.34 -21.67 -0.15
CA ALA C 107 17.22 -22.35 0.82
C ALA C 107 16.44 -23.21 1.82
N ASP C 108 15.17 -22.86 2.08
CA ASP C 108 14.36 -23.69 2.99
C ASP C 108 14.07 -25.03 2.33
N ARG C 109 13.78 -25.00 1.02
CA ARG C 109 13.57 -26.22 0.25
C ARG C 109 14.84 -27.08 0.22
N VAL C 110 15.97 -26.43 -0.02
CA VAL C 110 17.27 -27.12 0.00
C VAL C 110 17.46 -27.80 1.35
N ALA C 111 17.24 -27.05 2.44
CA ALA C 111 17.35 -27.62 3.77
C ALA C 111 16.43 -28.83 3.97
N ASN C 112 15.19 -28.71 3.49
CA ASN C 112 14.24 -29.79 3.62
C ASN C 112 14.71 -31.06 2.92
N VAL C 113 15.25 -30.88 1.71
CA VAL C 113 15.72 -32.03 0.93
C VAL C 113 16.95 -32.67 1.59
N VAL C 114 17.90 -31.84 2.04
CA VAL C 114 19.08 -32.33 2.75
C VAL C 114 18.66 -33.13 4.00
N ALA C 115 17.74 -32.59 4.81
CA ALA C 115 17.27 -33.30 6.01
C ALA C 115 16.61 -34.62 5.63
N PHE C 116 15.82 -34.60 4.57
CA PHE C 116 15.13 -35.80 4.13
C PHE C 116 16.11 -36.90 3.74
N VAL C 117 17.09 -36.53 2.91
CA VAL C 117 18.08 -37.52 2.45
C VAL C 117 18.94 -38.03 3.62
N LYS C 118 19.25 -37.16 4.57
CA LYS C 118 20.07 -37.56 5.72
C LYS C 118 19.32 -38.47 6.69
N GLU C 119 18.04 -38.19 6.92
CA GLU C 119 17.32 -38.84 8.01
C GLU C 119 16.30 -39.89 7.62
N TYR C 120 15.74 -39.74 6.42
CA TYR C 120 14.57 -40.54 6.06
C TYR C 120 14.76 -41.47 4.89
N GLY C 121 15.49 -41.02 3.87
CA GLY C 121 15.71 -41.86 2.71
C GLY C 121 15.94 -41.13 1.41
N LYS C 122 16.04 -41.90 0.32
CA LYS C 122 16.43 -41.35 -0.96
C LYS C 122 15.23 -41.03 -1.86
N ASN C 123 14.03 -41.38 -1.41
CA ASN C 123 12.84 -41.28 -2.24
C ASN C 123 11.71 -40.71 -1.41
N GLY C 124 11.18 -39.56 -1.81
CA GLY C 124 10.08 -38.99 -1.04
C GLY C 124 9.51 -37.72 -1.63
N ILE C 125 8.36 -37.33 -1.08
CA ILE C 125 7.69 -36.09 -1.47
C ILE C 125 7.57 -35.26 -0.18
N ILE C 126 8.11 -34.04 -0.20
CA ILE C 126 8.10 -33.17 0.96
C ILE C 126 7.08 -32.05 0.74
N ILE C 127 6.19 -31.88 1.71
CA ILE C 127 5.20 -30.79 1.68
C ILE C 127 5.52 -29.84 2.82
N ASP C 128 5.76 -28.57 2.51
CA ASP C 128 6.11 -27.60 3.55
C ASP C 128 5.08 -26.47 3.49
N MET C 129 4.21 -26.43 4.50
CA MET C 129 3.14 -25.46 4.55
C MET C 129 3.56 -24.25 5.35
N GLY C 130 4.04 -23.24 4.63
CA GLY C 130 4.43 -21.96 5.23
C GLY C 130 3.77 -20.80 4.51
N THR C 131 4.54 -19.72 4.33
CA THR C 131 4.00 -18.51 3.72
C THR C 131 3.47 -18.91 2.36
N ALA C 132 4.29 -19.64 1.61
CA ALA C 132 3.83 -20.45 0.49
C ALA C 132 3.88 -21.91 0.94
N THR C 133 3.12 -22.76 0.25
CA THR C 133 3.22 -24.20 0.45
C THR C 133 4.04 -24.75 -0.70
N THR C 134 5.10 -25.48 -0.36
CA THR C 134 5.93 -26.11 -1.40
C THR C 134 5.77 -27.62 -1.41
N VAL C 135 5.93 -28.17 -2.61
CA VAL C 135 6.05 -29.62 -2.82
C VAL C 135 7.44 -29.83 -3.42
N ASP C 136 8.21 -30.75 -2.83
CA ASP C 136 9.55 -31.04 -3.32
C ASP C 136 9.67 -32.54 -3.55
N LEU C 137 10.21 -32.93 -4.70
CA LEU C 137 10.30 -34.34 -5.05
C LEU C 137 11.75 -34.79 -5.05
N VAL C 138 12.02 -35.89 -4.36
CA VAL C 138 13.36 -36.46 -4.34
C VAL C 138 13.26 -37.91 -4.78
N VAL C 139 14.00 -38.27 -5.82
CA VAL C 139 13.95 -39.64 -6.37
C VAL C 139 15.37 -40.15 -6.51
N ASN C 140 15.65 -41.27 -5.86
CA ASN C 140 17.01 -41.83 -5.83
C ASN C 140 18.10 -40.79 -5.50
N GLY C 141 17.79 -39.92 -4.54
CA GLY C 141 18.74 -38.91 -4.08
C GLY C 141 18.87 -37.73 -5.03
N SER C 142 17.98 -37.67 -6.03
CA SER C 142 17.96 -36.56 -6.98
C SER C 142 16.77 -35.67 -6.74
N TYR C 143 17.04 -34.38 -6.54
CA TYR C 143 15.99 -33.39 -6.42
C TYR C 143 15.44 -33.17 -7.80
N GLU C 144 14.13 -33.38 -7.96
CA GLU C 144 13.54 -33.37 -9.31
C GLU C 144 12.73 -32.11 -9.59
N GLY C 145 12.48 -31.32 -8.54
CA GLY C 145 11.66 -30.13 -8.69
C GLY C 145 10.40 -30.24 -7.84
N GLY C 146 9.36 -29.51 -8.22
CA GLY C 146 8.14 -29.56 -7.42
C GLY C 146 7.11 -28.52 -7.81
N ALA C 147 6.44 -27.98 -6.79
CA ALA C 147 5.37 -27.01 -7.00
C ALA C 147 5.41 -25.98 -5.88
N ILE C 148 4.87 -24.80 -6.18
CA ILE C 148 4.70 -23.72 -5.20
C ILE C 148 3.23 -23.28 -5.29
N LEU C 149 2.59 -23.24 -4.12
CA LEU C 149 1.18 -22.83 -3.98
C LEU C 149 1.16 -21.69 -2.97
N PRO C 150 0.18 -20.78 -3.07
CA PRO C 150 0.02 -19.80 -1.99
C PRO C 150 -0.30 -20.55 -0.71
N GLY C 151 0.21 -20.07 0.43
CA GLY C 151 -0.08 -20.71 1.70
C GLY C 151 -1.48 -20.40 2.19
N PHE C 152 -1.92 -21.05 3.26
CA PHE C 152 -3.30 -20.89 3.69
C PHE C 152 -3.59 -19.46 4.08
N PHE C 153 -2.74 -18.86 4.92
CA PHE C 153 -3.03 -17.49 5.31
C PHE C 153 -2.94 -16.54 4.11
N MET C 154 -1.95 -16.76 3.26
CA MET C 154 -1.81 -15.95 2.04
C MET C 154 -3.11 -15.99 1.22
N MET C 155 -3.71 -17.17 1.12
CA MET C 155 -4.97 -17.29 0.38
C MET C 155 -6.12 -16.53 1.05
N VAL C 156 -6.38 -16.76 2.33
CA VAL C 156 -7.51 -16.03 2.96
C VAL C 156 -7.27 -14.52 2.94
N HIS C 157 -6.03 -14.09 3.14
CA HIS C 157 -5.73 -12.66 3.05
C HIS C 157 -5.91 -12.09 1.64
N SER C 158 -5.56 -12.87 0.62
CA SER C 158 -5.75 -12.38 -0.75
C SER C 158 -7.21 -12.18 -1.09
N LEU C 159 -8.07 -13.04 -0.53
CA LEU C 159 -9.52 -12.93 -0.79
C LEU C 159 -10.08 -11.69 -0.10
N PHE C 160 -9.58 -11.43 1.09
CA PHE C 160 -10.00 -10.26 1.86
C PHE C 160 -9.57 -8.98 1.15
N ARG C 161 -8.29 -8.89 0.83
CA ARG C 161 -7.76 -7.65 0.25
C ARG C 161 -8.20 -7.45 -1.19
N GLY C 162 -8.47 -8.54 -1.90
CA GLY C 162 -8.72 -8.46 -3.32
C GLY C 162 -10.18 -8.41 -3.70
N THR C 163 -11.08 -8.38 -2.72
CA THR C 163 -12.51 -8.22 -3.01
C THR C 163 -13.13 -7.17 -2.12
N ALA C 164 -14.28 -6.65 -2.55
CA ALA C 164 -15.00 -5.69 -1.73
C ALA C 164 -15.69 -6.35 -0.55
N LYS C 165 -16.32 -7.49 -0.79
CA LYS C 165 -17.28 -8.04 0.17
C LYS C 165 -16.75 -9.10 1.12
N LEU C 166 -15.61 -9.71 0.81
CA LEU C 166 -15.20 -10.87 1.59
C LEU C 166 -14.40 -10.43 2.81
N PRO C 167 -14.69 -11.05 3.96
CA PRO C 167 -13.97 -10.80 5.21
C PRO C 167 -12.68 -11.63 5.26
N LEU C 168 -11.82 -11.29 6.21
CA LEU C 168 -10.65 -12.12 6.52
C LEU C 168 -11.09 -13.29 7.40
N VAL C 169 -10.93 -14.52 6.91
CA VAL C 169 -11.46 -15.71 7.57
C VAL C 169 -10.33 -16.46 8.25
N GLU C 170 -10.63 -17.00 9.43
CA GLU C 170 -9.65 -17.80 10.17
C GLU C 170 -9.45 -19.14 9.47
N VAL C 171 -8.19 -19.57 9.39
CA VAL C 171 -7.87 -20.84 8.74
C VAL C 171 -8.24 -22.02 9.61
N LYS C 172 -9.32 -22.69 9.22
CA LYS C 172 -9.89 -23.82 9.95
C LYS C 172 -10.50 -24.74 8.89
N PRO C 173 -10.21 -26.05 8.96
CA PRO C 173 -10.78 -26.99 8.00
C PRO C 173 -12.31 -27.02 8.02
N ALA C 174 -12.90 -27.33 6.88
CA ALA C 174 -14.34 -27.48 6.76
C ALA C 174 -14.70 -28.94 6.95
N ASP C 175 -15.70 -29.22 7.78
CA ASP C 175 -16.21 -30.58 7.96
C ASP C 175 -17.60 -30.71 7.32
N PHE C 176 -17.71 -30.16 6.10
CA PHE C 176 -18.94 -30.15 5.30
C PHE C 176 -18.51 -30.09 3.85
N VAL C 177 -19.35 -30.56 2.93
CA VAL C 177 -18.99 -30.57 1.51
C VAL C 177 -19.45 -29.33 0.74
N VAL C 178 -20.41 -28.58 1.31
CA VAL C 178 -20.71 -27.22 0.82
C VAL C 178 -20.85 -26.28 2.01
N GLY C 179 -20.31 -25.08 1.86
CA GLY C 179 -20.44 -24.06 2.88
C GLY C 179 -21.79 -23.38 2.83
N LYS C 180 -22.29 -23.00 4.01
CA LYS C 180 -23.63 -22.41 4.17
C LYS C 180 -23.61 -20.93 4.53
N ASP C 181 -22.41 -20.36 4.67
CA ASP C 181 -22.24 -18.92 4.82
C ASP C 181 -20.88 -18.57 4.23
N THR C 182 -20.57 -17.29 4.17
CA THR C 182 -19.37 -16.83 3.47
C THR C 182 -18.13 -17.45 4.07
N GLU C 183 -18.06 -17.43 5.40
CA GLU C 183 -16.86 -17.90 6.08
C GLU C 183 -16.66 -19.40 5.80
N GLU C 184 -17.74 -20.17 5.84
CA GLU C 184 -17.67 -21.60 5.54
C GLU C 184 -17.27 -21.85 4.08
N ASN C 185 -17.79 -21.03 3.18
CA ASN C 185 -17.37 -21.08 1.77
C ASN C 185 -15.86 -20.94 1.59
N ILE C 186 -15.30 -19.95 2.27
CA ILE C 186 -13.87 -19.68 2.15
C ILE C 186 -13.07 -20.79 2.83
N ARG C 187 -13.53 -21.28 3.98
CA ARG C 187 -12.79 -22.40 4.62
C ARG C 187 -12.73 -23.59 3.68
N LEU C 188 -13.86 -23.92 3.07
CA LEU C 188 -13.92 -25.06 2.18
C LEU C 188 -13.01 -24.84 0.96
N GLY C 189 -13.05 -23.64 0.38
CA GLY C 189 -12.29 -23.36 -0.84
C GLY C 189 -10.79 -23.29 -0.61
N VAL C 190 -10.41 -22.63 0.46
CA VAL C 190 -9.00 -22.41 0.77
C VAL C 190 -8.34 -23.56 1.51
N VAL C 191 -8.98 -24.02 2.58
CA VAL C 191 -8.32 -25.00 3.45
C VAL C 191 -8.44 -26.39 2.83
N ASN C 192 -9.66 -26.89 2.73
CA ASN C 192 -9.90 -28.19 2.09
C ASN C 192 -9.41 -28.17 0.64
N GLY C 193 -9.70 -27.07 -0.05
CA GLY C 193 -9.30 -26.92 -1.45
C GLY C 193 -7.79 -27.08 -1.64
N SER C 194 -7.01 -26.43 -0.79
CA SER C 194 -5.56 -26.56 -0.89
C SER C 194 -5.09 -27.97 -0.59
N VAL C 195 -5.72 -28.63 0.38
CA VAL C 195 -5.41 -30.04 0.63
C VAL C 195 -5.70 -30.88 -0.60
N TYR C 196 -6.83 -30.63 -1.27
CA TYR C 196 -7.17 -31.38 -2.49
C TYR C 196 -6.18 -31.05 -3.61
N ALA C 197 -5.75 -29.78 -3.66
CA ALA C 197 -4.74 -29.40 -4.67
C ALA C 197 -3.49 -30.22 -4.46
N LEU C 198 -3.07 -30.31 -3.20
CA LEU C 198 -1.87 -31.10 -2.87
C LEU C 198 -2.07 -32.57 -3.19
N GLU C 199 -3.25 -33.10 -2.85
CA GLU C 199 -3.55 -34.50 -3.15
C GLU C 199 -3.45 -34.76 -4.64
N GLY C 200 -3.90 -33.81 -5.46
CA GLY C 200 -3.85 -33.98 -6.91
C GLY C 200 -2.42 -33.98 -7.42
N ILE C 201 -1.62 -33.04 -6.92
CA ILE C 201 -0.24 -32.91 -7.36
C ILE C 201 0.54 -34.15 -6.93
N ILE C 202 0.36 -34.56 -5.68
CA ILE C 202 1.03 -35.76 -5.15
C ILE C 202 0.59 -37.00 -5.92
N GLY C 203 -0.71 -37.10 -6.18
CA GLY C 203 -1.27 -38.24 -6.88
C GLY C 203 -0.64 -38.42 -8.25
N ARG C 204 -0.52 -37.32 -9.00
CA ARG C 204 0.06 -37.40 -10.35
C ARG C 204 1.57 -37.72 -10.29
N ILE C 205 2.26 -37.19 -9.28
CA ILE C 205 3.65 -37.60 -9.04
C ILE C 205 3.75 -39.12 -8.80
N LYS C 206 2.88 -39.65 -7.95
CA LYS C 206 2.91 -41.09 -7.63
C LYS C 206 2.57 -41.96 -8.85
N GLU C 207 1.75 -41.44 -9.76
CA GLU C 207 1.45 -42.15 -11.01
C GLU C 207 2.70 -42.39 -11.86
N VAL C 208 3.63 -41.44 -11.79
CA VAL C 208 4.84 -41.49 -12.60
C VAL C 208 5.97 -42.19 -11.85
N TYR C 209 6.12 -41.88 -10.56
CA TYR C 209 7.28 -42.31 -9.77
C TYR C 209 7.03 -43.44 -8.75
N GLY C 210 5.77 -43.86 -8.61
CA GLY C 210 5.40 -44.86 -7.62
C GLY C 210 4.98 -44.23 -6.30
N ASP C 211 4.56 -45.06 -5.34
CA ASP C 211 3.93 -44.63 -4.07
C ASP C 211 4.91 -44.14 -3.00
N LEU C 212 5.58 -43.02 -3.28
CA LEU C 212 6.63 -42.49 -2.42
C LEU C 212 6.10 -41.99 -1.09
N PRO C 213 6.92 -42.08 -0.03
CA PRO C 213 6.46 -41.55 1.27
C PRO C 213 6.35 -40.04 1.21
N VAL C 214 5.34 -39.53 1.91
CA VAL C 214 5.12 -38.09 2.00
C VAL C 214 5.48 -37.58 3.38
N VAL C 215 6.31 -36.54 3.43
CA VAL C 215 6.69 -35.89 4.68
C VAL C 215 6.00 -34.55 4.72
N LEU C 216 5.41 -34.23 5.87
CA LEU C 216 4.72 -32.96 6.07
C LEU C 216 5.45 -32.12 7.11
N THR C 217 5.59 -30.83 6.83
CA THR C 217 6.22 -29.90 7.76
C THR C 217 5.68 -28.48 7.52
N GLY C 218 6.14 -27.51 8.31
CA GLY C 218 5.77 -26.10 8.10
C GLY C 218 4.88 -25.53 9.19
N GLY C 219 4.98 -24.22 9.40
CA GLY C 219 4.24 -23.56 10.46
C GLY C 219 2.73 -23.60 10.33
N GLN C 220 2.24 -23.90 9.13
CA GLN C 220 0.79 -23.99 8.93
C GLN C 220 0.31 -25.43 8.77
N SER C 221 1.20 -26.41 8.97
CA SER C 221 0.84 -27.80 8.70
C SER C 221 0.00 -28.48 9.77
N LYS C 222 0.18 -28.09 11.05
CA LYS C 222 -0.51 -28.80 12.13
C LYS C 222 -2.03 -28.70 12.02
N ILE C 223 -2.50 -27.57 11.52
CA ILE C 223 -3.95 -27.33 11.34
C ILE C 223 -4.63 -28.36 10.43
N VAL C 224 -3.91 -28.85 9.44
CA VAL C 224 -4.48 -29.70 8.41
C VAL C 224 -3.86 -31.10 8.36
N LYS C 225 -2.90 -31.38 9.24
CA LYS C 225 -2.19 -32.63 9.13
C LYS C 225 -3.12 -33.84 9.14
N ASP C 226 -4.21 -33.74 9.90
CA ASP C 226 -5.10 -34.89 10.04
C ASP C 226 -5.99 -35.10 8.80
N MET C 227 -5.95 -34.16 7.86
CA MET C 227 -6.78 -34.21 6.66
C MET C 227 -6.01 -34.72 5.45
N ILE C 228 -4.70 -34.84 5.56
CA ILE C 228 -3.88 -35.20 4.39
C ILE C 228 -3.08 -36.45 4.73
N LYS C 229 -3.05 -37.39 3.79
CA LYS C 229 -2.30 -38.62 4.01
C LYS C 229 -0.82 -38.32 3.95
N HIS C 230 -0.11 -38.70 5.01
CA HIS C 230 1.33 -38.51 5.04
C HIS C 230 1.94 -39.59 5.91
N GLU C 231 3.20 -39.89 5.64
CA GLU C 231 3.91 -40.98 6.33
C GLU C 231 4.78 -40.48 7.48
N ILE C 232 5.21 -39.21 7.39
CA ILE C 232 6.10 -38.60 8.36
C ILE C 232 5.63 -37.16 8.62
N PHE C 233 5.47 -36.81 9.89
CA PHE C 233 5.20 -35.44 10.30
C PHE C 233 6.38 -34.94 11.11
N ASP C 234 7.10 -33.95 10.58
CA ASP C 234 8.32 -33.48 11.26
C ASP C 234 8.40 -31.97 11.18
N GLU C 235 8.00 -31.31 12.26
CA GLU C 235 7.97 -29.84 12.30
C GLU C 235 9.38 -29.22 12.28
N ASP C 236 10.38 -30.06 12.56
CA ASP C 236 11.76 -29.58 12.61
C ASP C 236 12.55 -29.84 11.33
N LEU C 237 11.90 -30.31 10.29
CA LEU C 237 12.63 -30.69 9.07
C LEU C 237 13.60 -29.60 8.55
N THR C 238 13.12 -28.38 8.38
CA THR C 238 13.98 -27.32 7.80
C THR C 238 15.18 -27.04 8.71
N ILE C 239 14.93 -26.89 10.02
CA ILE C 239 16.02 -26.62 10.96
C ILE C 239 17.00 -27.79 10.98
N LYS C 240 16.47 -29.02 10.92
CA LYS C 240 17.34 -30.22 10.79
C LYS C 240 18.25 -30.13 9.56
N GLY C 241 17.68 -29.69 8.44
CA GLY C 241 18.46 -29.53 7.22
C GLY C 241 19.54 -28.48 7.36
N VAL C 242 19.23 -27.40 8.08
CA VAL C 242 20.24 -26.36 8.33
C VAL C 242 21.38 -26.97 9.12
N TYR C 243 21.03 -27.70 10.19
CA TYR C 243 22.05 -28.38 10.99
C TYR C 243 22.90 -29.31 10.13
N HIS C 244 22.28 -30.17 9.34
CA HIS C 244 23.04 -31.16 8.58
C HIS C 244 23.94 -30.49 7.55
N PHE C 245 23.39 -29.50 6.85
CA PHE C 245 24.15 -28.82 5.81
C PHE C 245 25.38 -28.13 6.38
N CYS C 246 25.19 -27.42 7.50
CA CYS C 246 26.24 -26.56 8.05
C CYS C 246 27.22 -27.29 8.96
N PHE C 247 26.70 -28.26 9.72
CA PHE C 247 27.48 -28.89 10.80
C PHE C 247 27.55 -30.41 10.75
N GLY C 248 26.96 -30.97 9.69
CA GLY C 248 27.14 -32.39 9.34
C GLY C 248 26.53 -33.32 10.36
N MET D 1 -42.47 -6.54 -30.71
CA MET D 1 -41.11 -5.91 -30.67
C MET D 1 -40.16 -6.47 -29.62
N ASP D 2 -38.93 -5.97 -29.70
CA ASP D 2 -37.78 -6.59 -29.07
C ASP D 2 -36.94 -5.53 -28.36
N PRO D 3 -37.42 -5.06 -27.19
CA PRO D 3 -36.74 -3.98 -26.49
C PRO D 3 -35.30 -4.36 -26.14
N MET D 4 -34.40 -3.39 -26.25
CA MET D 4 -32.99 -3.61 -25.91
C MET D 4 -32.72 -3.36 -24.44
N TYR D 5 -32.04 -4.31 -23.81
CA TYR D 5 -31.70 -4.21 -22.40
C TYR D 5 -30.21 -4.17 -22.28
N LEU D 6 -29.74 -3.32 -21.36
CA LEU D 6 -28.32 -3.30 -20.97
C LEU D 6 -28.18 -4.11 -19.69
N LEU D 7 -27.25 -5.07 -19.70
CA LEU D 7 -27.01 -5.96 -18.55
C LEU D 7 -25.61 -5.69 -18.07
N VAL D 8 -25.47 -5.56 -16.75
CA VAL D 8 -24.17 -5.20 -16.17
C VAL D 8 -23.79 -6.21 -15.12
N ASP D 9 -22.56 -6.69 -15.18
CA ASP D 9 -21.98 -7.54 -14.13
C ASP D 9 -20.77 -6.81 -13.58
N VAL D 10 -20.91 -6.21 -12.40
CA VAL D 10 -19.82 -5.44 -11.79
C VAL D 10 -19.03 -6.38 -10.89
N GLY D 11 -17.86 -6.78 -11.37
CA GLY D 11 -16.93 -7.62 -10.62
C GLY D 11 -15.83 -6.80 -9.97
N ASN D 12 -15.04 -7.45 -9.12
CA ASN D 12 -13.99 -6.76 -8.40
C ASN D 12 -12.89 -6.23 -9.30
N THR D 13 -12.62 -6.90 -10.41
CA THR D 13 -11.60 -6.35 -11.32
C THR D 13 -12.20 -5.82 -12.64
N HIS D 14 -13.17 -6.55 -13.18
CA HIS D 14 -13.79 -6.15 -14.44
C HIS D 14 -15.30 -6.03 -14.34
N SER D 15 -15.86 -5.14 -15.14
CA SER D 15 -17.30 -4.96 -15.26
C SER D 15 -17.68 -5.28 -16.70
N VAL D 16 -18.61 -6.21 -16.84
CA VAL D 16 -19.12 -6.62 -18.15
C VAL D 16 -20.40 -5.86 -18.45
N PHE D 17 -20.45 -5.28 -19.65
CA PHE D 17 -21.64 -4.59 -20.14
C PHE D 17 -22.10 -5.32 -21.38
N SER D 18 -23.38 -5.68 -21.41
CA SER D 18 -23.90 -6.49 -22.49
C SER D 18 -25.28 -6.02 -22.92
N ILE D 19 -25.53 -6.02 -24.23
CA ILE D 19 -26.85 -5.67 -24.72
C ILE D 19 -27.50 -6.86 -25.38
N THR D 20 -28.81 -6.94 -25.19
CA THR D 20 -29.60 -7.99 -25.82
C THR D 20 -30.96 -7.41 -26.19
N GLU D 21 -31.54 -7.97 -27.25
CA GLU D 21 -32.89 -7.59 -27.68
C GLU D 21 -33.87 -8.74 -27.50
N ASP D 22 -33.39 -9.87 -27.01
CA ASP D 22 -34.25 -11.05 -26.86
C ASP D 22 -33.91 -11.96 -25.68
N GLY D 23 -32.80 -11.71 -25.01
CA GLY D 23 -32.33 -12.58 -23.94
C GLY D 23 -31.80 -13.92 -24.43
N LYS D 24 -31.47 -13.99 -25.72
CA LYS D 24 -30.99 -15.22 -26.36
C LYS D 24 -29.59 -15.00 -26.93
N THR D 25 -29.40 -13.87 -27.61
CA THR D 25 -28.09 -13.50 -28.10
C THR D 25 -27.63 -12.20 -27.44
N PHE D 26 -26.34 -12.13 -27.16
CA PHE D 26 -25.77 -11.06 -26.35
C PHE D 26 -24.53 -10.51 -27.03
N ARG D 27 -24.43 -9.19 -27.09
CA ARG D 27 -23.20 -8.52 -27.47
C ARG D 27 -22.56 -8.06 -26.17
N ARG D 28 -21.26 -8.27 -26.02
CA ARG D 28 -20.65 -7.94 -24.73
C ARG D 28 -19.32 -7.20 -24.84
N TRP D 29 -19.09 -6.32 -23.87
CA TRP D 29 -17.83 -5.58 -23.71
C TRP D 29 -17.43 -5.72 -22.26
N ARG D 30 -16.15 -5.46 -22.00
CA ARG D 30 -15.62 -5.58 -20.65
C ARG D 30 -14.74 -4.37 -20.38
N LEU D 31 -14.92 -3.77 -19.22
CA LEU D 31 -14.11 -2.64 -18.79
C LEU D 31 -13.53 -2.96 -17.42
N SER D 32 -12.51 -2.22 -17.03
CA SER D 32 -12.02 -2.31 -15.67
C SER D 32 -13.03 -1.68 -14.75
N THR D 33 -13.19 -2.25 -13.57
CA THR D 33 -14.08 -1.65 -12.59
C THR D 33 -13.49 -0.33 -12.07
N GLY D 34 -12.17 -0.27 -11.95
CA GLY D 34 -11.50 0.97 -11.56
C GLY D 34 -11.84 1.39 -10.14
N VAL D 35 -11.51 2.64 -9.80
CA VAL D 35 -11.83 3.21 -8.48
C VAL D 35 -12.14 4.70 -8.69
N PHE D 36 -13.22 5.16 -8.05
CA PHE D 36 -13.69 6.55 -8.17
C PHE D 36 -14.22 6.91 -9.55
N GLN D 37 -14.55 5.91 -10.39
CA GLN D 37 -15.21 6.20 -11.66
C GLN D 37 -16.50 6.96 -11.43
N THR D 38 -16.86 7.79 -12.40
CA THR D 38 -18.07 8.59 -12.35
C THR D 38 -19.00 8.10 -13.46
N GLU D 39 -20.26 8.53 -13.38
CA GLU D 39 -21.25 8.25 -14.42
C GLU D 39 -20.83 8.80 -15.78
N ASP D 40 -20.18 9.98 -15.80
CA ASP D 40 -19.75 10.55 -17.07
C ASP D 40 -18.58 9.79 -17.66
N GLU D 41 -17.71 9.32 -16.78
CA GLU D 41 -16.58 8.50 -17.20
C GLU D 41 -17.07 7.16 -17.81
N LEU D 42 -18.08 6.57 -17.17
CA LEU D 42 -18.69 5.34 -17.69
C LEU D 42 -19.29 5.58 -19.08
N PHE D 43 -20.10 6.63 -19.22
CA PHE D 43 -20.68 6.97 -20.52
C PHE D 43 -19.60 7.15 -21.58
N SER D 44 -18.54 7.87 -21.21
CA SER D 44 -17.49 8.19 -22.17
C SER D 44 -16.80 6.89 -22.63
N HIS D 45 -16.60 5.95 -21.71
CA HIS D 45 -16.02 4.67 -22.11
C HIS D 45 -16.93 3.84 -22.99
N LEU D 46 -18.23 3.85 -22.67
CA LEU D 46 -19.17 3.01 -23.42
C LEU D 46 -19.55 3.61 -24.77
N HIS D 47 -19.38 4.92 -24.93
CA HIS D 47 -19.89 5.62 -26.10
C HIS D 47 -19.38 5.04 -27.42
N PRO D 48 -18.06 4.87 -27.57
CA PRO D 48 -17.59 4.34 -28.86
C PRO D 48 -17.78 2.83 -29.02
N LEU D 49 -18.15 2.17 -27.93
CA LEU D 49 -18.35 0.72 -27.93
C LEU D 49 -19.77 0.41 -28.35
N LEU D 50 -20.73 1.03 -27.69
CA LEU D 50 -22.14 0.78 -27.98
C LEU D 50 -22.61 1.50 -29.23
N GLY D 51 -22.02 2.67 -29.50
CA GLY D 51 -22.38 3.45 -30.66
C GLY D 51 -23.85 3.83 -30.64
N ASP D 52 -24.51 3.66 -31.79
CA ASP D 52 -25.91 4.04 -31.94
C ASP D 52 -26.85 3.19 -31.09
N ALA D 53 -26.40 2.01 -30.68
CA ALA D 53 -27.22 1.11 -29.86
C ALA D 53 -27.52 1.72 -28.50
N MET D 54 -26.67 2.63 -28.05
CA MET D 54 -26.85 3.34 -26.78
C MET D 54 -28.25 3.92 -26.63
N ARG D 55 -28.74 4.56 -27.69
CA ARG D 55 -30.01 5.28 -27.67
C ARG D 55 -31.24 4.38 -27.54
N GLU D 56 -31.04 3.09 -27.77
CA GLU D 56 -32.15 2.13 -27.84
C GLU D 56 -32.46 1.40 -26.53
N ILE D 57 -31.60 1.60 -25.53
CA ILE D 57 -31.69 0.89 -24.25
C ILE D 57 -32.95 1.29 -23.50
N LYS D 58 -33.75 0.29 -23.10
CA LYS D 58 -35.04 0.49 -22.44
C LYS D 58 -35.08 0.04 -20.98
N GLY D 59 -34.07 -0.71 -20.56
CA GLY D 59 -33.98 -1.16 -19.18
C GLY D 59 -32.53 -1.52 -18.90
N ILE D 60 -32.16 -1.40 -17.63
CA ILE D 60 -30.80 -1.69 -17.18
C ILE D 60 -30.88 -2.62 -15.99
N GLY D 61 -30.22 -3.77 -16.10
CA GLY D 61 -30.19 -4.74 -15.01
C GLY D 61 -28.74 -4.92 -14.57
N VAL D 62 -28.54 -5.09 -13.26
CA VAL D 62 -27.16 -5.12 -12.72
C VAL D 62 -27.00 -6.18 -11.63
N ALA D 63 -25.95 -6.97 -11.77
CA ALA D 63 -25.41 -7.75 -10.66
C ALA D 63 -24.12 -7.05 -10.23
N SER D 64 -23.99 -6.73 -8.95
CA SER D 64 -22.76 -6.09 -8.48
C SER D 64 -22.26 -6.69 -7.20
N VAL D 65 -20.95 -6.94 -7.17
CA VAL D 65 -20.30 -7.36 -5.93
C VAL D 65 -19.32 -6.31 -5.42
N VAL D 66 -19.48 -5.07 -5.88
CA VAL D 66 -18.62 -3.96 -5.46
C VAL D 66 -19.56 -2.82 -5.03
N PRO D 67 -20.03 -2.85 -3.78
CA PRO D 67 -21.01 -1.85 -3.33
C PRO D 67 -20.65 -0.39 -3.59
N THR D 68 -19.38 -0.02 -3.47
CA THR D 68 -19.01 1.39 -3.73
C THR D 68 -19.32 1.82 -5.17
N GLN D 69 -19.34 0.86 -6.11
CA GLN D 69 -19.59 1.18 -7.52
C GLN D 69 -21.07 1.37 -7.84
N ASN D 70 -21.93 0.96 -6.92
CA ASN D 70 -23.37 0.96 -7.21
C ASN D 70 -23.93 2.35 -7.42
N THR D 71 -23.44 3.34 -6.70
CA THR D 71 -23.94 4.70 -6.89
C THR D 71 -23.64 5.21 -8.30
N VAL D 72 -22.49 4.80 -8.83
CA VAL D 72 -22.07 5.23 -10.16
C VAL D 72 -23.01 4.63 -11.21
N ILE D 73 -23.29 3.35 -11.07
CA ILE D 73 -24.20 2.68 -12.00
C ILE D 73 -25.60 3.31 -11.91
N GLU D 74 -26.04 3.61 -10.68
CA GLU D 74 -27.36 4.22 -10.47
C GLU D 74 -27.41 5.60 -11.15
N ARG D 75 -26.38 6.41 -10.92
CA ARG D 75 -26.34 7.76 -11.51
C ARG D 75 -26.20 7.76 -13.03
N PHE D 76 -25.46 6.79 -13.57
CA PHE D 76 -25.32 6.64 -15.01
C PHE D 76 -26.70 6.32 -15.62
N SER D 77 -27.39 5.37 -15.01
CA SER D 77 -28.72 4.94 -15.48
C SER D 77 -29.69 6.12 -15.45
N GLN D 78 -29.72 6.82 -14.33
CA GLN D 78 -30.65 7.95 -14.17
C GLN D 78 -30.30 9.12 -15.09
N LYS D 79 -29.02 9.49 -15.14
CA LYS D 79 -28.63 10.67 -15.92
C LYS D 79 -28.84 10.46 -17.41
N TYR D 80 -28.43 9.30 -17.90
CA TYR D 80 -28.38 9.08 -19.34
C TYR D 80 -29.63 8.39 -19.92
N PHE D 81 -30.40 7.74 -19.05
CA PHE D 81 -31.53 6.97 -19.52
C PHE D 81 -32.79 7.30 -18.75
N HIS D 82 -32.65 8.11 -17.70
CA HIS D 82 -33.81 8.51 -16.89
C HIS D 82 -34.58 7.30 -16.39
N ILE D 83 -33.82 6.25 -16.03
CA ILE D 83 -34.38 5.08 -15.38
C ILE D 83 -33.48 4.63 -14.25
N SER D 84 -34.04 3.89 -13.31
CA SER D 84 -33.26 3.26 -12.25
C SER D 84 -32.94 1.82 -12.66
N PRO D 85 -31.73 1.34 -12.33
CA PRO D 85 -31.43 -0.04 -12.63
C PRO D 85 -32.20 -0.98 -11.75
N ILE D 86 -32.33 -2.21 -12.22
CA ILE D 86 -32.89 -3.29 -11.43
C ILE D 86 -31.72 -4.11 -10.91
N TRP D 87 -31.68 -4.33 -9.59
CA TRP D 87 -30.53 -4.96 -8.94
C TRP D 87 -30.80 -6.42 -8.61
N VAL D 88 -29.89 -7.29 -9.06
CA VAL D 88 -30.01 -8.72 -8.79
C VAL D 88 -29.70 -8.94 -7.33
N LYS D 89 -30.58 -9.69 -6.67
CA LYS D 89 -30.34 -10.10 -5.30
C LYS D 89 -31.11 -11.38 -5.04
N ALA D 90 -30.74 -12.11 -3.99
CA ALA D 90 -31.47 -13.32 -3.62
C ALA D 90 -32.87 -12.94 -3.17
N LYS D 91 -33.87 -13.60 -3.76
CA LYS D 91 -35.24 -13.44 -3.32
C LYS D 91 -35.98 -14.75 -3.56
N ASN D 92 -37.08 -14.93 -2.85
CA ASN D 92 -37.93 -16.10 -3.04
C ASN D 92 -38.64 -16.05 -4.39
N GLY D 93 -38.83 -17.21 -5.01
CA GLY D 93 -39.36 -17.28 -6.37
C GLY D 93 -38.93 -18.56 -7.07
N CYS D 94 -38.26 -18.41 -8.22
CA CYS D 94 -37.82 -19.58 -8.99
C CYS D 94 -36.71 -20.38 -8.30
N VAL D 95 -36.10 -19.78 -7.28
CA VAL D 95 -35.03 -20.40 -6.51
C VAL D 95 -35.36 -20.38 -5.01
N LYS D 96 -35.14 -21.51 -4.34
CA LYS D 96 -35.15 -21.57 -2.88
C LYS D 96 -33.72 -21.41 -2.40
N TRP D 97 -33.52 -20.70 -1.29
CA TRP D 97 -32.18 -20.32 -0.84
C TRP D 97 -31.80 -20.95 0.51
N ASN D 98 -31.32 -22.18 0.45
CA ASN D 98 -31.05 -23.00 1.61
C ASN D 98 -29.65 -22.76 2.19
N VAL D 99 -29.39 -21.50 2.54
CA VAL D 99 -28.14 -21.11 3.22
C VAL D 99 -28.49 -20.19 4.39
N LYS D 100 -27.50 -19.88 5.22
CA LYS D 100 -27.76 -19.16 6.48
C LYS D 100 -28.26 -17.74 6.27
N ASN D 101 -27.63 -17.02 5.36
CA ASN D 101 -28.03 -15.65 5.06
C ASN D 101 -27.98 -15.40 3.55
N PRO D 102 -29.09 -15.70 2.86
CA PRO D 102 -29.12 -15.53 1.41
C PRO D 102 -28.78 -14.11 0.97
N SER D 103 -29.09 -13.10 1.79
CA SER D 103 -28.76 -11.71 1.45
C SER D 103 -27.25 -11.44 1.30
N GLU D 104 -26.44 -12.34 1.84
CA GLU D 104 -24.99 -12.18 1.77
C GLU D 104 -24.36 -12.84 0.54
N VAL D 105 -25.14 -13.65 -0.15
CA VAL D 105 -24.66 -14.33 -1.36
C VAL D 105 -24.37 -13.27 -2.42
N GLY D 106 -23.19 -13.37 -3.03
CA GLY D 106 -22.82 -12.44 -4.07
C GLY D 106 -23.84 -12.43 -5.22
N ALA D 107 -24.13 -11.22 -5.72
CA ALA D 107 -25.14 -11.07 -6.77
C ALA D 107 -24.75 -11.80 -8.05
N ASP D 108 -23.44 -11.93 -8.32
CA ASP D 108 -22.99 -12.69 -9.47
C ASP D 108 -23.36 -14.17 -9.32
N ARG D 109 -23.21 -14.72 -8.11
CA ARG D 109 -23.58 -16.11 -7.82
C ARG D 109 -25.09 -16.30 -7.96
N VAL D 110 -25.86 -15.35 -7.42
CA VAL D 110 -27.32 -15.34 -7.58
C VAL D 110 -27.68 -15.38 -9.07
N ALA D 111 -27.09 -14.48 -9.86
CA ALA D 111 -27.32 -14.46 -11.30
C ALA D 111 -26.99 -15.83 -11.95
N ASN D 112 -25.87 -16.42 -11.54
CA ASN D 112 -25.47 -17.70 -12.12
C ASN D 112 -26.52 -18.78 -11.86
N VAL D 113 -27.02 -18.80 -10.64
CA VAL D 113 -28.00 -19.81 -10.22
C VAL D 113 -29.34 -19.59 -10.93
N VAL D 114 -29.78 -18.33 -11.00
CA VAL D 114 -31.00 -17.99 -11.78
C VAL D 114 -30.87 -18.44 -13.24
N ALA D 115 -29.75 -18.13 -13.88
CA ALA D 115 -29.53 -18.53 -15.29
C ALA D 115 -29.55 -20.03 -15.43
N PHE D 116 -28.91 -20.72 -14.48
CA PHE D 116 -28.84 -22.18 -14.55
C PHE D 116 -30.24 -22.81 -14.47
N VAL D 117 -31.05 -22.36 -13.52
CA VAL D 117 -32.38 -22.94 -13.36
C VAL D 117 -33.31 -22.59 -14.52
N LYS D 118 -33.10 -21.41 -15.11
CA LYS D 118 -33.92 -20.97 -16.26
C LYS D 118 -33.55 -21.68 -17.56
N GLU D 119 -32.27 -22.00 -17.74
CA GLU D 119 -31.80 -22.46 -19.05
C GLU D 119 -31.35 -23.91 -19.11
N TYR D 120 -30.88 -24.45 -17.99
CA TYR D 120 -30.14 -25.71 -17.99
C TYR D 120 -30.74 -26.84 -17.19
N GLY D 121 -31.24 -26.55 -16.00
CA GLY D 121 -31.92 -27.57 -15.20
C GLY D 121 -32.04 -27.24 -13.74
N LYS D 122 -32.53 -28.22 -12.97
CA LYS D 122 -32.79 -28.05 -11.55
C LYS D 122 -31.65 -28.53 -10.65
N ASN D 123 -30.68 -29.23 -11.24
CA ASN D 123 -29.59 -29.85 -10.50
C ASN D 123 -28.27 -29.59 -11.18
N GLY D 124 -27.32 -28.99 -10.48
CA GLY D 124 -26.04 -28.72 -11.11
C GLY D 124 -25.03 -28.11 -10.18
N ILE D 125 -23.79 -28.13 -10.62
CA ILE D 125 -22.70 -27.48 -9.90
C ILE D 125 -22.11 -26.43 -10.83
N ILE D 126 -22.04 -25.19 -10.36
CA ILE D 126 -21.58 -24.07 -11.19
C ILE D 126 -20.20 -23.63 -10.71
N ILE D 127 -19.24 -23.60 -11.65
CA ILE D 127 -17.89 -23.13 -11.37
C ILE D 127 -17.70 -21.83 -12.14
N ASP D 128 -17.41 -20.75 -11.40
CA ASP D 128 -17.23 -19.44 -12.01
C ASP D 128 -15.83 -18.94 -11.66
N MET D 129 -14.95 -18.95 -12.65
CA MET D 129 -13.55 -18.58 -12.44
C MET D 129 -13.32 -17.12 -12.77
N GLY D 130 -13.37 -16.29 -11.72
CA GLY D 130 -13.17 -14.85 -11.86
C GLY D 130 -12.12 -14.36 -10.87
N THR D 131 -12.30 -13.15 -10.35
CA THR D 131 -11.36 -12.60 -9.36
C THR D 131 -11.15 -13.63 -8.25
N ALA D 132 -12.27 -14.15 -7.75
CA ALA D 132 -12.31 -15.38 -6.98
C ALA D 132 -12.93 -16.44 -7.85
N THR D 133 -12.66 -17.70 -7.53
CA THR D 133 -13.36 -18.80 -8.16
C THR D 133 -14.43 -19.31 -7.21
N THR D 134 -15.67 -19.34 -7.68
CA THR D 134 -16.77 -19.82 -6.84
C THR D 134 -17.30 -21.16 -7.31
N VAL D 135 -17.76 -21.96 -6.37
CA VAL D 135 -18.51 -23.19 -6.64
C VAL D 135 -19.88 -23.00 -6.04
N ASP D 136 -20.91 -23.30 -6.83
CA ASP D 136 -22.30 -23.10 -6.39
C ASP D 136 -23.08 -24.39 -6.64
N LEU D 137 -23.78 -24.87 -5.62
CA LEU D 137 -24.55 -26.11 -5.74
C LEU D 137 -26.05 -25.80 -5.80
N VAL D 138 -26.71 -26.36 -6.81
CA VAL D 138 -28.17 -26.23 -6.98
C VAL D 138 -28.76 -27.64 -7.00
N VAL D 139 -29.69 -27.91 -6.08
CA VAL D 139 -30.27 -29.24 -5.92
C VAL D 139 -31.79 -29.10 -5.91
N ASN D 140 -32.41 -29.74 -6.90
CA ASN D 140 -33.85 -29.61 -7.15
C ASN D 140 -34.34 -28.16 -7.01
N GLY D 141 -33.66 -27.26 -7.71
CA GLY D 141 -34.04 -25.85 -7.78
C GLY D 141 -33.75 -25.02 -6.53
N SER D 142 -33.01 -25.61 -5.60
CA SER D 142 -32.63 -24.96 -4.34
C SER D 142 -31.14 -24.68 -4.33
N TYR D 143 -30.78 -23.46 -3.94
CA TYR D 143 -29.37 -23.14 -3.77
C TYR D 143 -28.89 -23.70 -2.44
N GLU D 144 -27.86 -24.55 -2.49
CA GLU D 144 -27.38 -25.23 -1.29
C GLU D 144 -26.10 -24.64 -0.67
N GLY D 145 -25.47 -23.69 -1.36
CA GLY D 145 -24.21 -23.10 -0.91
C GLY D 145 -23.08 -23.50 -1.83
N GLY D 146 -21.87 -23.47 -1.32
CA GLY D 146 -20.71 -23.74 -2.17
C GLY D 146 -19.37 -23.44 -1.54
N ALA D 147 -18.45 -22.99 -2.37
CA ALA D 147 -17.07 -22.70 -1.95
C ALA D 147 -16.58 -21.44 -2.65
N ILE D 148 -15.63 -20.75 -2.01
CA ILE D 148 -14.92 -19.61 -2.59
C ILE D 148 -13.43 -19.89 -2.49
N LEU D 149 -12.76 -19.77 -3.64
CA LEU D 149 -11.30 -19.94 -3.74
C LEU D 149 -10.70 -18.66 -4.32
N PRO D 150 -9.43 -18.35 -4.00
CA PRO D 150 -8.75 -17.27 -4.72
C PRO D 150 -8.71 -17.62 -6.22
N GLY D 151 -8.90 -16.64 -7.09
CA GLY D 151 -8.81 -16.90 -8.52
C GLY D 151 -7.36 -17.09 -8.97
N PHE D 152 -7.17 -17.47 -10.23
CA PHE D 152 -5.80 -17.79 -10.66
C PHE D 152 -4.88 -16.59 -10.53
N PHE D 153 -5.32 -15.45 -11.06
CA PHE D 153 -4.43 -14.29 -11.02
C PHE D 153 -4.19 -13.83 -9.58
N MET D 154 -5.25 -13.86 -8.78
CA MET D 154 -5.13 -13.53 -7.36
C MET D 154 -4.05 -14.39 -6.71
N MET D 155 -4.03 -15.68 -7.05
CA MET D 155 -3.01 -16.57 -6.49
C MET D 155 -1.59 -16.19 -6.92
N VAL D 156 -1.36 -16.03 -8.24
CA VAL D 156 0.02 -15.70 -8.67
C VAL D 156 0.46 -14.36 -8.11
N HIS D 157 -0.45 -13.40 -8.09
CA HIS D 157 -0.13 -12.10 -7.53
C HIS D 157 0.17 -12.18 -6.03
N SER D 158 -0.57 -13.02 -5.31
CA SER D 158 -0.35 -13.13 -3.87
C SER D 158 1.04 -13.71 -3.58
N LEU D 159 1.48 -14.64 -4.43
CA LEU D 159 2.83 -15.24 -4.27
C LEU D 159 3.93 -14.22 -4.55
N PHE D 160 3.69 -13.40 -5.58
CA PHE D 160 4.62 -12.32 -5.90
C PHE D 160 4.71 -11.29 -4.78
N ARG D 161 3.58 -10.74 -4.36
CA ARG D 161 3.60 -9.66 -3.37
C ARG D 161 4.01 -10.14 -1.99
N GLY D 162 3.73 -11.41 -1.70
CA GLY D 162 3.86 -11.91 -0.34
C GLY D 162 5.17 -12.61 -0.06
N THR D 163 6.05 -12.64 -1.06
CA THR D 163 7.37 -13.23 -0.82
C THR D 163 8.48 -12.34 -1.39
N ALA D 164 9.69 -12.53 -0.90
CA ALA D 164 10.80 -11.76 -1.40
C ALA D 164 11.25 -12.24 -2.77
N LYS D 165 11.31 -13.57 -2.96
CA LYS D 165 12.02 -14.12 -4.10
C LYS D 165 11.18 -14.46 -5.32
N LEU D 166 9.87 -14.60 -5.15
CA LEU D 166 9.05 -15.14 -6.25
C LEU D 166 8.62 -14.04 -7.20
N PRO D 167 8.70 -14.33 -8.51
CA PRO D 167 8.23 -13.41 -9.54
C PRO D 167 6.75 -13.52 -9.74
N LEU D 168 6.20 -12.55 -10.47
CA LEU D 168 4.84 -12.63 -10.94
C LEU D 168 4.80 -13.48 -12.19
N VAL D 169 4.13 -14.62 -12.09
CA VAL D 169 4.08 -15.62 -13.15
C VAL D 169 2.77 -15.53 -13.97
N GLU D 170 2.90 -15.73 -15.29
CA GLU D 170 1.74 -15.74 -16.18
C GLU D 170 0.92 -17.01 -15.93
N VAL D 171 -0.40 -16.87 -15.97
CA VAL D 171 -1.29 -18.00 -15.72
C VAL D 171 -1.36 -18.87 -16.97
N LYS D 172 -0.71 -20.02 -16.89
CA LYS D 172 -0.60 -20.97 -18.00
C LYS D 172 -0.54 -22.37 -17.36
N PRO D 173 -1.35 -23.32 -17.85
CA PRO D 173 -1.31 -24.67 -17.28
C PRO D 173 0.07 -25.31 -17.41
N ALA D 174 0.42 -26.15 -16.43
CA ALA D 174 1.60 -27.02 -16.55
C ALA D 174 1.28 -28.30 -17.34
N ASP D 175 2.20 -28.66 -18.23
CA ASP D 175 2.12 -29.93 -18.91
C ASP D 175 3.23 -30.87 -18.45
N PHE D 176 3.52 -30.83 -17.16
CA PHE D 176 4.59 -31.61 -16.54
C PHE D 176 4.16 -31.99 -15.12
N VAL D 177 4.76 -33.06 -14.59
CA VAL D 177 4.36 -33.61 -13.30
C VAL D 177 5.02 -32.88 -12.11
N VAL D 178 6.23 -32.37 -12.35
CA VAL D 178 6.92 -31.48 -11.41
C VAL D 178 7.58 -30.35 -12.18
N GLY D 179 7.55 -29.16 -11.60
CA GLY D 179 8.21 -28.01 -12.21
C GLY D 179 9.71 -28.08 -12.03
N LYS D 180 10.41 -27.63 -13.07
CA LYS D 180 11.87 -27.66 -13.12
C LYS D 180 12.55 -26.28 -12.97
N ASP D 181 11.72 -25.24 -12.84
CA ASP D 181 12.18 -23.90 -12.47
C ASP D 181 11.07 -23.21 -11.69
N THR D 182 11.35 -22.02 -11.17
CA THR D 182 10.38 -21.31 -10.31
C THR D 182 9.04 -21.08 -11.00
N GLU D 183 9.10 -20.61 -12.24
CA GLU D 183 7.88 -20.29 -12.98
C GLU D 183 7.04 -21.55 -13.16
N GLU D 184 7.68 -22.65 -13.54
CA GLU D 184 6.99 -23.92 -13.71
C GLU D 184 6.38 -24.41 -12.40
N ASN D 185 7.12 -24.21 -11.31
CA ASN D 185 6.65 -24.61 -9.98
C ASN D 185 5.34 -23.90 -9.64
N ILE D 186 5.30 -22.60 -9.92
CA ILE D 186 4.11 -21.79 -9.60
C ILE D 186 2.94 -22.14 -10.55
N ARG D 187 3.21 -22.35 -11.83
CA ARG D 187 2.15 -22.75 -12.75
C ARG D 187 1.49 -24.05 -12.26
N LEU D 188 2.32 -25.02 -11.91
CA LEU D 188 1.80 -26.31 -11.43
C LEU D 188 0.99 -26.14 -10.14
N GLY D 189 1.52 -25.34 -9.21
CA GLY D 189 0.87 -25.15 -7.91
C GLY D 189 -0.44 -24.39 -8.02
N VAL D 190 -0.43 -23.32 -8.79
CA VAL D 190 -1.60 -22.45 -8.87
C VAL D 190 -2.62 -22.92 -9.91
N VAL D 191 -2.18 -23.21 -11.13
CA VAL D 191 -3.14 -23.48 -12.20
C VAL D 191 -3.64 -24.92 -12.09
N ASN D 192 -2.74 -25.88 -12.28
CA ASN D 192 -3.14 -27.29 -12.13
C ASN D 192 -3.68 -27.52 -10.72
N GLY D 193 -3.03 -26.91 -9.72
CA GLY D 193 -3.43 -27.11 -8.33
C GLY D 193 -4.87 -26.65 -8.08
N SER D 194 -5.22 -25.48 -8.61
CA SER D 194 -6.59 -24.97 -8.43
C SER D 194 -7.60 -25.86 -9.14
N VAL D 195 -7.24 -26.37 -10.32
CA VAL D 195 -8.11 -27.36 -10.98
C VAL D 195 -8.28 -28.59 -10.10
N TYR D 196 -7.18 -29.10 -9.52
CA TYR D 196 -7.31 -30.25 -8.62
C TYR D 196 -8.15 -29.93 -7.39
N ALA D 197 -8.02 -28.70 -6.89
CA ALA D 197 -8.81 -28.27 -5.72
C ALA D 197 -10.29 -28.38 -6.08
N LEU D 198 -10.62 -27.85 -7.26
CA LEU D 198 -12.02 -27.88 -7.74
C LEU D 198 -12.51 -29.29 -7.93
N GLU D 199 -11.66 -30.15 -8.52
CA GLU D 199 -12.04 -31.55 -8.75
C GLU D 199 -12.30 -32.24 -7.42
N GLY D 200 -11.53 -31.88 -6.38
CA GLY D 200 -11.72 -32.50 -5.06
C GLY D 200 -13.02 -32.01 -4.43
N ILE D 201 -13.30 -30.71 -4.55
CA ILE D 201 -14.54 -30.17 -3.99
C ILE D 201 -15.76 -30.75 -4.72
N ILE D 202 -15.70 -30.76 -6.05
CA ILE D 202 -16.79 -31.27 -6.89
C ILE D 202 -17.00 -32.77 -6.63
N GLY D 203 -15.90 -33.51 -6.54
CA GLY D 203 -15.97 -34.95 -6.33
C GLY D 203 -16.67 -35.30 -5.03
N ARG D 204 -16.35 -34.54 -3.97
CA ARG D 204 -16.94 -34.78 -2.66
C ARG D 204 -18.41 -34.37 -2.64
N ILE D 205 -18.75 -33.31 -3.37
CA ILE D 205 -20.18 -32.98 -3.56
C ILE D 205 -20.95 -34.09 -4.26
N LYS D 206 -20.39 -34.60 -5.37
CA LYS D 206 -21.05 -35.70 -6.10
C LYS D 206 -21.21 -36.96 -5.24
N GLU D 207 -20.29 -37.20 -4.31
CA GLU D 207 -20.42 -38.37 -3.42
C GLU D 207 -21.67 -38.27 -2.55
N VAL D 208 -22.02 -37.06 -2.16
CA VAL D 208 -23.17 -36.81 -1.29
C VAL D 208 -24.47 -36.61 -2.08
N TYR D 209 -24.38 -35.88 -3.19
CA TYR D 209 -25.56 -35.45 -3.94
C TYR D 209 -25.82 -36.19 -5.26
N GLY D 210 -24.86 -37.00 -5.71
CA GLY D 210 -24.98 -37.69 -7.00
C GLY D 210 -24.25 -37.01 -8.13
N ASP D 211 -24.32 -37.59 -9.32
CA ASP D 211 -23.53 -37.14 -10.48
C ASP D 211 -24.14 -35.95 -11.25
N LEU D 212 -24.13 -34.79 -10.61
CA LEU D 212 -24.78 -33.59 -11.16
C LEU D 212 -23.95 -32.96 -12.28
N PRO D 213 -24.62 -32.37 -13.28
CA PRO D 213 -23.86 -31.69 -14.35
C PRO D 213 -23.08 -30.50 -13.82
N VAL D 214 -21.89 -30.28 -14.39
CA VAL D 214 -21.02 -29.17 -14.04
C VAL D 214 -21.03 -28.16 -15.17
N VAL D 215 -21.26 -26.90 -14.81
CA VAL D 215 -21.19 -25.78 -15.75
C VAL D 215 -19.99 -24.92 -15.40
N LEU D 216 -19.26 -24.50 -16.43
CA LEU D 216 -18.08 -23.67 -16.29
C LEU D 216 -18.33 -22.32 -16.91
N THR D 217 -17.94 -21.28 -16.19
CA THR D 217 -18.03 -19.92 -16.70
C THR D 217 -16.94 -19.07 -16.06
N GLY D 218 -16.88 -17.79 -16.44
CA GLY D 218 -15.94 -16.83 -15.83
C GLY D 218 -14.82 -16.42 -16.75
N GLY D 219 -14.29 -15.21 -16.51
CA GLY D 219 -13.24 -14.63 -17.37
C GLY D 219 -11.92 -15.38 -17.41
N GLN D 220 -11.67 -16.18 -16.37
CA GLN D 220 -10.44 -16.97 -16.31
C GLN D 220 -10.67 -18.44 -16.65
N SER D 221 -11.87 -18.80 -17.10
CA SER D 221 -12.20 -20.20 -17.34
C SER D 221 -11.65 -20.79 -18.63
N LYS D 222 -11.52 -19.97 -19.68
CA LYS D 222 -11.17 -20.55 -20.99
C LYS D 222 -9.79 -21.20 -20.95
N ILE D 223 -8.88 -20.60 -20.20
CA ILE D 223 -7.51 -21.13 -20.11
C ILE D 223 -7.45 -22.58 -19.63
N VAL D 224 -8.37 -22.97 -18.76
CA VAL D 224 -8.35 -24.30 -18.13
C VAL D 224 -9.53 -25.21 -18.50
N LYS D 225 -10.34 -24.78 -19.47
CA LYS D 225 -11.57 -25.50 -19.78
C LYS D 225 -11.33 -26.96 -20.20
N ASP D 226 -10.22 -27.21 -20.87
CA ASP D 226 -9.90 -28.57 -21.30
C ASP D 226 -9.30 -29.44 -20.18
N MET D 227 -9.12 -28.84 -19.00
CA MET D 227 -8.52 -29.54 -17.87
C MET D 227 -9.53 -29.98 -16.83
N ILE D 228 -10.73 -29.40 -16.89
CA ILE D 228 -11.77 -29.71 -15.90
C ILE D 228 -12.94 -30.33 -16.61
N LYS D 229 -13.42 -31.48 -16.11
CA LYS D 229 -14.59 -32.14 -16.66
C LYS D 229 -15.82 -31.28 -16.39
N HIS D 230 -16.56 -31.00 -17.46
CA HIS D 230 -17.78 -30.21 -17.38
C HIS D 230 -18.71 -30.61 -18.51
N GLU D 231 -19.99 -30.34 -18.30
CA GLU D 231 -21.02 -30.70 -19.25
C GLU D 231 -21.47 -29.47 -20.04
N ILE D 232 -21.28 -28.28 -19.46
CA ILE D 232 -21.75 -27.03 -20.05
C ILE D 232 -20.65 -25.98 -19.90
N PHE D 233 -20.33 -25.28 -20.97
CA PHE D 233 -19.41 -24.15 -20.92
C PHE D 233 -20.18 -22.96 -21.44
N ASP D 234 -20.36 -21.94 -20.59
CA ASP D 234 -21.19 -20.82 -20.96
C ASP D 234 -20.62 -19.57 -20.34
N GLU D 235 -19.84 -18.85 -21.15
CA GLU D 235 -19.20 -17.60 -20.70
C GLU D 235 -20.20 -16.50 -20.40
N ASP D 236 -21.43 -16.66 -20.90
CA ASP D 236 -22.47 -15.63 -20.71
C ASP D 236 -23.41 -15.91 -19.53
N LEU D 237 -23.04 -16.88 -18.69
CA LEU D 237 -23.99 -17.34 -17.68
C LEU D 237 -24.45 -16.23 -16.74
N THR D 238 -23.51 -15.43 -16.23
CA THR D 238 -23.87 -14.39 -15.26
C THR D 238 -24.78 -13.33 -15.92
N ILE D 239 -24.37 -12.84 -17.10
CA ILE D 239 -25.18 -11.84 -17.82
C ILE D 239 -26.56 -12.41 -18.15
N LYS D 240 -26.63 -13.68 -18.54
CA LYS D 240 -27.94 -14.33 -18.74
C LYS D 240 -28.80 -14.30 -17.48
N GLY D 241 -28.18 -14.53 -16.32
CA GLY D 241 -28.87 -14.47 -15.04
C GLY D 241 -29.39 -13.09 -14.74
N VAL D 242 -28.61 -12.08 -15.11
CA VAL D 242 -29.03 -10.70 -14.92
C VAL D 242 -30.28 -10.46 -15.77
N TYR D 243 -30.22 -10.89 -17.03
CA TYR D 243 -31.38 -10.74 -17.92
C TYR D 243 -32.60 -11.45 -17.35
N HIS D 244 -32.46 -12.72 -16.97
CA HIS D 244 -33.64 -13.46 -16.49
C HIS D 244 -34.20 -12.84 -15.22
N PHE D 245 -33.31 -12.47 -14.29
CA PHE D 245 -33.78 -11.89 -13.03
C PHE D 245 -34.55 -10.59 -13.25
N CYS D 246 -34.02 -9.74 -14.11
CA CYS D 246 -34.53 -8.37 -14.25
C CYS D 246 -35.67 -8.24 -15.25
N PHE D 247 -35.58 -9.00 -16.34
CA PHE D 247 -36.47 -8.81 -17.50
C PHE D 247 -37.11 -10.09 -17.99
N GLY D 248 -36.86 -11.18 -17.25
CA GLY D 248 -37.33 -12.49 -17.64
C GLY D 248 -38.76 -12.63 -17.16
N MET E 1 -3.41 -18.58 48.80
CA MET E 1 -2.15 -17.92 48.31
C MET E 1 -2.49 -16.58 47.66
N ASP E 2 -1.49 -15.96 47.04
CA ASP E 2 -1.63 -14.62 46.46
C ASP E 2 -2.13 -14.63 45.01
N PRO E 3 -3.28 -13.99 44.76
CA PRO E 3 -3.77 -13.87 43.39
C PRO E 3 -2.89 -12.92 42.56
N MET E 4 -2.71 -13.23 41.29
CA MET E 4 -2.13 -12.28 40.34
C MET E 4 -2.68 -12.55 38.96
N TYR E 5 -3.31 -11.52 38.41
CA TYR E 5 -3.96 -11.59 37.12
C TYR E 5 -3.24 -10.72 36.12
N LEU E 6 -3.06 -11.26 34.93
CA LEU E 6 -2.64 -10.46 33.78
C LEU E 6 -3.87 -10.14 32.96
N LEU E 7 -4.05 -8.86 32.66
CA LEU E 7 -5.20 -8.39 31.90
C LEU E 7 -4.68 -7.80 30.61
N VAL E 8 -5.30 -8.16 29.50
CA VAL E 8 -4.81 -7.79 28.18
C VAL E 8 -5.94 -7.11 27.42
N ASP E 9 -5.64 -5.96 26.83
CA ASP E 9 -6.57 -5.26 25.94
C ASP E 9 -5.86 -5.13 24.58
N VAL E 10 -6.24 -6.00 23.64
CA VAL E 10 -5.64 -5.98 22.32
C VAL E 10 -6.43 -5.05 21.42
N GLY E 11 -5.83 -3.88 21.17
CA GLY E 11 -6.43 -2.89 20.29
C GLY E 11 -5.77 -2.90 18.91
N ASN E 12 -6.36 -2.15 17.98
CA ASN E 12 -5.85 -2.13 16.65
C ASN E 12 -4.43 -1.55 16.51
N THR E 13 -4.12 -0.58 17.38
CA THR E 13 -2.81 0.06 17.36
C THR E 13 -1.95 -0.43 18.50
N HIS E 14 -2.53 -0.43 19.70
CA HIS E 14 -1.78 -0.75 20.89
C HIS E 14 -2.42 -1.90 21.67
N SER E 15 -1.57 -2.65 22.37
CA SER E 15 -2.03 -3.68 23.29
C SER E 15 -1.57 -3.31 24.69
N VAL E 16 -2.52 -3.23 25.62
CA VAL E 16 -2.26 -2.90 27.01
C VAL E 16 -2.17 -4.19 27.81
N PHE E 17 -1.11 -4.29 28.62
CA PHE E 17 -0.91 -5.42 29.53
C PHE E 17 -0.86 -4.86 30.92
N SER E 18 -1.70 -5.40 31.79
CA SER E 18 -1.78 -4.90 33.17
C SER E 18 -1.80 -6.03 34.16
N ILE E 19 -1.14 -5.81 35.29
CA ILE E 19 -1.19 -6.81 36.36
C ILE E 19 -1.90 -6.23 37.57
N THR E 20 -2.68 -7.08 38.22
CA THR E 20 -3.39 -6.71 39.44
C THR E 20 -3.50 -7.92 40.35
N GLU E 21 -3.50 -7.65 41.65
CA GLU E 21 -3.63 -8.73 42.62
C GLU E 21 -5.05 -8.81 43.15
N ASP E 22 -5.82 -7.75 42.93
CA ASP E 22 -7.11 -7.58 43.60
C ASP E 22 -8.19 -6.85 42.79
N GLY E 23 -7.85 -6.43 41.58
CA GLY E 23 -8.76 -5.64 40.75
C GLY E 23 -9.02 -4.23 41.27
N LYS E 24 -8.17 -3.76 42.18
CA LYS E 24 -8.30 -2.42 42.77
C LYS E 24 -7.22 -1.46 42.27
N THR E 25 -5.97 -1.93 42.32
CA THR E 25 -4.85 -1.16 41.79
C THR E 25 -4.23 -1.96 40.67
N PHE E 26 -3.66 -1.24 39.70
CA PHE E 26 -3.19 -1.83 38.47
C PHE E 26 -1.81 -1.26 38.13
N ARG E 27 -0.90 -2.12 37.69
CA ARG E 27 0.33 -1.73 37.02
C ARG E 27 0.10 -1.98 35.53
N ARG E 28 0.56 -1.07 34.70
CA ARG E 28 0.14 -1.01 33.30
C ARG E 28 1.33 -0.79 32.36
N TRP E 29 1.37 -1.55 31.28
CA TRP E 29 2.32 -1.32 30.18
C TRP E 29 1.57 -1.32 28.86
N ARG E 30 2.17 -0.73 27.83
CA ARG E 30 1.54 -0.66 26.52
C ARG E 30 2.56 -1.03 25.46
N LEU E 31 2.18 -1.91 24.54
CA LEU E 31 3.03 -2.28 23.41
C LEU E 31 2.25 -2.03 22.12
N SER E 32 2.95 -1.95 21.00
CA SER E 32 2.28 -1.95 19.70
C SER E 32 1.69 -3.32 19.44
N THR E 33 0.52 -3.34 18.82
CA THR E 33 -0.07 -4.62 18.45
C THR E 33 0.73 -5.25 17.31
N GLY E 34 1.13 -4.43 16.33
CA GLY E 34 2.02 -4.89 15.26
C GLY E 34 1.33 -5.90 14.36
N VAL E 35 2.12 -6.67 13.60
CA VAL E 35 1.63 -7.70 12.69
C VAL E 35 2.60 -8.90 12.67
N PHE E 36 2.03 -10.11 12.60
CA PHE E 36 2.80 -11.36 12.60
C PHE E 36 3.59 -11.62 13.88
N GLN E 37 3.28 -10.89 14.95
CA GLN E 37 3.95 -11.11 16.23
C GLN E 37 3.70 -12.56 16.67
N THR E 38 4.67 -13.13 17.36
CA THR E 38 4.57 -14.48 17.83
C THR E 38 4.51 -14.47 19.36
N GLU E 39 4.19 -15.62 19.93
CA GLU E 39 4.17 -15.74 21.39
C GLU E 39 5.54 -15.52 22.01
N ASP E 40 6.60 -15.95 21.34
CA ASP E 40 7.97 -15.72 21.83
C ASP E 40 8.35 -14.25 21.77
N GLU E 41 7.90 -13.57 20.71
CA GLU E 41 8.10 -12.15 20.58
C GLU E 41 7.40 -11.38 21.70
N LEU E 42 6.16 -11.79 21.99
CA LEU E 42 5.43 -11.17 23.06
C LEU E 42 6.12 -11.37 24.42
N PHE E 43 6.52 -12.62 24.71
CA PHE E 43 7.24 -12.89 25.94
C PHE E 43 8.52 -12.05 26.03
N SER E 44 9.26 -11.99 24.92
CA SER E 44 10.51 -11.26 24.90
C SER E 44 10.29 -9.77 25.22
N HIS E 45 9.22 -9.19 24.69
CA HIS E 45 8.93 -7.79 24.97
C HIS E 45 8.50 -7.57 26.41
N LEU E 46 7.71 -8.50 26.93
CA LEU E 46 7.17 -8.33 28.28
C LEU E 46 8.18 -8.66 29.39
N HIS E 47 9.18 -9.47 29.06
CA HIS E 47 10.12 -9.98 30.07
C HIS E 47 10.77 -8.89 30.93
N PRO E 48 11.41 -7.87 30.30
CA PRO E 48 12.02 -6.83 31.13
C PRO E 48 11.04 -5.86 31.76
N LEU E 49 9.78 -5.91 31.36
CA LEU E 49 8.76 -5.03 31.91
C LEU E 49 8.11 -5.62 33.17
N LEU E 50 7.61 -6.85 33.04
CA LEU E 50 6.96 -7.53 34.15
C LEU E 50 7.96 -8.05 35.18
N GLY E 51 9.18 -8.34 34.73
CA GLY E 51 10.23 -8.83 35.62
C GLY E 51 9.79 -10.02 36.47
N ASP E 52 9.97 -9.91 37.78
CA ASP E 52 9.67 -11.00 38.71
C ASP E 52 8.20 -11.39 38.76
N ALA E 53 7.31 -10.43 38.47
CA ALA E 53 5.87 -10.67 38.50
C ALA E 53 5.43 -11.75 37.51
N MET E 54 6.20 -11.92 36.43
CA MET E 54 5.91 -12.94 35.39
C MET E 54 5.58 -14.29 36.00
N ARG E 55 6.43 -14.78 36.90
CA ARG E 55 6.26 -16.10 37.51
C ARG E 55 5.04 -16.19 38.44
N GLU E 56 4.50 -15.05 38.83
CA GLU E 56 3.42 -15.02 39.82
C GLU E 56 2.03 -15.06 39.18
N ILE E 57 1.98 -14.84 37.87
CA ILE E 57 0.71 -14.74 37.16
C ILE E 57 -0.03 -16.09 37.20
N LYS E 58 -1.30 -16.03 37.62
CA LYS E 58 -2.11 -17.24 37.77
C LYS E 58 -3.35 -17.27 36.88
N GLY E 59 -3.78 -16.11 36.40
CA GLY E 59 -4.91 -16.06 35.47
C GLY E 59 -4.67 -14.99 34.43
N ILE E 60 -5.21 -15.19 33.23
CA ILE E 60 -5.05 -14.24 32.12
C ILE E 60 -6.41 -13.96 31.51
N GLY E 61 -6.79 -12.69 31.45
CA GLY E 61 -8.07 -12.27 30.90
C GLY E 61 -7.82 -11.35 29.72
N VAL E 62 -8.62 -11.46 28.67
CA VAL E 62 -8.31 -10.79 27.41
C VAL E 62 -9.54 -10.17 26.77
N ALA E 63 -9.45 -8.89 26.42
CA ALA E 63 -10.40 -8.29 25.46
C ALA E 63 -9.59 -8.05 24.19
N SER E 64 -10.08 -8.54 23.06
CA SER E 64 -9.39 -8.32 21.79
C SER E 64 -10.33 -7.91 20.68
N VAL E 65 -9.92 -6.89 19.93
CA VAL E 65 -10.65 -6.46 18.73
C VAL E 65 -9.84 -6.71 17.45
N VAL E 66 -8.83 -7.58 17.57
CA VAL E 66 -7.98 -7.97 16.45
C VAL E 66 -7.91 -9.49 16.40
N PRO E 67 -8.89 -10.11 15.72
CA PRO E 67 -9.00 -11.57 15.74
C PRO E 67 -7.71 -12.31 15.35
N THR E 68 -6.95 -11.78 14.41
CA THR E 68 -5.72 -12.46 13.96
C THR E 68 -4.71 -12.62 15.10
N GLN E 69 -4.81 -11.76 16.12
CA GLN E 69 -3.88 -11.80 17.24
C GLN E 69 -4.26 -12.83 18.30
N ASN E 70 -5.47 -13.37 18.21
CA ASN E 70 -5.98 -14.17 19.31
C ASN E 70 -5.24 -15.48 19.51
N THR E 71 -4.84 -16.13 18.41
CA THR E 71 -4.07 -17.38 18.52
C THR E 71 -2.69 -17.12 19.17
N VAL E 72 -2.09 -15.97 18.89
CA VAL E 72 -0.83 -15.57 19.54
C VAL E 72 -1.00 -15.44 21.04
N ILE E 73 -2.08 -14.78 21.47
CA ILE E 73 -2.32 -14.60 22.90
C ILE E 73 -2.58 -15.95 23.57
N GLU E 74 -3.34 -16.82 22.91
CA GLU E 74 -3.61 -18.15 23.44
C GLU E 74 -2.29 -18.93 23.58
N ARG E 75 -1.48 -18.91 22.54
CA ARG E 75 -0.21 -19.66 22.57
C ARG E 75 0.76 -19.12 23.62
N PHE E 76 0.78 -17.81 23.79
CA PHE E 76 1.61 -17.18 24.80
C PHE E 76 1.19 -17.66 26.19
N SER E 77 -0.13 -17.64 26.43
CA SER E 77 -0.68 -18.04 27.75
C SER E 77 -0.37 -19.51 28.02
N GLN E 78 -0.51 -20.35 27.00
CA GLN E 78 -0.24 -21.78 27.17
C GLN E 78 1.26 -22.07 27.35
N LYS E 79 2.08 -21.55 26.45
CA LYS E 79 3.51 -21.89 26.45
C LYS E 79 4.22 -21.38 27.68
N TYR E 80 3.94 -20.13 28.06
CA TYR E 80 4.73 -19.48 29.08
C TYR E 80 4.14 -19.58 30.48
N PHE E 81 2.87 -19.93 30.58
CA PHE E 81 2.20 -19.96 31.89
C PHE E 81 1.41 -21.23 32.13
N HIS E 82 1.19 -22.03 31.08
CA HIS E 82 0.18 -23.09 31.10
C HIS E 82 -1.11 -22.58 31.73
N ILE E 83 -1.62 -21.49 31.16
CA ILE E 83 -2.88 -20.89 31.57
C ILE E 83 -3.82 -20.90 30.38
N SER E 84 -5.10 -21.16 30.65
CA SER E 84 -6.11 -20.97 29.65
C SER E 84 -6.72 -19.59 29.85
N PRO E 85 -6.52 -18.68 28.88
CA PRO E 85 -7.06 -17.32 29.08
C PRO E 85 -8.58 -17.32 29.00
N ILE E 86 -9.19 -16.30 29.64
CA ILE E 86 -10.62 -16.08 29.59
C ILE E 86 -10.83 -14.88 28.68
N TRP E 87 -11.83 -14.99 27.78
CA TRP E 87 -12.05 -14.02 26.70
C TRP E 87 -13.30 -13.21 26.99
N VAL E 88 -13.15 -11.89 26.97
CA VAL E 88 -14.28 -11.00 27.13
C VAL E 88 -15.19 -11.08 25.91
N LYS E 89 -16.50 -11.22 26.16
CA LYS E 89 -17.51 -11.19 25.10
C LYS E 89 -18.85 -10.85 25.73
N ALA E 90 -19.82 -10.45 24.89
CA ALA E 90 -21.14 -10.11 25.41
C ALA E 90 -21.87 -11.39 25.86
N LYS E 91 -22.14 -11.46 27.16
CA LYS E 91 -22.68 -12.65 27.82
C LYS E 91 -23.94 -12.23 28.57
N ASN E 92 -24.97 -13.06 28.50
CA ASN E 92 -26.23 -12.79 29.17
C ASN E 92 -26.08 -13.14 30.65
N GLY E 93 -25.63 -12.18 31.45
CA GLY E 93 -25.42 -12.40 32.89
C GLY E 93 -25.22 -11.26 33.86
N CYS E 94 -25.05 -10.02 33.39
CA CYS E 94 -25.00 -8.85 34.28
C CYS E 94 -25.40 -7.56 33.58
N VAL E 95 -25.04 -7.48 32.30
CA VAL E 95 -25.52 -6.42 31.42
C VAL E 95 -26.50 -7.02 30.43
N LYS E 96 -27.62 -6.35 30.22
CA LYS E 96 -28.52 -6.70 29.13
C LYS E 96 -28.01 -6.03 27.84
N TRP E 97 -27.79 -6.83 26.80
CA TRP E 97 -27.24 -6.31 25.53
C TRP E 97 -28.33 -6.01 24.53
N ASN E 98 -28.93 -4.83 24.66
CA ASN E 98 -30.11 -4.44 23.88
C ASN E 98 -29.71 -3.87 22.53
N VAL E 99 -29.02 -4.68 21.74
CA VAL E 99 -28.63 -4.32 20.36
C VAL E 99 -28.93 -5.52 19.47
N LYS E 100 -28.87 -5.33 18.16
CA LYS E 100 -29.29 -6.38 17.22
C LYS E 100 -28.48 -7.67 17.34
N ASN E 101 -27.17 -7.53 17.50
CA ASN E 101 -26.27 -8.68 17.57
C ASN E 101 -25.14 -8.43 18.55
N PRO E 102 -25.38 -8.78 19.82
CA PRO E 102 -24.40 -8.61 20.89
C PRO E 102 -23.03 -9.21 20.54
N SER E 103 -23.00 -10.30 19.77
CA SER E 103 -21.73 -10.96 19.46
C SER E 103 -20.79 -10.10 18.59
N GLU E 104 -21.35 -9.07 17.95
CA GLU E 104 -20.52 -8.21 17.08
C GLU E 104 -19.98 -6.97 17.82
N VAL E 105 -20.47 -6.72 19.04
CA VAL E 105 -19.97 -5.57 19.82
C VAL E 105 -18.49 -5.81 20.15
N GLY E 106 -17.64 -4.82 19.92
CA GLY E 106 -16.20 -5.04 20.20
C GLY E 106 -15.98 -5.37 21.67
N ALA E 107 -15.03 -6.28 21.94
CA ALA E 107 -14.76 -6.73 23.31
C ALA E 107 -14.31 -5.59 24.22
N ASP E 108 -13.65 -4.58 23.64
CA ASP E 108 -13.23 -3.43 24.42
C ASP E 108 -14.45 -2.64 24.93
N ARG E 109 -15.45 -2.51 24.07
CA ARG E 109 -16.71 -1.84 24.44
C ARG E 109 -17.42 -2.66 25.53
N VAL E 110 -17.46 -3.97 25.33
CA VAL E 110 -18.07 -4.85 26.34
C VAL E 110 -17.39 -4.65 27.69
N ALA E 111 -16.04 -4.68 27.69
CA ALA E 111 -15.29 -4.46 28.93
C ALA E 111 -15.60 -3.10 29.55
N ASN E 112 -15.64 -2.05 28.73
CA ASN E 112 -15.97 -0.71 29.25
C ASN E 112 -17.32 -0.68 29.97
N VAL E 113 -18.32 -1.32 29.35
CA VAL E 113 -19.65 -1.32 29.90
C VAL E 113 -19.69 -2.13 31.21
N VAL E 114 -19.04 -3.29 31.21
CA VAL E 114 -18.99 -4.13 32.42
C VAL E 114 -18.31 -3.34 33.55
N ALA E 115 -17.18 -2.70 33.27
CA ALA E 115 -16.49 -1.90 34.28
C ALA E 115 -17.40 -0.77 34.80
N PHE E 116 -18.11 -0.12 33.88
CA PHE E 116 -18.94 1.00 34.27
C PHE E 116 -20.05 0.54 35.22
N VAL E 117 -20.72 -0.55 34.88
CA VAL E 117 -21.80 -1.06 35.73
C VAL E 117 -21.29 -1.52 37.10
N LYS E 118 -20.10 -2.12 37.13
CA LYS E 118 -19.55 -2.61 38.41
C LYS E 118 -19.09 -1.48 39.32
N GLU E 119 -18.43 -0.48 38.73
CA GLU E 119 -17.74 0.55 39.52
C GLU E 119 -18.43 1.90 39.66
N TYR E 120 -19.27 2.26 38.70
CA TYR E 120 -19.76 3.62 38.62
C TYR E 120 -21.27 3.78 38.68
N GLY E 121 -22.00 2.85 38.08
CA GLY E 121 -23.48 2.94 38.10
C GLY E 121 -24.20 2.26 36.95
N LYS E 122 -25.52 2.36 36.95
CA LYS E 122 -26.37 1.67 35.99
C LYS E 122 -26.68 2.53 34.76
N ASN E 123 -26.31 3.80 34.84
CA ASN E 123 -26.63 4.81 33.83
C ASN E 123 -25.42 5.66 33.46
N GLY E 124 -25.05 5.63 32.19
CA GLY E 124 -23.96 6.47 31.77
C GLY E 124 -23.69 6.43 30.27
N ILE E 125 -22.86 7.37 29.84
CA ILE E 125 -22.36 7.42 28.47
C ILE E 125 -20.85 7.27 28.56
N ILE E 126 -20.30 6.32 27.81
CA ILE E 126 -18.88 6.04 27.87
C ILE E 126 -18.26 6.50 26.56
N ILE E 127 -17.24 7.35 26.65
CA ILE E 127 -16.51 7.81 25.45
C ILE E 127 -15.09 7.26 25.52
N ASP E 128 -14.69 6.45 24.55
CA ASP E 128 -13.37 5.80 24.59
C ASP E 128 -12.63 6.25 23.34
N MET E 129 -11.63 7.12 23.54
CA MET E 129 -10.89 7.73 22.45
C MET E 129 -9.62 6.92 22.15
N GLY E 130 -9.74 6.04 21.18
CA GLY E 130 -8.63 5.16 20.80
C GLY E 130 -8.43 5.23 19.30
N THR E 131 -8.03 4.11 18.69
CA THR E 131 -7.88 4.05 17.23
C THR E 131 -9.12 4.60 16.57
N ALA E 132 -10.26 4.08 17.00
CA ALA E 132 -11.55 4.73 16.75
C ALA E 132 -12.01 5.35 18.07
N THR E 133 -12.92 6.31 17.99
CA THR E 133 -13.59 6.84 19.17
C THR E 133 -14.98 6.21 19.24
N THR E 134 -15.25 5.51 20.34
CA THR E 134 -16.59 4.92 20.54
C THR E 134 -17.39 5.69 21.59
N VAL E 135 -18.70 5.71 21.39
CA VAL E 135 -19.68 6.21 22.37
C VAL E 135 -20.55 5.00 22.70
N ASP E 136 -20.70 4.73 23.99
CA ASP E 136 -21.50 3.59 24.47
C ASP E 136 -22.51 4.06 25.51
N LEU E 137 -23.76 3.68 25.30
CA LEU E 137 -24.84 4.10 26.19
C LEU E 137 -25.33 2.97 27.07
N VAL E 138 -25.37 3.22 28.38
CA VAL E 138 -25.88 2.25 29.36
C VAL E 138 -27.04 2.94 30.10
N VAL E 139 -28.21 2.33 30.07
CA VAL E 139 -29.40 2.88 30.74
C VAL E 139 -30.06 1.79 31.55
N ASN E 140 -30.17 2.02 32.85
CA ASN E 140 -30.71 1.04 33.80
C ASN E 140 -30.06 -0.33 33.69
N GLY E 141 -28.74 -0.34 33.45
CA GLY E 141 -27.99 -1.58 33.32
C GLY E 141 -28.12 -2.26 31.97
N SER E 142 -28.79 -1.60 31.02
CA SER E 142 -28.94 -2.13 29.68
C SER E 142 -28.03 -1.38 28.72
N TYR E 143 -27.23 -2.11 27.97
CA TYR E 143 -26.45 -1.50 26.88
C TYR E 143 -27.38 -1.24 25.71
N GLU E 144 -27.46 0.02 25.29
CA GLU E 144 -28.43 0.45 24.29
C GLU E 144 -27.83 0.63 22.90
N GLY E 145 -26.49 0.59 22.81
CA GLY E 145 -25.82 0.85 21.54
C GLY E 145 -24.94 2.08 21.64
N GLY E 146 -24.64 2.68 20.50
CA GLY E 146 -23.75 3.84 20.52
C GLY E 146 -23.35 4.32 19.14
N ALA E 147 -22.12 4.84 19.07
CA ALA E 147 -21.59 5.40 17.84
C ALA E 147 -20.09 5.05 17.74
N ILE E 148 -19.62 5.03 16.50
CA ILE E 148 -18.19 4.84 16.24
C ILE E 148 -17.75 5.97 15.31
N LEU E 149 -16.66 6.66 15.70
CA LEU E 149 -16.06 7.75 14.93
C LEU E 149 -14.60 7.41 14.67
N PRO E 150 -14.02 7.93 13.57
CA PRO E 150 -12.57 7.81 13.44
C PRO E 150 -11.89 8.51 14.61
N GLY E 151 -10.81 7.91 15.11
CA GLY E 151 -10.05 8.54 16.18
C GLY E 151 -9.25 9.74 15.69
N PHE E 152 -8.64 10.47 16.61
CA PHE E 152 -7.98 11.72 16.22
C PHE E 152 -6.83 11.44 15.28
N PHE E 153 -5.96 10.49 15.64
CA PHE E 153 -4.85 10.21 14.75
C PHE E 153 -5.34 9.65 13.40
N MET E 154 -6.32 8.76 13.46
CA MET E 154 -6.89 8.22 12.22
C MET E 154 -7.33 9.37 11.29
N MET E 155 -7.95 10.40 11.88
CA MET E 155 -8.39 11.55 11.10
C MET E 155 -7.24 12.34 10.47
N VAL E 156 -6.26 12.73 11.28
CA VAL E 156 -5.16 13.52 10.67
C VAL E 156 -4.38 12.69 9.64
N HIS E 157 -4.21 11.39 9.91
CA HIS E 157 -3.53 10.52 8.96
C HIS E 157 -4.32 10.42 7.65
N SER E 158 -5.65 10.36 7.76
CA SER E 158 -6.48 10.16 6.57
C SER E 158 -6.43 11.38 5.67
N LEU E 159 -6.34 12.56 6.29
CA LEU E 159 -6.19 13.81 5.50
C LEU E 159 -4.84 13.88 4.79
N PHE E 160 -3.80 13.45 5.50
CA PHE E 160 -2.45 13.42 4.92
C PHE E 160 -2.40 12.42 3.75
N ARG E 161 -2.84 11.19 3.99
CA ARG E 161 -2.72 10.16 2.94
C ARG E 161 -3.68 10.36 1.77
N GLY E 162 -4.80 11.03 2.06
CA GLY E 162 -5.89 11.11 1.09
C GLY E 162 -5.90 12.37 0.24
N THR E 163 -4.92 13.25 0.44
CA THR E 163 -4.82 14.46 -0.36
C THR E 163 -3.39 14.70 -0.80
N ALA E 164 -3.25 15.53 -1.83
CA ALA E 164 -1.93 15.83 -2.34
C ALA E 164 -1.20 16.81 -1.45
N LYS E 165 -1.90 17.85 -1.03
CA LYS E 165 -1.27 19.01 -0.43
C LYS E 165 -1.19 19.02 1.09
N LEU E 166 -1.99 18.21 1.78
CA LEU E 166 -2.05 18.34 3.24
C LEU E 166 -0.97 17.54 3.94
N PRO E 167 -0.33 18.17 4.94
CA PRO E 167 0.69 17.51 5.74
C PRO E 167 0.05 16.68 6.83
N LEU E 168 0.85 15.84 7.48
CA LEU E 168 0.43 15.13 8.68
C LEU E 168 0.59 16.06 9.86
N VAL E 169 -0.52 16.38 10.51
CA VAL E 169 -0.57 17.37 11.58
C VAL E 169 -0.60 16.70 12.96
N GLU E 170 0.11 17.28 13.92
CA GLU E 170 0.10 16.78 15.30
C GLU E 170 -1.26 17.05 15.94
N VAL E 171 -1.77 16.08 16.69
CA VAL E 171 -3.08 16.24 17.31
C VAL E 171 -2.93 17.16 18.53
N LYS E 172 -3.46 18.37 18.40
CA LYS E 172 -3.36 19.41 19.40
C LYS E 172 -4.60 20.30 19.26
N PRO E 173 -5.32 20.58 20.37
CA PRO E 173 -6.53 21.41 20.25
C PRO E 173 -6.23 22.80 19.72
N ALA E 174 -7.21 23.35 19.02
CA ALA E 174 -7.17 24.73 18.55
C ALA E 174 -7.69 25.68 19.64
N ASP E 175 -7.01 26.80 19.82
CA ASP E 175 -7.50 27.85 20.71
C ASP E 175 -7.87 29.11 19.93
N PHE E 176 -8.54 28.91 18.80
CA PHE E 176 -8.93 30.00 17.89
C PHE E 176 -10.20 29.58 17.19
N VAL E 177 -11.03 30.52 16.74
CA VAL E 177 -12.30 30.11 16.13
C VAL E 177 -12.17 29.80 14.64
N VAL E 178 -11.15 30.36 14.00
CA VAL E 178 -10.76 29.94 12.64
C VAL E 178 -9.25 29.78 12.53
N GLY E 179 -8.81 28.78 11.78
CA GLY E 179 -7.37 28.57 11.59
C GLY E 179 -6.83 29.53 10.54
N LYS E 180 -5.59 29.96 10.77
CA LYS E 180 -4.93 30.97 9.93
C LYS E 180 -3.82 30.37 9.07
N ASP E 181 -3.61 29.05 9.19
CA ASP E 181 -2.71 28.31 8.32
C ASP E 181 -3.22 26.88 8.23
N THR E 182 -2.60 26.06 7.39
CA THR E 182 -3.14 24.73 7.12
C THR E 182 -3.19 23.88 8.38
N GLU E 183 -2.09 23.88 9.12
CA GLU E 183 -2.00 23.09 10.34
C GLU E 183 -3.10 23.50 11.31
N GLU E 184 -3.31 24.81 11.49
CA GLU E 184 -4.37 25.28 12.38
C GLU E 184 -5.75 24.86 11.89
N ASN E 185 -5.95 24.91 10.58
CA ASN E 185 -7.22 24.50 9.98
C ASN E 185 -7.55 23.06 10.33
N ILE E 186 -6.55 22.19 10.20
CA ILE E 186 -6.72 20.77 10.49
C ILE E 186 -6.94 20.51 11.98
N ARG E 187 -6.18 21.18 12.85
CA ARG E 187 -6.39 21.02 14.29
C ARG E 187 -7.82 21.38 14.67
N LEU E 188 -8.31 22.50 14.14
CA LEU E 188 -9.67 22.95 14.42
C LEU E 188 -10.71 21.93 13.92
N GLY E 189 -10.52 21.48 12.67
CA GLY E 189 -11.43 20.53 12.04
C GLY E 189 -11.47 19.19 12.74
N VAL E 190 -10.29 18.65 13.01
CA VAL E 190 -10.19 17.29 13.54
C VAL E 190 -10.37 17.23 15.05
N VAL E 191 -9.62 18.07 15.79
CA VAL E 191 -9.59 17.94 17.25
C VAL E 191 -10.82 18.61 17.85
N ASN E 192 -10.96 19.93 17.69
CA ASN E 192 -12.15 20.60 18.17
C ASN E 192 -13.40 20.03 17.49
N GLY E 193 -13.31 19.77 16.18
CA GLY E 193 -14.47 19.23 15.45
C GLY E 193 -14.95 17.91 16.02
N SER E 194 -14.01 17.02 16.34
CA SER E 194 -14.42 15.72 16.92
C SER E 194 -15.04 15.89 18.29
N VAL E 195 -14.54 16.84 19.06
CA VAL E 195 -15.15 17.11 20.37
C VAL E 195 -16.59 17.62 20.15
N TYR E 196 -16.79 18.52 19.18
CA TYR E 196 -18.14 18.99 18.88
C TYR E 196 -19.04 17.85 18.41
N ALA E 197 -18.47 16.92 17.62
CA ALA E 197 -19.25 15.77 17.14
C ALA E 197 -19.75 14.98 18.33
N LEU E 198 -18.85 14.73 19.27
CA LEU E 198 -19.19 13.98 20.49
C LEU E 198 -20.23 14.71 21.33
N GLU E 199 -20.05 16.02 21.48
CA GLU E 199 -21.01 16.85 22.21
C GLU E 199 -22.38 16.77 21.57
N GLY E 200 -22.45 16.70 20.24
CA GLY E 200 -23.75 16.65 19.57
C GLY E 200 -24.39 15.30 19.80
N ILE E 201 -23.61 14.25 19.67
CA ILE E 201 -24.13 12.90 19.90
C ILE E 201 -24.59 12.76 21.36
N ILE E 202 -23.74 13.17 22.30
CA ILE E 202 -24.08 13.10 23.74
C ILE E 202 -25.33 13.93 24.02
N GLY E 203 -25.38 15.14 23.46
CA GLY E 203 -26.52 16.02 23.69
C GLY E 203 -27.82 15.42 23.21
N ARG E 204 -27.80 14.77 22.05
CA ARG E 204 -29.01 14.17 21.49
C ARG E 204 -29.45 12.95 22.31
N ILE E 205 -28.49 12.19 22.84
CA ILE E 205 -28.79 11.10 23.76
C ILE E 205 -29.51 11.63 24.99
N LYS E 206 -28.96 12.69 25.59
CA LYS E 206 -29.51 13.22 26.84
C LYS E 206 -30.92 13.78 26.63
N GLU E 207 -31.21 14.26 25.41
CA GLU E 207 -32.55 14.77 25.08
C GLU E 207 -33.61 13.67 25.18
N VAL E 208 -33.20 12.45 24.87
CA VAL E 208 -34.11 11.29 24.86
C VAL E 208 -34.11 10.57 26.22
N TYR E 209 -32.93 10.38 26.80
CA TYR E 209 -32.77 9.53 27.98
C TYR E 209 -32.58 10.31 29.29
N GLY E 210 -32.56 11.63 29.23
CA GLY E 210 -32.30 12.48 30.39
C GLY E 210 -30.81 12.66 30.61
N ASP E 211 -30.44 13.52 31.57
CA ASP E 211 -29.05 13.73 31.92
C ASP E 211 -28.42 12.42 32.39
N LEU E 212 -27.17 12.20 31.99
CA LEU E 212 -26.44 10.99 32.32
C LEU E 212 -25.00 11.38 32.53
N PRO E 213 -24.31 10.68 33.45
CA PRO E 213 -22.88 10.97 33.62
C PRO E 213 -22.09 10.47 32.43
N VAL E 214 -21.07 11.22 32.07
CA VAL E 214 -20.17 10.86 30.99
C VAL E 214 -18.84 10.44 31.57
N VAL E 215 -18.35 9.28 31.14
CA VAL E 215 -17.01 8.81 31.49
C VAL E 215 -16.14 8.90 30.25
N LEU E 216 -14.92 9.38 30.45
CA LEU E 216 -13.93 9.50 29.39
C LEU E 216 -12.79 8.53 29.64
N THR E 217 -12.38 7.85 28.58
CA THR E 217 -11.24 6.94 28.67
C THR E 217 -10.55 6.84 27.30
N GLY E 218 -9.47 6.06 27.23
CA GLY E 218 -8.78 5.83 25.95
C GLY E 218 -7.44 6.53 25.86
N GLY E 219 -6.55 5.96 25.04
CA GLY E 219 -5.19 6.47 24.91
C GLY E 219 -5.10 7.88 24.35
N GLN E 220 -6.14 8.32 23.66
CA GLN E 220 -6.13 9.66 23.05
C GLN E 220 -6.96 10.66 23.85
N SER E 221 -7.49 10.25 25.00
CA SER E 221 -8.42 11.09 25.74
C SER E 221 -7.78 12.24 26.52
N LYS E 222 -6.56 12.03 27.01
CA LYS E 222 -5.93 13.04 27.88
C LYS E 222 -5.79 14.40 27.16
N ILE E 223 -5.42 14.37 25.89
CA ILE E 223 -5.22 15.61 25.12
C ILE E 223 -6.46 16.51 25.14
N VAL E 224 -7.65 15.91 25.14
CA VAL E 224 -8.89 16.68 25.01
C VAL E 224 -9.75 16.70 26.27
N LYS E 225 -9.22 16.13 27.35
CA LYS E 225 -9.96 15.99 28.62
C LYS E 225 -10.58 17.31 29.09
N ASP E 226 -9.84 18.41 28.97
CA ASP E 226 -10.34 19.72 29.40
C ASP E 226 -11.34 20.38 28.45
N MET E 227 -11.61 19.74 27.31
CA MET E 227 -12.48 20.33 26.30
C MET E 227 -13.87 19.73 26.28
N ILE E 228 -14.02 18.54 26.86
CA ILE E 228 -15.28 17.83 26.83
C ILE E 228 -15.84 17.66 28.25
N LYS E 229 -17.10 18.03 28.47
CA LYS E 229 -17.72 17.89 29.79
C LYS E 229 -17.82 16.40 30.14
N HIS E 230 -17.31 16.04 31.31
CA HIS E 230 -17.37 14.66 31.76
C HIS E 230 -17.35 14.63 33.27
N GLU E 231 -17.93 13.57 33.82
CA GLU E 231 -18.05 13.42 35.27
C GLU E 231 -17.00 12.45 35.81
N ILE E 232 -16.51 11.56 34.94
CA ILE E 232 -15.53 10.56 35.33
C ILE E 232 -14.44 10.47 34.28
N PHE E 233 -13.19 10.46 34.73
CA PHE E 233 -12.05 10.23 33.87
C PHE E 233 -11.32 9.01 34.39
N ASP E 234 -11.30 7.95 33.59
CA ASP E 234 -10.73 6.70 34.07
C ASP E 234 -10.00 5.98 32.94
N GLU E 235 -8.69 6.20 32.86
CA GLU E 235 -7.89 5.60 31.79
C GLU E 235 -7.79 4.09 31.88
N ASP E 236 -8.15 3.52 33.04
CA ASP E 236 -8.08 2.07 33.27
C ASP E 236 -9.42 1.36 33.05
N LEU E 237 -10.39 2.06 32.50
CA LEU E 237 -11.75 1.49 32.39
C LEU E 237 -11.77 0.13 31.67
N THR E 238 -11.12 0.04 30.52
CA THR E 238 -11.20 -1.21 29.74
C THR E 238 -10.56 -2.36 30.52
N ILE E 239 -9.38 -2.11 31.06
CA ILE E 239 -8.60 -3.10 31.78
C ILE E 239 -9.39 -3.53 33.05
N LYS E 240 -10.04 -2.58 33.73
CA LYS E 240 -10.93 -2.93 34.85
C LYS E 240 -12.06 -3.87 34.39
N GLY E 241 -12.62 -3.61 33.22
CA GLY E 241 -13.69 -4.44 32.67
C GLY E 241 -13.21 -5.84 32.38
N VAL E 242 -11.97 -5.98 31.88
CA VAL E 242 -11.41 -7.31 31.67
C VAL E 242 -11.33 -8.04 33.03
N TYR E 243 -10.83 -7.35 34.05
CA TYR E 243 -10.79 -7.92 35.39
C TYR E 243 -12.19 -8.36 35.85
N HIS E 244 -13.15 -7.45 35.82
CA HIS E 244 -14.48 -7.75 36.36
C HIS E 244 -15.15 -8.89 35.61
N PHE E 245 -15.02 -8.88 34.29
CA PHE E 245 -15.66 -9.92 33.48
C PHE E 245 -15.05 -11.29 33.75
N CYS E 246 -13.73 -11.34 33.78
CA CYS E 246 -13.03 -12.63 33.84
C CYS E 246 -12.88 -13.19 35.24
N PHE E 247 -12.64 -12.31 36.22
CA PHE E 247 -12.22 -12.73 37.56
C PHE E 247 -13.05 -12.16 38.70
N GLY E 248 -13.92 -11.20 38.38
CA GLY E 248 -14.68 -10.49 39.40
C GLY E 248 -15.80 -11.36 39.94
N MET F 1 -20.48 38.94 -29.34
CA MET F 1 -19.80 37.60 -29.39
C MET F 1 -19.90 36.87 -28.04
N ASP F 2 -20.29 35.60 -28.10
CA ASP F 2 -20.41 34.75 -26.93
C ASP F 2 -19.30 33.69 -26.87
N PRO F 3 -18.19 34.00 -26.17
CA PRO F 3 -17.01 33.12 -26.12
C PRO F 3 -17.19 32.01 -25.08
N MET F 4 -16.94 30.77 -25.50
CA MET F 4 -17.11 29.62 -24.60
C MET F 4 -15.87 29.30 -23.79
N TYR F 5 -16.07 29.16 -22.49
CA TYR F 5 -14.97 28.94 -21.55
C TYR F 5 -15.08 27.55 -20.96
N LEU F 6 -13.93 26.87 -20.85
CA LEU F 6 -13.81 25.61 -20.12
C LEU F 6 -13.26 25.93 -18.73
N LEU F 7 -13.97 25.46 -17.71
CA LEU F 7 -13.60 25.70 -16.30
C LEU F 7 -13.29 24.33 -15.69
N VAL F 8 -12.16 24.24 -15.00
CA VAL F 8 -11.72 22.95 -14.45
C VAL F 8 -11.49 23.09 -12.95
N ASP F 9 -12.05 22.16 -12.19
CA ASP F 9 -11.80 22.04 -10.75
C ASP F 9 -11.14 20.68 -10.53
N VAL F 10 -9.81 20.68 -10.39
CA VAL F 10 -9.07 19.43 -10.15
C VAL F 10 -9.00 19.13 -8.66
N GLY F 11 -9.85 18.19 -8.22
CA GLY F 11 -9.85 17.75 -6.85
C GLY F 11 -9.07 16.46 -6.66
N ASN F 12 -8.90 16.04 -5.43
CA ASN F 12 -8.13 14.87 -5.14
C ASN F 12 -8.77 13.58 -5.64
N THR F 13 -10.09 13.54 -5.62
CA THR F 13 -10.83 12.37 -6.10
C THR F 13 -11.40 12.61 -7.50
N HIS F 14 -12.08 13.75 -7.66
CA HIS F 14 -12.77 14.05 -8.91
C HIS F 14 -12.32 15.37 -9.49
N SER F 15 -12.32 15.43 -10.83
CA SER F 15 -12.08 16.67 -11.56
C SER F 15 -13.40 17.02 -12.26
N VAL F 16 -13.85 18.25 -12.05
CA VAL F 16 -15.06 18.78 -12.68
C VAL F 16 -14.68 19.62 -13.90
N PHE F 17 -15.34 19.36 -15.03
CA PHE F 17 -15.13 20.16 -16.24
C PHE F 17 -16.46 20.78 -16.60
N SER F 18 -16.44 22.09 -16.78
CA SER F 18 -17.67 22.81 -17.08
C SER F 18 -17.48 23.79 -18.22
N ILE F 19 -18.51 23.95 -19.04
CA ILE F 19 -18.45 24.97 -20.07
C ILE F 19 -19.54 26.02 -19.84
N THR F 20 -19.18 27.26 -20.10
CA THR F 20 -20.13 28.37 -20.01
C THR F 20 -19.83 29.36 -21.12
N GLU F 21 -20.89 30.03 -21.61
CA GLU F 21 -20.72 31.12 -22.57
C GLU F 21 -20.57 32.45 -21.85
N ASP F 22 -21.17 32.55 -20.68
CA ASP F 22 -21.43 33.84 -20.03
C ASP F 22 -21.15 33.90 -18.53
N GLY F 23 -20.81 32.76 -17.93
CA GLY F 23 -20.66 32.67 -16.48
C GLY F 23 -21.98 32.76 -15.73
N LYS F 24 -23.09 32.46 -16.43
CA LYS F 24 -24.42 32.47 -15.83
C LYS F 24 -25.02 31.07 -15.78
N THR F 25 -24.98 30.39 -16.91
CA THR F 25 -25.41 28.99 -16.96
C THR F 25 -24.20 28.09 -17.28
N PHE F 26 -24.21 26.90 -16.69
CA PHE F 26 -23.05 26.03 -16.75
C PHE F 26 -23.52 24.63 -17.10
N ARG F 27 -22.85 24.00 -18.06
CA ARG F 27 -23.00 22.56 -18.29
C ARG F 27 -21.78 21.93 -17.62
N ARG F 28 -21.97 20.82 -16.93
CA ARG F 28 -20.84 20.21 -16.22
C ARG F 28 -20.76 18.71 -16.29
N TRP F 29 -19.53 18.22 -16.22
CA TRP F 29 -19.24 16.80 -16.18
C TRP F 29 -18.21 16.58 -15.08
N ARG F 30 -18.08 15.33 -14.66
CA ARG F 30 -17.14 15.02 -13.60
C ARG F 30 -16.44 13.73 -13.99
N LEU F 31 -15.12 13.74 -13.86
CA LEU F 31 -14.30 12.55 -14.11
C LEU F 31 -13.47 12.25 -12.88
N SER F 32 -12.92 11.05 -12.77
CA SER F 32 -11.95 10.76 -11.72
C SER F 32 -10.66 11.49 -12.06
N THR F 33 -9.98 11.98 -11.03
CA THR F 33 -8.69 12.61 -11.22
C THR F 33 -7.67 11.54 -11.60
N GLY F 34 -7.72 10.40 -10.92
CA GLY F 34 -6.85 9.27 -11.28
C GLY F 34 -5.37 9.56 -11.11
N VAL F 35 -4.52 8.74 -11.73
CA VAL F 35 -3.07 8.87 -11.60
C VAL F 35 -2.39 8.58 -12.94
N PHE F 36 -1.36 9.36 -13.24
CA PHE F 36 -0.57 9.26 -14.49
C PHE F 36 -1.37 9.57 -15.75
N GLN F 37 -2.54 10.20 -15.60
CA GLN F 37 -3.31 10.60 -16.77
C GLN F 37 -2.47 11.46 -17.69
N THR F 38 -2.73 11.35 -18.98
CA THR F 38 -2.02 12.16 -19.96
C THR F 38 -3.00 13.11 -20.62
N GLU F 39 -2.45 14.06 -21.37
CA GLU F 39 -3.31 15.01 -22.12
C GLU F 39 -4.20 14.31 -23.14
N ASP F 40 -3.70 13.25 -23.78
CA ASP F 40 -4.50 12.54 -24.78
C ASP F 40 -5.61 11.73 -24.12
N GLU F 41 -5.33 11.17 -22.96
CA GLU F 41 -6.34 10.48 -22.16
C GLU F 41 -7.47 11.41 -21.75
N LEU F 42 -7.10 12.62 -21.32
CA LEU F 42 -8.10 13.61 -20.94
C LEU F 42 -8.98 13.97 -22.14
N PHE F 43 -8.32 14.24 -23.26
CA PHE F 43 -9.07 14.58 -24.46
C PHE F 43 -10.03 13.46 -24.84
N SER F 44 -9.53 12.23 -24.77
CA SER F 44 -10.34 11.07 -25.10
C SER F 44 -11.58 10.95 -24.21
N HIS F 45 -11.41 11.16 -22.90
CA HIS F 45 -12.54 11.09 -21.99
C HIS F 45 -13.55 12.20 -22.26
N LEU F 46 -13.04 13.39 -22.54
CA LEU F 46 -13.92 14.56 -22.74
C LEU F 46 -14.60 14.61 -24.10
N HIS F 47 -14.02 13.92 -25.09
CA HIS F 47 -14.49 13.99 -26.48
C HIS F 47 -15.99 13.71 -26.61
N PRO F 48 -16.47 12.56 -26.11
CA PRO F 48 -17.90 12.26 -26.27
C PRO F 48 -18.82 13.05 -25.34
N LEU F 49 -18.24 13.73 -24.35
CA LEU F 49 -19.02 14.49 -23.38
C LEU F 49 -19.29 15.89 -23.92
N LEU F 50 -18.21 16.59 -24.28
CA LEU F 50 -18.29 17.93 -24.84
C LEU F 50 -18.85 17.96 -26.26
N GLY F 51 -18.52 16.96 -27.08
CA GLY F 51 -18.98 16.92 -28.47
C GLY F 51 -18.57 18.16 -29.24
N ASP F 52 -19.54 18.79 -29.90
CA ASP F 52 -19.29 19.99 -30.73
C ASP F 52 -18.67 21.15 -29.95
N ALA F 53 -19.03 21.30 -28.68
CA ALA F 53 -18.55 22.41 -27.84
C ALA F 53 -17.03 22.47 -27.73
N MET F 54 -16.39 21.29 -27.87
CA MET F 54 -14.93 21.16 -27.85
C MET F 54 -14.26 22.15 -28.79
N ARG F 55 -14.78 22.27 -30.02
CA ARG F 55 -14.14 23.09 -31.05
C ARG F 55 -14.32 24.60 -30.84
N GLU F 56 -15.14 24.98 -29.86
CA GLU F 56 -15.44 26.39 -29.61
C GLU F 56 -14.77 27.02 -28.38
N ILE F 57 -13.96 26.25 -27.66
CA ILE F 57 -13.32 26.74 -26.43
C ILE F 57 -12.40 27.95 -26.66
N LYS F 58 -12.62 29.02 -25.90
CA LYS F 58 -11.89 30.29 -26.04
C LYS F 58 -10.93 30.60 -24.88
N GLY F 59 -11.10 29.87 -23.77
CA GLY F 59 -10.24 30.06 -22.61
C GLY F 59 -10.40 28.86 -21.71
N ILE F 60 -9.38 28.59 -20.90
CA ILE F 60 -9.43 27.47 -19.95
C ILE F 60 -8.94 27.97 -18.61
N GLY F 61 -9.81 27.91 -17.59
CA GLY F 61 -9.46 28.36 -16.26
C GLY F 61 -9.47 27.17 -15.35
N VAL F 62 -8.53 27.16 -14.39
CA VAL F 62 -8.33 25.94 -13.60
C VAL F 62 -8.09 26.26 -12.14
N ALA F 63 -8.84 25.58 -11.28
CA ALA F 63 -8.49 25.52 -9.86
C ALA F 63 -7.99 24.11 -9.65
N SER F 64 -6.79 23.96 -9.10
CA SER F 64 -6.26 22.62 -8.85
C SER F 64 -5.67 22.49 -7.46
N VAL F 65 -5.97 21.36 -6.80
CA VAL F 65 -5.33 21.07 -5.52
C VAL F 65 -4.48 19.79 -5.63
N VAL F 66 -4.16 19.41 -6.87
CA VAL F 66 -3.32 18.24 -7.14
C VAL F 66 -2.18 18.66 -8.07
N PRO F 67 -1.10 19.17 -7.49
CA PRO F 67 -0.01 19.75 -8.30
C PRO F 67 0.53 18.83 -9.39
N THR F 68 0.61 17.52 -9.14
CA THR F 68 1.14 16.60 -10.17
C THR F 68 0.29 16.62 -11.45
N GLN F 69 -0.98 17.01 -11.34
CA GLN F 69 -1.90 17.04 -12.49
C GLN F 69 -1.73 18.28 -13.34
N ASN F 70 -1.06 19.28 -12.80
CA ASN F 70 -1.04 20.58 -13.48
C ASN F 70 -0.36 20.58 -14.85
N THR F 71 0.74 19.83 -14.96
CA THR F 71 1.44 19.71 -16.24
C THR F 71 0.55 19.07 -17.32
N VAL F 72 -0.26 18.10 -16.90
CA VAL F 72 -1.19 17.37 -17.79
C VAL F 72 -2.23 18.35 -18.33
N ILE F 73 -2.80 19.16 -17.43
CA ILE F 73 -3.78 20.18 -17.83
C ILE F 73 -3.13 21.21 -18.77
N GLU F 74 -1.91 21.64 -18.44
CA GLU F 74 -1.16 22.56 -19.30
C GLU F 74 -1.01 21.97 -20.71
N ARG F 75 -0.58 20.72 -20.78
CA ARG F 75 -0.31 20.08 -22.08
C ARG F 75 -1.60 19.86 -22.87
N PHE F 76 -2.66 19.50 -22.16
CA PHE F 76 -3.97 19.33 -22.79
C PHE F 76 -4.42 20.65 -23.43
N SER F 77 -4.31 21.75 -22.67
CA SER F 77 -4.74 23.08 -23.17
C SER F 77 -3.94 23.52 -24.38
N GLN F 78 -2.63 23.33 -24.31
CA GLN F 78 -1.76 23.71 -25.42
C GLN F 78 -2.00 22.86 -26.67
N LYS F 79 -1.97 21.55 -26.50
CA LYS F 79 -2.07 20.62 -27.64
C LYS F 79 -3.40 20.73 -28.37
N TYR F 80 -4.49 20.76 -27.60
CA TYR F 80 -5.80 20.64 -28.21
C TYR F 80 -6.47 21.97 -28.47
N PHE F 81 -6.03 23.03 -27.77
CA PHE F 81 -6.66 24.35 -27.88
C PHE F 81 -5.73 25.51 -28.18
N HIS F 82 -4.42 25.28 -28.07
CA HIS F 82 -3.39 26.33 -28.26
C HIS F 82 -3.59 27.47 -27.28
N ILE F 83 -4.01 27.09 -26.06
CA ILE F 83 -4.31 28.03 -24.98
C ILE F 83 -3.45 27.67 -23.78
N SER F 84 -2.96 28.68 -23.06
CA SER F 84 -2.35 28.47 -21.73
C SER F 84 -3.46 28.62 -20.69
N PRO F 85 -3.59 27.64 -19.78
CA PRO F 85 -4.66 27.80 -18.80
C PRO F 85 -4.38 28.97 -17.84
N ILE F 86 -5.44 29.53 -17.29
CA ILE F 86 -5.32 30.53 -16.24
C ILE F 86 -5.54 29.80 -14.93
N TRP F 87 -4.66 30.04 -13.96
CA TRP F 87 -4.65 29.27 -12.71
C TRP F 87 -5.18 30.09 -11.56
N VAL F 88 -6.20 29.55 -10.89
CA VAL F 88 -6.75 30.22 -9.73
C VAL F 88 -5.73 30.18 -8.59
N LYS F 89 -5.51 31.32 -7.97
CA LYS F 89 -4.61 31.44 -6.82
C LYS F 89 -5.06 32.67 -6.01
N ALA F 90 -4.65 32.75 -4.75
CA ALA F 90 -4.97 33.94 -3.93
C ALA F 90 -4.12 35.12 -4.39
N LYS F 91 -4.78 36.17 -4.86
CA LYS F 91 -4.05 37.36 -5.28
C LYS F 91 -4.84 38.62 -4.93
N ASN F 92 -4.19 39.77 -5.07
CA ASN F 92 -4.84 41.05 -4.80
C ASN F 92 -6.08 41.20 -5.65
N GLY F 93 -7.17 41.63 -5.03
CA GLY F 93 -8.44 41.85 -5.74
C GLY F 93 -9.58 42.09 -4.76
N CYS F 94 -10.75 41.55 -5.09
CA CYS F 94 -11.98 41.75 -4.30
C CYS F 94 -11.94 41.12 -2.91
N VAL F 95 -11.01 40.18 -2.72
CA VAL F 95 -10.89 39.47 -1.46
C VAL F 95 -9.55 39.81 -0.83
N LYS F 96 -9.58 40.25 0.43
CA LYS F 96 -8.36 40.33 1.24
C LYS F 96 -8.07 38.96 1.84
N TRP F 97 -6.88 38.43 1.56
CA TRP F 97 -6.53 37.11 2.10
C TRP F 97 -5.89 37.28 3.47
N ASN F 98 -6.72 37.36 4.51
CA ASN F 98 -6.22 37.69 5.86
C ASN F 98 -5.76 36.46 6.64
N VAL F 99 -4.80 35.72 6.07
CA VAL F 99 -4.27 34.50 6.69
C VAL F 99 -2.75 34.58 6.58
N LYS F 100 -2.06 33.66 7.23
CA LYS F 100 -0.59 33.75 7.32
C LYS F 100 0.11 33.64 5.97
N ASN F 101 -0.33 32.70 5.13
CA ASN F 101 0.27 32.48 3.82
C ASN F 101 -0.80 32.22 2.78
N PRO F 102 -1.27 33.28 2.11
CA PRO F 102 -2.32 33.11 1.11
C PRO F 102 -1.94 32.09 0.04
N SER F 103 -0.65 31.96 -0.27
CA SER F 103 -0.26 31.04 -1.35
C SER F 103 -0.51 29.56 -1.04
N GLU F 104 -0.72 29.25 0.25
CA GLU F 104 -0.95 27.86 0.69
C GLU F 104 -2.44 27.52 0.72
N VAL F 105 -3.31 28.51 0.56
CA VAL F 105 -4.75 28.23 0.56
C VAL F 105 -5.10 27.44 -0.69
N GLY F 106 -5.84 26.34 -0.54
CA GLY F 106 -6.16 25.52 -1.70
C GLY F 106 -6.95 26.33 -2.74
N ALA F 107 -6.66 26.10 -4.01
CA ALA F 107 -7.28 26.89 -5.08
C ALA F 107 -8.80 26.72 -5.14
N ASP F 108 -9.30 25.57 -4.71
CA ASP F 108 -10.76 25.36 -4.68
C ASP F 108 -11.39 26.30 -3.64
N ARG F 109 -10.72 26.45 -2.51
CA ARG F 109 -11.19 27.36 -1.46
C ARG F 109 -11.16 28.80 -1.97
N VAL F 110 -10.07 29.17 -2.63
CA VAL F 110 -9.97 30.51 -3.21
C VAL F 110 -11.15 30.74 -4.16
N ALA F 111 -11.37 29.77 -5.07
CA ALA F 111 -12.49 29.87 -6.00
C ALA F 111 -13.82 30.02 -5.27
N ASN F 112 -14.03 29.22 -4.21
CA ASN F 112 -15.26 29.34 -3.46
C ASN F 112 -15.47 30.73 -2.89
N VAL F 113 -14.43 31.30 -2.32
CA VAL F 113 -14.53 32.60 -1.68
C VAL F 113 -14.73 33.70 -2.73
N VAL F 114 -13.98 33.65 -3.82
CA VAL F 114 -14.21 34.60 -4.92
C VAL F 114 -15.67 34.52 -5.42
N ALA F 115 -16.17 33.30 -5.64
CA ALA F 115 -17.53 33.15 -6.16
C ALA F 115 -18.51 33.73 -5.15
N PHE F 116 -18.27 33.49 -3.86
CA PHE F 116 -19.19 33.99 -2.83
C PHE F 116 -19.26 35.50 -2.85
N VAL F 117 -18.10 36.15 -2.91
CA VAL F 117 -18.05 37.60 -2.84
C VAL F 117 -18.67 38.21 -4.11
N LYS F 118 -18.46 37.56 -5.26
CA LYS F 118 -19.01 38.04 -6.53
C LYS F 118 -20.51 37.86 -6.65
N GLU F 119 -21.05 36.80 -6.05
CA GLU F 119 -22.46 36.44 -6.29
C GLU F 119 -23.40 36.63 -5.12
N TYR F 120 -22.87 36.52 -3.91
CA TYR F 120 -23.73 36.43 -2.72
C TYR F 120 -23.56 37.54 -1.71
N GLY F 121 -22.32 37.99 -1.49
CA GLY F 121 -22.05 39.13 -0.59
C GLY F 121 -20.70 39.05 0.09
N LYS F 122 -20.46 39.97 1.02
CA LYS F 122 -19.14 40.13 1.64
C LYS F 122 -18.97 39.33 2.94
N ASN F 123 -20.06 38.71 3.38
CA ASN F 123 -20.09 38.04 4.67
C ASN F 123 -20.72 36.66 4.57
N GLY F 124 -19.96 35.62 4.92
CA GLY F 124 -20.50 34.29 4.81
C GLY F 124 -19.58 33.21 5.35
N ILE F 125 -20.17 32.04 5.56
CA ILE F 125 -19.42 30.85 5.93
C ILE F 125 -19.69 29.82 4.84
N ILE F 126 -18.62 29.30 4.23
CA ILE F 126 -18.76 28.37 3.14
C ILE F 126 -18.36 26.98 3.61
N ILE F 127 -19.25 26.00 3.42
CA ILE F 127 -18.96 24.61 3.75
C ILE F 127 -18.88 23.83 2.44
N ASP F 128 -17.71 23.27 2.15
CA ASP F 128 -17.51 22.53 0.91
C ASP F 128 -17.20 21.07 1.27
N MET F 129 -18.17 20.19 1.02
CA MET F 129 -18.07 18.78 1.40
C MET F 129 -17.56 17.94 0.22
N GLY F 130 -16.25 17.73 0.20
CA GLY F 130 -15.60 16.95 -0.85
C GLY F 130 -14.70 15.89 -0.23
N THR F 131 -13.56 15.62 -0.87
CA THR F 131 -12.61 14.65 -0.36
C THR F 131 -12.31 14.97 1.09
N ALA F 132 -11.98 16.24 1.35
CA ALA F 132 -12.02 16.81 2.68
C ALA F 132 -13.23 17.72 2.73
N THR F 133 -13.69 18.03 3.95
CA THR F 133 -14.73 19.04 4.12
C THR F 133 -14.02 20.31 4.64
N THR F 134 -14.21 21.42 3.94
CA THR F 134 -13.63 22.69 4.35
C THR F 134 -14.69 23.65 4.85
N VAL F 135 -14.29 24.47 5.83
CA VAL F 135 -15.05 25.62 6.30
C VAL F 135 -14.23 26.85 5.98
N ASP F 136 -14.84 27.81 5.29
CA ASP F 136 -14.15 29.05 4.92
C ASP F 136 -14.96 30.25 5.40
N LEU F 137 -14.31 31.18 6.08
CA LEU F 137 -15.01 32.34 6.64
C LEU F 137 -14.62 33.59 5.89
N VAL F 138 -15.61 34.34 5.40
CA VAL F 138 -15.39 35.65 4.77
C VAL F 138 -16.19 36.69 5.54
N VAL F 139 -15.51 37.74 5.97
CA VAL F 139 -16.16 38.80 6.75
C VAL F 139 -15.74 40.15 6.17
N ASN F 140 -16.74 40.93 5.75
CA ASN F 140 -16.55 42.21 5.09
C ASN F 140 -15.53 42.11 3.96
N GLY F 141 -15.60 41.01 3.21
CA GLY F 141 -14.73 40.80 2.05
C GLY F 141 -13.33 40.32 2.37
N SER F 142 -13.08 40.02 3.64
CA SER F 142 -11.80 39.51 4.09
C SER F 142 -11.92 38.00 4.37
N TYR F 143 -11.10 37.20 3.72
CA TYR F 143 -11.03 35.77 4.02
C TYR F 143 -10.27 35.66 5.33
N GLU F 144 -10.91 35.06 6.33
CA GLU F 144 -10.31 35.02 7.66
C GLU F 144 -9.67 33.69 8.00
N GLY F 145 -9.89 32.69 7.17
CA GLY F 145 -9.39 31.35 7.45
C GLY F 145 -10.51 30.35 7.58
N GLY F 146 -10.26 29.27 8.29
CA GLY F 146 -11.31 28.27 8.40
C GLY F 146 -10.86 26.98 9.05
N ALA F 147 -11.45 25.88 8.58
CA ALA F 147 -11.18 24.56 9.13
C ALA F 147 -11.14 23.53 8.01
N ILE F 148 -10.41 22.43 8.27
CA ILE F 148 -10.38 21.28 7.36
C ILE F 148 -10.69 20.04 8.19
N LEU F 149 -11.65 19.24 7.70
CA LEU F 149 -12.08 17.99 8.34
C LEU F 149 -11.96 16.89 7.28
N PRO F 150 -11.78 15.63 7.71
CA PRO F 150 -11.90 14.55 6.75
C PRO F 150 -13.30 14.52 6.16
N GLY F 151 -13.39 14.19 4.88
CA GLY F 151 -14.71 14.11 4.22
C GLY F 151 -15.44 12.85 4.65
N PHE F 152 -16.71 12.72 4.27
CA PHE F 152 -17.51 11.59 4.77
C PHE F 152 -16.93 10.28 4.30
N PHE F 153 -16.66 10.17 3.00
CA PHE F 153 -16.11 8.91 2.52
C PHE F 153 -14.73 8.65 3.14
N MET F 154 -13.90 9.68 3.23
CA MET F 154 -12.57 9.53 3.84
C MET F 154 -12.70 8.93 5.25
N MET F 155 -13.69 9.38 5.99
CA MET F 155 -13.93 8.87 7.33
C MET F 155 -14.34 7.39 7.34
N VAL F 156 -15.35 7.02 6.55
CA VAL F 156 -15.76 5.59 6.59
C VAL F 156 -14.64 4.69 6.09
N HIS F 157 -13.92 5.14 5.05
CA HIS F 157 -12.79 4.37 4.53
C HIS F 157 -11.71 4.23 5.60
N SER F 158 -11.46 5.29 6.36
CA SER F 158 -10.36 5.26 7.35
C SER F 158 -10.68 4.26 8.45
N LEU F 159 -11.97 4.16 8.81
CA LEU F 159 -12.38 3.18 9.83
C LEU F 159 -12.26 1.74 9.34
N PHE F 160 -12.60 1.55 8.06
CA PHE F 160 -12.47 0.23 7.42
C PHE F 160 -11.00 -0.18 7.34
N ARG F 161 -10.15 0.69 6.80
CA ARG F 161 -8.76 0.30 6.58
C ARG F 161 -7.95 0.22 7.88
N GLY F 162 -8.37 0.99 8.88
CA GLY F 162 -7.58 1.19 10.07
C GLY F 162 -7.96 0.29 11.22
N THR F 163 -8.92 -0.61 10.99
CA THR F 163 -9.32 -1.56 12.02
C THR F 163 -9.49 -2.96 11.47
N ALA F 164 -9.41 -3.96 12.34
CA ALA F 164 -9.61 -5.33 11.89
C ALA F 164 -11.07 -5.63 11.62
N LYS F 165 -11.95 -5.17 12.52
CA LYS F 165 -13.33 -5.65 12.51
C LYS F 165 -14.36 -4.83 11.75
N LEU F 166 -14.07 -3.56 11.49
CA LEU F 166 -15.09 -2.69 10.92
C LEU F 166 -15.20 -2.82 9.40
N PRO F 167 -16.44 -2.88 8.89
CA PRO F 167 -16.70 -2.93 7.47
C PRO F 167 -16.66 -1.52 6.87
N LEU F 168 -16.64 -1.47 5.54
CA LEU F 168 -16.79 -0.21 4.83
C LEU F 168 -18.27 0.09 4.72
N VAL F 169 -18.69 1.20 5.34
CA VAL F 169 -20.10 1.54 5.48
C VAL F 169 -20.51 2.61 4.47
N GLU F 170 -21.73 2.48 3.93
CA GLU F 170 -22.32 3.46 3.00
C GLU F 170 -22.60 4.76 3.76
N VAL F 171 -22.27 5.89 3.17
CA VAL F 171 -22.55 7.17 3.82
C VAL F 171 -24.02 7.51 3.71
N LYS F 172 -24.71 7.39 4.84
CA LYS F 172 -26.13 7.63 4.90
C LYS F 172 -26.44 8.14 6.30
N PRO F 173 -27.20 9.23 6.42
CA PRO F 173 -27.52 9.79 7.74
C PRO F 173 -28.20 8.79 8.67
N ALA F 174 -27.95 8.95 9.97
CA ALA F 174 -28.64 8.15 10.99
C ALA F 174 -29.94 8.83 11.40
N ASP F 175 -31.01 8.03 11.51
CA ASP F 175 -32.30 8.57 12.00
C ASP F 175 -32.64 7.97 13.37
N PHE F 176 -31.63 7.82 14.21
CA PHE F 176 -31.74 7.23 15.55
C PHE F 176 -30.71 7.90 16.43
N VAL F 177 -30.91 7.88 17.73
CA VAL F 177 -29.96 8.60 18.58
C VAL F 177 -28.79 7.75 19.06
N VAL F 178 -28.96 6.42 18.99
CA VAL F 178 -27.86 5.48 19.16
C VAL F 178 -27.98 4.35 18.15
N GLY F 179 -26.86 3.93 17.59
CA GLY F 179 -26.87 2.83 16.64
C GLY F 179 -27.00 1.48 17.34
N LYS F 180 -27.70 0.56 16.66
CA LYS F 180 -28.03 -0.75 17.20
C LYS F 180 -27.28 -1.90 16.53
N ASP F 181 -26.45 -1.56 15.54
CA ASP F 181 -25.51 -2.50 14.95
C ASP F 181 -24.28 -1.70 14.46
N THR F 182 -23.25 -2.39 14.00
CA THR F 182 -21.99 -1.72 13.64
C THR F 182 -22.19 -0.65 12.57
N GLU F 183 -22.91 -1.00 11.52
CA GLU F 183 -23.14 -0.06 10.43
C GLU F 183 -23.88 1.20 10.93
N GLU F 184 -24.90 1.01 11.76
CA GLU F 184 -25.64 2.14 12.34
C GLU F 184 -24.74 3.00 13.22
N ASN F 185 -23.84 2.34 13.96
CA ASN F 185 -22.89 3.05 14.81
C ASN F 185 -22.01 3.98 13.99
N ILE F 186 -21.52 3.46 12.87
CA ILE F 186 -20.60 4.22 12.04
C ILE F 186 -21.36 5.34 11.32
N ARG F 187 -22.59 5.09 10.86
CA ARG F 187 -23.35 6.17 10.22
C ARG F 187 -23.57 7.34 11.20
N LEU F 188 -23.96 7.01 12.43
CA LEU F 188 -24.16 8.01 13.46
C LEU F 188 -22.86 8.79 13.76
N GLY F 189 -21.75 8.07 13.90
CA GLY F 189 -20.52 8.74 14.29
C GLY F 189 -19.96 9.61 13.18
N VAL F 190 -19.99 9.09 11.96
CA VAL F 190 -19.38 9.77 10.82
C VAL F 190 -20.27 10.81 10.17
N VAL F 191 -21.52 10.43 9.86
CA VAL F 191 -22.38 11.32 9.11
C VAL F 191 -23.01 12.36 10.03
N ASN F 192 -23.82 11.91 10.98
CA ASN F 192 -24.38 12.84 11.94
C ASN F 192 -23.28 13.55 12.72
N GLY F 193 -22.25 12.80 13.11
CA GLY F 193 -21.14 13.37 13.88
C GLY F 193 -20.46 14.51 13.14
N SER F 194 -20.20 14.32 11.85
CA SER F 194 -19.55 15.38 11.08
C SER F 194 -20.44 16.59 10.96
N VAL F 195 -21.75 16.37 10.80
CA VAL F 195 -22.68 17.51 10.75
C VAL F 195 -22.61 18.27 12.09
N TYR F 196 -22.59 17.54 13.21
CA TYR F 196 -22.46 18.19 14.51
C TYR F 196 -21.14 18.94 14.63
N ALA F 197 -20.08 18.36 14.06
CA ALA F 197 -18.76 19.02 14.11
C ALA F 197 -18.83 20.35 13.41
N LEU F 198 -19.44 20.35 12.24
CA LEU F 198 -19.61 21.57 11.45
C LEU F 198 -20.49 22.58 12.19
N GLU F 199 -21.60 22.09 12.76
CA GLU F 199 -22.47 22.96 13.56
C GLU F 199 -21.72 23.62 14.73
N GLY F 200 -20.80 22.90 15.36
CA GLY F 200 -20.04 23.47 16.47
C GLY F 200 -19.09 24.54 15.97
N ILE F 201 -18.38 24.24 14.88
CA ILE F 201 -17.45 25.21 14.30
C ILE F 201 -18.19 26.46 13.85
N ILE F 202 -19.30 26.28 13.13
CA ILE F 202 -20.11 27.40 12.67
C ILE F 202 -20.63 28.22 13.84
N GLY F 203 -21.13 27.51 14.85
CA GLY F 203 -21.68 28.16 16.05
C GLY F 203 -20.66 29.05 16.73
N ARG F 204 -19.43 28.58 16.84
CA ARG F 204 -18.40 29.35 17.54
C ARG F 204 -17.94 30.53 16.70
N ILE F 205 -17.92 30.37 15.39
CA ILE F 205 -17.67 31.51 14.48
C ILE F 205 -18.72 32.60 14.66
N LYS F 206 -19.99 32.21 14.66
CA LYS F 206 -21.09 33.18 14.79
C LYS F 206 -21.08 33.88 16.15
N GLU F 207 -20.60 33.20 17.20
CA GLU F 207 -20.46 33.84 18.52
C GLU F 207 -19.55 35.05 18.45
N VAL F 208 -18.49 34.94 17.65
CA VAL F 208 -17.45 35.97 17.55
C VAL F 208 -17.80 37.02 16.49
N TYR F 209 -18.29 36.56 15.35
CA TYR F 209 -18.50 37.43 14.19
C TYR F 209 -19.97 37.82 13.96
N GLY F 210 -20.87 37.29 14.78
CA GLY F 210 -22.30 37.50 14.62
C GLY F 210 -22.88 36.57 13.57
N ASP F 211 -24.17 36.69 13.34
CA ASP F 211 -24.85 35.81 12.40
C ASP F 211 -24.34 36.06 10.99
N LEU F 212 -24.17 34.97 10.25
CA LEU F 212 -23.63 35.01 8.90
C LEU F 212 -24.36 33.94 8.10
N PRO F 213 -24.61 34.21 6.80
CA PRO F 213 -25.25 33.19 5.98
C PRO F 213 -24.27 32.06 5.74
N VAL F 214 -24.80 30.84 5.70
CA VAL F 214 -24.01 29.64 5.41
C VAL F 214 -24.36 29.11 4.04
N VAL F 215 -23.34 28.88 3.21
CA VAL F 215 -23.51 28.26 1.88
C VAL F 215 -22.93 26.86 1.94
N LEU F 216 -23.66 25.94 1.34
CA LEU F 216 -23.24 24.55 1.27
C LEU F 216 -22.94 24.21 -0.19
N THR F 217 -21.80 23.52 -0.39
CA THR F 217 -21.43 23.05 -1.71
C THR F 217 -20.60 21.77 -1.58
N GLY F 218 -20.20 21.19 -2.72
CA GLY F 218 -19.36 19.97 -2.72
C GLY F 218 -20.11 18.72 -3.13
N GLY F 219 -19.37 17.76 -3.70
CA GLY F 219 -19.98 16.53 -4.20
C GLY F 219 -20.65 15.65 -3.18
N GLN F 220 -20.27 15.82 -1.90
CA GLN F 220 -20.88 15.03 -0.82
C GLN F 220 -21.92 15.82 -0.03
N SER F 221 -22.26 17.05 -0.46
CA SER F 221 -23.19 17.89 0.30
C SER F 221 -24.66 17.50 0.19
N LYS F 222 -25.07 16.97 -0.96
CA LYS F 222 -26.51 16.71 -1.17
C LYS F 222 -27.08 15.75 -0.12
N ILE F 223 -26.32 14.72 0.21
CA ILE F 223 -26.82 13.71 1.15
C ILE F 223 -27.16 14.27 2.53
N VAL F 224 -26.52 15.37 2.92
CA VAL F 224 -26.70 15.92 4.26
C VAL F 224 -27.34 17.31 4.26
N LYS F 225 -27.73 17.79 3.07
CA LYS F 225 -28.36 19.09 2.85
C LYS F 225 -29.45 19.41 3.87
N ASP F 226 -30.32 18.43 4.11
CA ASP F 226 -31.46 18.66 5.00
C ASP F 226 -31.10 18.55 6.48
N MET F 227 -29.83 18.33 6.78
CA MET F 227 -29.39 18.14 8.16
C MET F 227 -28.64 19.32 8.74
N ILE F 228 -28.14 20.19 7.88
CA ILE F 228 -27.39 21.36 8.35
C ILE F 228 -28.11 22.62 7.94
N LYS F 229 -28.25 23.56 8.87
CA LYS F 229 -28.86 24.83 8.56
C LYS F 229 -27.97 25.60 7.57
N HIS F 230 -28.59 26.09 6.50
CA HIS F 230 -27.87 26.82 5.48
C HIS F 230 -28.85 27.72 4.76
N GLU F 231 -28.31 28.80 4.20
CA GLU F 231 -29.13 29.80 3.52
C GLU F 231 -29.00 29.68 2.01
N ILE F 232 -27.88 29.11 1.54
CA ILE F 232 -27.60 28.98 0.12
C ILE F 232 -27.07 27.57 -0.13
N PHE F 233 -27.59 26.92 -1.16
CA PHE F 233 -27.09 25.63 -1.62
C PHE F 233 -26.67 25.84 -3.05
N ASP F 234 -25.37 25.69 -3.33
CA ASP F 234 -24.90 25.98 -4.68
C ASP F 234 -23.81 25.01 -5.06
N GLU F 235 -24.19 23.94 -5.76
CA GLU F 235 -23.22 22.92 -6.17
C GLU F 235 -22.19 23.43 -7.17
N ASP F 236 -22.46 24.58 -7.80
CA ASP F 236 -21.56 25.13 -8.82
C ASP F 236 -20.62 26.22 -8.28
N LEU F 237 -20.58 26.37 -6.96
CA LEU F 237 -19.80 27.46 -6.35
C LEU F 237 -18.34 27.50 -6.81
N THR F 238 -17.65 26.36 -6.75
CA THR F 238 -16.22 26.36 -7.10
C THR F 238 -16.03 26.73 -8.56
N ILE F 239 -16.82 26.11 -9.46
CA ILE F 239 -16.68 26.38 -10.88
C ILE F 239 -17.02 27.84 -11.19
N LYS F 240 -18.04 28.39 -10.51
CA LYS F 240 -18.34 29.83 -10.66
C LYS F 240 -17.13 30.67 -10.28
N GLY F 241 -16.41 30.27 -9.22
CA GLY F 241 -15.26 31.04 -8.76
C GLY F 241 -14.13 30.96 -9.77
N VAL F 242 -13.98 29.80 -10.42
CA VAL F 242 -12.98 29.70 -11.52
C VAL F 242 -13.36 30.67 -12.63
N TYR F 243 -14.65 30.71 -12.99
CA TYR F 243 -15.07 31.64 -14.02
C TYR F 243 -14.77 33.08 -13.63
N HIS F 244 -15.24 33.48 -12.45
CA HIS F 244 -15.04 34.87 -12.03
C HIS F 244 -13.57 35.27 -11.93
N PHE F 245 -12.75 34.38 -11.39
CA PHE F 245 -11.34 34.70 -11.23
C PHE F 245 -10.65 34.83 -12.58
N CYS F 246 -10.95 33.90 -13.49
CA CYS F 246 -10.21 33.80 -14.76
C CYS F 246 -10.78 34.68 -15.87
N PHE F 247 -12.11 34.84 -15.91
CA PHE F 247 -12.76 35.44 -17.07
C PHE F 247 -13.72 36.56 -16.71
N GLY F 248 -13.86 36.83 -15.41
CA GLY F 248 -14.73 37.93 -14.96
C GLY F 248 -14.13 39.29 -15.22
#